data_2OTF
# 
_entry.id   2OTF 
# 
_audit_conform.dict_name       mmcif_pdbx.dic 
_audit_conform.dict_version    5.398 
_audit_conform.dict_location   http://mmcif.pdb.org/dictionaries/ascii/mmcif_pdbx.dic 
# 
loop_
_database_2.database_id 
_database_2.database_code 
_database_2.pdbx_database_accession 
_database_2.pdbx_DOI 
PDB   2OTF         pdb_00002otf 10.2210/pdb2otf/pdb 
RCSB  RCSB041562   ?            ?                   
WWPDB D_1000041562 ?            ?                   
# 
loop_
_pdbx_audit_revision_history.ordinal 
_pdbx_audit_revision_history.data_content_type 
_pdbx_audit_revision_history.major_revision 
_pdbx_audit_revision_history.minor_revision 
_pdbx_audit_revision_history.revision_date 
1 'Structure model' 1 0 2007-02-20 
2 'Structure model' 1 1 2008-05-01 
3 'Structure model' 1 2 2011-07-13 
4 'Structure model' 1 3 2017-10-18 
5 'Structure model' 1 4 2023-10-25 
6 'Structure model' 1 5 2024-10-30 
# 
_pdbx_audit_revision_details.ordinal             1 
_pdbx_audit_revision_details.revision_ordinal    1 
_pdbx_audit_revision_details.data_content_type   'Structure model' 
_pdbx_audit_revision_details.provider            repository 
_pdbx_audit_revision_details.type                'Initial release' 
_pdbx_audit_revision_details.description         ? 
_pdbx_audit_revision_details.details             ? 
# 
loop_
_pdbx_audit_revision_group.ordinal 
_pdbx_audit_revision_group.revision_ordinal 
_pdbx_audit_revision_group.data_content_type 
_pdbx_audit_revision_group.group 
1 2 'Structure model' 'Version format compliance' 
2 3 'Structure model' 'Version format compliance' 
3 4 'Structure model' 'Refinement description'    
4 5 'Structure model' 'Data collection'           
5 5 'Structure model' 'Database references'       
6 5 'Structure model' 'Derived calculations'      
7 5 'Structure model' 'Refinement description'    
8 6 'Structure model' 'Structure summary'         
# 
loop_
_pdbx_audit_revision_category.ordinal 
_pdbx_audit_revision_category.revision_ordinal 
_pdbx_audit_revision_category.data_content_type 
_pdbx_audit_revision_category.category 
1 4 'Structure model' software                      
2 5 'Structure model' chem_comp_atom                
3 5 'Structure model' chem_comp_bond                
4 5 'Structure model' database_2                    
5 5 'Structure model' pdbx_initial_refinement_model 
6 5 'Structure model' struct_site                   
7 6 'Structure model' pdbx_entry_details            
8 6 'Structure model' pdbx_modification_feature     
# 
loop_
_pdbx_audit_revision_item.ordinal 
_pdbx_audit_revision_item.revision_ordinal 
_pdbx_audit_revision_item.data_content_type 
_pdbx_audit_revision_item.item 
1 4 'Structure model' '_software.name'                      
2 5 'Structure model' '_database_2.pdbx_DOI'                
3 5 'Structure model' '_database_2.pdbx_database_accession' 
4 5 'Structure model' '_struct_site.pdbx_auth_asym_id'      
5 5 'Structure model' '_struct_site.pdbx_auth_comp_id'      
6 5 'Structure model' '_struct_site.pdbx_auth_seq_id'       
# 
_pdbx_database_status.status_code                     REL 
_pdbx_database_status.entry_id                        2OTF 
_pdbx_database_status.recvd_initial_deposition_date   2007-02-08 
_pdbx_database_status.deposit_site                    RCSB 
_pdbx_database_status.process_site                    PDBJ 
_pdbx_database_status.status_code_sf                  ? 
_pdbx_database_status.status_code_mr                  ? 
_pdbx_database_status.SG_entry                        ? 
_pdbx_database_status.pdb_format_compatible           Y 
_pdbx_database_status.status_code_cs                  ? 
_pdbx_database_status.methods_development_category    ? 
_pdbx_database_status.status_code_nmr_data            ? 
# 
loop_
_pdbx_database_related.db_name 
_pdbx_database_related.db_id 
_pdbx_database_related.details 
_pdbx_database_related.content_type 
PDB 2FNX 
;Design of Specific Peptide Inhibitors of Phospholipase A2 (PLA2): Crystal Structure of the Complex of PLA2 with a Highly Potent Peptide Val-Ile-Ala-Lys at 2.7A Resolution
;
unspecified 
PDB 2O1N 'Crystal structure of a complex of phospholipase A2 with a peptide Ala-Ile-Ala-Ser at 2.8 A resolution' unspecified 
# 
loop_
_audit_author.name 
_audit_author.pdbx_ordinal 
'Kumar, S.'   1 
'Singh, N.'   2 
'Sharma, S.'  3 
'Bhushan, A.' 4 
'Kaur, P.'    5 
'Singh, T.P.' 6 
# 
_citation.id                        primary 
_citation.title                     
'Crystal structure of the complex formed between phospholipase A2 and atenolol at 1.95 A resolution' 
_citation.journal_abbrev            'To be Published' 
_citation.journal_volume            ? 
_citation.page_first                ? 
_citation.page_last                 ? 
_citation.year                      ? 
_citation.journal_id_ASTM           ? 
_citation.country                   ? 
_citation.journal_id_ISSN           ? 
_citation.journal_id_CSD            0353 
_citation.book_publisher            ? 
_citation.pdbx_database_id_PubMed   ? 
_citation.pdbx_database_id_DOI      ? 
# 
loop_
_citation_author.citation_id 
_citation_author.name 
_citation_author.ordinal 
_citation_author.identifier_ORCID 
primary 'Kumar, S.'   1 ? 
primary 'Singh, N.'   2 ? 
primary 'Sharma, S.'  3 ? 
primary 'Bhushan, A.' 4 ? 
primary 'Kaur, P.'    5 ? 
primary 'Singh, T.P.' 6 ? 
# 
loop_
_entity.id 
_entity.type 
_entity.src_method 
_entity.pdbx_description 
_entity.formula_weight 
_entity.pdbx_number_of_molecules 
_entity.pdbx_ec 
_entity.pdbx_mutation 
_entity.pdbx_fragment 
_entity.details 
1 polymer     nat 'Phospholipase A2 VRV-PL-VIIIa'                               13629.767 1   3.1.1.4 ? ? ? 
2 non-polymer syn '2-(4-(2-HYDROXY-3-(ISOPROPYLAMINO)PROPOXY)PHENYL)ETHANAMIDE' 266.336   1   ?       ? ? ? 
3 water       nat water                                                         18.015    127 ?       ? ? ? 
# 
_entity_name_com.entity_id   1 
_entity_name_com.name        'Phosphatidylcholine 2-acylhydrolase, DPLA2, Phosphodiesterase' 
# 
_entity_poly.entity_id                      1 
_entity_poly.type                           'polypeptide(L)' 
_entity_poly.nstd_linkage                   no 
_entity_poly.nstd_monomer                   no 
_entity_poly.pdbx_seq_one_letter_code       
;SLLEFGKMILEETGKLAIPSYSSYGCYCGWGGKGTPKDATDRCCFVHDCCYGNLPDCNPKSDRYKYKRVNGAIVCEKGTS
CENRICECDKAAAICFRQNLNTYSKKYMLYPDFLCKGELKC
;
_entity_poly.pdbx_seq_one_letter_code_can   
;SLLEFGKMILEETGKLAIPSYSSYGCYCGWGGKGTPKDATDRCCFVHDCCYGNLPDCNPKSDRYKYKRVNGAIVCEKGTS
CENRICECDKAAAICFRQNLNTYSKKYMLYPDFLCKGELKC
;
_entity_poly.pdbx_strand_id                 A 
_entity_poly.pdbx_target_identifier         ? 
# 
loop_
_pdbx_entity_nonpoly.entity_id 
_pdbx_entity_nonpoly.name 
_pdbx_entity_nonpoly.comp_id 
2 '2-(4-(2-HYDROXY-3-(ISOPROPYLAMINO)PROPOXY)PHENYL)ETHANAMIDE' 2TN 
3 water                                                         HOH 
# 
loop_
_entity_poly_seq.entity_id 
_entity_poly_seq.num 
_entity_poly_seq.mon_id 
_entity_poly_seq.hetero 
1 1   SER n 
1 2   LEU n 
1 3   LEU n 
1 4   GLU n 
1 5   PHE n 
1 6   GLY n 
1 7   LYS n 
1 8   MET n 
1 9   ILE n 
1 10  LEU n 
1 11  GLU n 
1 12  GLU n 
1 13  THR n 
1 14  GLY n 
1 15  LYS n 
1 16  LEU n 
1 17  ALA n 
1 18  ILE n 
1 19  PRO n 
1 20  SER n 
1 21  TYR n 
1 22  SER n 
1 23  SER n 
1 24  TYR n 
1 25  GLY n 
1 26  CYS n 
1 27  TYR n 
1 28  CYS n 
1 29  GLY n 
1 30  TRP n 
1 31  GLY n 
1 32  GLY n 
1 33  LYS n 
1 34  GLY n 
1 35  THR n 
1 36  PRO n 
1 37  LYS n 
1 38  ASP n 
1 39  ALA n 
1 40  THR n 
1 41  ASP n 
1 42  ARG n 
1 43  CYS n 
1 44  CYS n 
1 45  PHE n 
1 46  VAL n 
1 47  HIS n 
1 48  ASP n 
1 49  CYS n 
1 50  CYS n 
1 51  TYR n 
1 52  GLY n 
1 53  ASN n 
1 54  LEU n 
1 55  PRO n 
1 56  ASP n 
1 57  CYS n 
1 58  ASN n 
1 59  PRO n 
1 60  LYS n 
1 61  SER n 
1 62  ASP n 
1 63  ARG n 
1 64  TYR n 
1 65  LYS n 
1 66  TYR n 
1 67  LYS n 
1 68  ARG n 
1 69  VAL n 
1 70  ASN n 
1 71  GLY n 
1 72  ALA n 
1 73  ILE n 
1 74  VAL n 
1 75  CYS n 
1 76  GLU n 
1 77  LYS n 
1 78  GLY n 
1 79  THR n 
1 80  SER n 
1 81  CYS n 
1 82  GLU n 
1 83  ASN n 
1 84  ARG n 
1 85  ILE n 
1 86  CYS n 
1 87  GLU n 
1 88  CYS n 
1 89  ASP n 
1 90  LYS n 
1 91  ALA n 
1 92  ALA n 
1 93  ALA n 
1 94  ILE n 
1 95  CYS n 
1 96  PHE n 
1 97  ARG n 
1 98  GLN n 
1 99  ASN n 
1 100 LEU n 
1 101 ASN n 
1 102 THR n 
1 103 TYR n 
1 104 SER n 
1 105 LYS n 
1 106 LYS n 
1 107 TYR n 
1 108 MET n 
1 109 LEU n 
1 110 TYR n 
1 111 PRO n 
1 112 ASP n 
1 113 PHE n 
1 114 LEU n 
1 115 CYS n 
1 116 LYS n 
1 117 GLY n 
1 118 GLU n 
1 119 LEU n 
1 120 LYS n 
1 121 CYS n 
# 
_entity_src_nat.entity_id                  1 
_entity_src_nat.pdbx_src_id                1 
_entity_src_nat.pdbx_alt_source_flag       sample 
_entity_src_nat.pdbx_beg_seq_num           ? 
_entity_src_nat.pdbx_end_seq_num           ? 
_entity_src_nat.common_name                ? 
_entity_src_nat.pdbx_organism_scientific   'Daboia russellii pulchella' 
_entity_src_nat.pdbx_ncbi_taxonomy_id      97228 
_entity_src_nat.genus                      Daboia 
_entity_src_nat.species                    'Daboia russellii' 
_entity_src_nat.strain                     pulchella 
_entity_src_nat.tissue                     ? 
_entity_src_nat.tissue_fraction            ? 
_entity_src_nat.pdbx_secretion             ? 
_entity_src_nat.pdbx_fragment              ? 
_entity_src_nat.pdbx_variant               ? 
_entity_src_nat.pdbx_cell_line             ? 
_entity_src_nat.pdbx_atcc                  ? 
_entity_src_nat.pdbx_cellular_location     ? 
_entity_src_nat.pdbx_organ                 ? 
_entity_src_nat.pdbx_organelle             ? 
_entity_src_nat.pdbx_cell                  ? 
_entity_src_nat.pdbx_plasmid_name          ? 
_entity_src_nat.pdbx_plasmid_details       ? 
_entity_src_nat.details                    ? 
# 
loop_
_chem_comp.id 
_chem_comp.type 
_chem_comp.mon_nstd_flag 
_chem_comp.name 
_chem_comp.pdbx_synonyms 
_chem_comp.formula 
_chem_comp.formula_weight 
2TN non-polymer         . '2-(4-(2-HYDROXY-3-(ISOPROPYLAMINO)PROPOXY)PHENYL)ETHANAMIDE' ATENOLOL 'C14 H22 N2 O3'  266.336 
ALA 'L-peptide linking' y ALANINE                                                       ?        'C3 H7 N O2'     89.093  
ARG 'L-peptide linking' y ARGININE                                                      ?        'C6 H15 N4 O2 1' 175.209 
ASN 'L-peptide linking' y ASPARAGINE                                                    ?        'C4 H8 N2 O3'    132.118 
ASP 'L-peptide linking' y 'ASPARTIC ACID'                                               ?        'C4 H7 N O4'     133.103 
CYS 'L-peptide linking' y CYSTEINE                                                      ?        'C3 H7 N O2 S'   121.158 
GLN 'L-peptide linking' y GLUTAMINE                                                     ?        'C5 H10 N2 O3'   146.144 
GLU 'L-peptide linking' y 'GLUTAMIC ACID'                                               ?        'C5 H9 N O4'     147.129 
GLY 'peptide linking'   y GLYCINE                                                       ?        'C2 H5 N O2'     75.067  
HIS 'L-peptide linking' y HISTIDINE                                                     ?        'C6 H10 N3 O2 1' 156.162 
HOH non-polymer         . WATER                                                         ?        'H2 O'           18.015  
ILE 'L-peptide linking' y ISOLEUCINE                                                    ?        'C6 H13 N O2'    131.173 
LEU 'L-peptide linking' y LEUCINE                                                       ?        'C6 H13 N O2'    131.173 
LYS 'L-peptide linking' y LYSINE                                                        ?        'C6 H15 N2 O2 1' 147.195 
MET 'L-peptide linking' y METHIONINE                                                    ?        'C5 H11 N O2 S'  149.211 
PHE 'L-peptide linking' y PHENYLALANINE                                                 ?        'C9 H11 N O2'    165.189 
PRO 'L-peptide linking' y PROLINE                                                       ?        'C5 H9 N O2'     115.130 
SER 'L-peptide linking' y SERINE                                                        ?        'C3 H7 N O3'     105.093 
THR 'L-peptide linking' y THREONINE                                                     ?        'C4 H9 N O3'     119.119 
TRP 'L-peptide linking' y TRYPTOPHAN                                                    ?        'C11 H12 N2 O2'  204.225 
TYR 'L-peptide linking' y TYROSINE                                                      ?        'C9 H11 N O3'    181.189 
VAL 'L-peptide linking' y VALINE                                                        ?        'C5 H11 N O2'    117.146 
# 
loop_
_pdbx_poly_seq_scheme.asym_id 
_pdbx_poly_seq_scheme.entity_id 
_pdbx_poly_seq_scheme.seq_id 
_pdbx_poly_seq_scheme.mon_id 
_pdbx_poly_seq_scheme.ndb_seq_num 
_pdbx_poly_seq_scheme.pdb_seq_num 
_pdbx_poly_seq_scheme.auth_seq_num 
_pdbx_poly_seq_scheme.pdb_mon_id 
_pdbx_poly_seq_scheme.auth_mon_id 
_pdbx_poly_seq_scheme.pdb_strand_id 
_pdbx_poly_seq_scheme.pdb_ins_code 
_pdbx_poly_seq_scheme.hetero 
A 1 1   SER 1   1   1   SER SER A . n 
A 1 2   LEU 2   2   2   LEU LEU A . n 
A 1 3   LEU 3   3   3   LEU LEU A . n 
A 1 4   GLU 4   4   4   GLU GLU A . n 
A 1 5   PHE 5   5   5   PHE PHE A . n 
A 1 6   GLY 6   6   6   GLY GLY A . n 
A 1 7   LYS 7   7   7   LYS LYS A . n 
A 1 8   MET 8   8   8   MET MET A . n 
A 1 9   ILE 9   9   9   ILE ILE A . n 
A 1 10  LEU 10  10  10  LEU LEU A . n 
A 1 11  GLU 11  11  11  GLU GLU A . n 
A 1 12  GLU 12  12  12  GLU GLU A . n 
A 1 13  THR 13  13  13  THR THR A . n 
A 1 14  GLY 14  14  14  GLY GLY A . n 
A 1 15  LYS 15  16  16  LYS LYS A . n 
A 1 16  LEU 16  17  17  LEU LEU A . n 
A 1 17  ALA 17  18  18  ALA ALA A . n 
A 1 18  ILE 18  19  19  ILE ILE A . n 
A 1 19  PRO 19  20  20  PRO PRO A . n 
A 1 20  SER 20  21  21  SER SER A . n 
A 1 21  TYR 21  22  22  TYR TYR A . n 
A 1 22  SER 22  23  23  SER SER A . n 
A 1 23  SER 23  24  24  SER SER A . n 
A 1 24  TYR 24  25  25  TYR TYR A . n 
A 1 25  GLY 25  26  26  GLY GLY A . n 
A 1 26  CYS 26  27  27  CYS CYS A . n 
A 1 27  TYR 27  28  28  TYR TYR A . n 
A 1 28  CYS 28  29  29  CYS CYS A . n 
A 1 29  GLY 29  30  30  GLY GLY A . n 
A 1 30  TRP 30  31  31  TRP TRP A . n 
A 1 31  GLY 31  32  32  GLY GLY A . n 
A 1 32  GLY 32  33  33  GLY GLY A . n 
A 1 33  LYS 33  34  34  LYS LYS A . n 
A 1 34  GLY 34  35  35  GLY GLY A . n 
A 1 35  THR 35  36  36  THR THR A . n 
A 1 36  PRO 36  37  37  PRO PRO A . n 
A 1 37  LYS 37  38  38  LYS LYS A . n 
A 1 38  ASP 38  39  39  ASP ASP A . n 
A 1 39  ALA 39  40  40  ALA ALA A . n 
A 1 40  THR 40  41  41  THR THR A . n 
A 1 41  ASP 41  42  42  ASP ASP A . n 
A 1 42  ARG 42  43  43  ARG ARG A . n 
A 1 43  CYS 43  44  44  CYS CYS A . n 
A 1 44  CYS 44  45  45  CYS CYS A . n 
A 1 45  PHE 45  46  46  PHE PHE A . n 
A 1 46  VAL 46  47  47  VAL VAL A . n 
A 1 47  HIS 47  48  48  HIS HIS A . n 
A 1 48  ASP 48  49  49  ASP ASP A . n 
A 1 49  CYS 49  50  50  CYS CYS A . n 
A 1 50  CYS 50  51  51  CYS CYS A . n 
A 1 51  TYR 51  52  52  TYR TYR A . n 
A 1 52  GLY 52  53  53  GLY GLY A . n 
A 1 53  ASN 53  54  54  ASN ASN A . n 
A 1 54  LEU 54  55  55  LEU LEU A . n 
A 1 55  PRO 55  56  56  PRO PRO A . n 
A 1 56  ASP 56  59  59  ASP ASP A . n 
A 1 57  CYS 57  61  61  CYS CYS A . n 
A 1 58  ASN 58  67  67  ASN ASN A . n 
A 1 59  PRO 59  68  68  PRO PRO A . n 
A 1 60  LYS 60  69  69  LYS LYS A . n 
A 1 61  SER 61  70  70  SER SER A . n 
A 1 62  ASP 62  71  71  ASP ASP A . n 
A 1 63  ARG 63  72  72  ARG ARG A . n 
A 1 64  TYR 64  73  73  TYR TYR A . n 
A 1 65  LYS 65  74  74  LYS LYS A . n 
A 1 66  TYR 66  75  75  TYR TYR A . n 
A 1 67  LYS 67  76  76  LYS LYS A . n 
A 1 68  ARG 68  77  77  ARG ARG A . n 
A 1 69  VAL 69  78  78  VAL VAL A . n 
A 1 70  ASN 70  79  79  ASN ASN A . n 
A 1 71  GLY 71  80  80  GLY GLY A . n 
A 1 72  ALA 72  81  81  ALA ALA A . n 
A 1 73  ILE 73  82  82  ILE ILE A . n 
A 1 74  VAL 74  83  83  VAL VAL A . n 
A 1 75  CYS 75  84  84  CYS CYS A . n 
A 1 76  GLU 76  85  85  GLU GLU A . n 
A 1 77  LYS 77  86  86  LYS LYS A . n 
A 1 78  GLY 78  88  88  GLY GLY A . n 
A 1 79  THR 79  89  89  THR THR A . n 
A 1 80  SER 80  90  90  SER SER A . n 
A 1 81  CYS 81  91  91  CYS CYS A . n 
A 1 82  GLU 82  92  92  GLU GLU A . n 
A 1 83  ASN 83  93  93  ASN ASN A . n 
A 1 84  ARG 84  94  94  ARG ARG A . n 
A 1 85  ILE 85  95  95  ILE ILE A . n 
A 1 86  CYS 86  96  96  CYS CYS A . n 
A 1 87  GLU 87  97  97  GLU GLU A . n 
A 1 88  CYS 88  98  98  CYS CYS A . n 
A 1 89  ASP 89  99  99  ASP ASP A . n 
A 1 90  LYS 90  100 100 LYS LYS A . n 
A 1 91  ALA 91  101 101 ALA ALA A . n 
A 1 92  ALA 92  102 102 ALA ALA A . n 
A 1 93  ALA 93  103 103 ALA ALA A . n 
A 1 94  ILE 94  104 104 ILE ILE A . n 
A 1 95  CYS 95  105 105 CYS CYS A . n 
A 1 96  PHE 96  106 106 PHE PHE A . n 
A 1 97  ARG 97  107 107 ARG ARG A . n 
A 1 98  GLN 98  108 108 GLN GLN A . n 
A 1 99  ASN 99  109 109 ASN ASN A . n 
A 1 100 LEU 100 110 110 LEU LEU A . n 
A 1 101 ASN 101 111 111 ASN ASN A . n 
A 1 102 THR 102 112 112 THR THR A . n 
A 1 103 TYR 103 113 113 TYR TYR A . n 
A 1 104 SER 104 114 114 SER SER A . n 
A 1 105 LYS 105 115 115 LYS LYS A . n 
A 1 106 LYS 106 116 116 LYS LYS A . n 
A 1 107 TYR 107 117 117 TYR TYR A . n 
A 1 108 MET 108 118 118 MET MET A . n 
A 1 109 LEU 109 119 119 LEU LEU A . n 
A 1 110 TYR 110 120 120 TYR TYR A . n 
A 1 111 PRO 111 121 121 PRO PRO A . n 
A 1 112 ASP 112 122 122 ASP ASP A . n 
A 1 113 PHE 113 124 124 PHE PHE A . n 
A 1 114 LEU 114 125 125 LEU LEU A . n 
A 1 115 CYS 115 126 126 CYS CYS A . n 
A 1 116 LYS 116 127 127 LYS LYS A . n 
A 1 117 GLY 117 128 128 GLY GLY A . n 
A 1 118 GLU 118 129 129 GLU GLU A . n 
A 1 119 LEU 119 130 130 LEU LEU A . n 
A 1 120 LYS 120 131 131 LYS LYS A . n 
A 1 121 CYS 121 133 133 CYS CYS A . n 
# 
loop_
_pdbx_nonpoly_scheme.asym_id 
_pdbx_nonpoly_scheme.entity_id 
_pdbx_nonpoly_scheme.mon_id 
_pdbx_nonpoly_scheme.ndb_seq_num 
_pdbx_nonpoly_scheme.pdb_seq_num 
_pdbx_nonpoly_scheme.auth_seq_num 
_pdbx_nonpoly_scheme.pdb_mon_id 
_pdbx_nonpoly_scheme.auth_mon_id 
_pdbx_nonpoly_scheme.pdb_strand_id 
_pdbx_nonpoly_scheme.pdb_ins_code 
B 2 2TN 1   201 1   2TN ATN A . 
C 3 HOH 1   202 1   HOH HOH A . 
C 3 HOH 2   203 2   HOH HOH A . 
C 3 HOH 3   204 3   HOH HOH A . 
C 3 HOH 4   205 4   HOH HOH A . 
C 3 HOH 5   206 5   HOH HOH A . 
C 3 HOH 6   207 6   HOH HOH A . 
C 3 HOH 7   208 7   HOH HOH A . 
C 3 HOH 8   209 8   HOH HOH A . 
C 3 HOH 9   210 9   HOH HOH A . 
C 3 HOH 10  211 10  HOH HOH A . 
C 3 HOH 11  212 11  HOH HOH A . 
C 3 HOH 12  213 12  HOH HOH A . 
C 3 HOH 13  214 13  HOH HOH A . 
C 3 HOH 14  215 14  HOH HOH A . 
C 3 HOH 15  216 15  HOH HOH A . 
C 3 HOH 16  217 16  HOH HOH A . 
C 3 HOH 17  218 17  HOH HOH A . 
C 3 HOH 18  219 18  HOH HOH A . 
C 3 HOH 19  220 19  HOH HOH A . 
C 3 HOH 20  221 20  HOH HOH A . 
C 3 HOH 21  222 21  HOH HOH A . 
C 3 HOH 22  223 22  HOH HOH A . 
C 3 HOH 23  224 23  HOH HOH A . 
C 3 HOH 24  225 24  HOH HOH A . 
C 3 HOH 25  226 25  HOH HOH A . 
C 3 HOH 26  227 26  HOH HOH A . 
C 3 HOH 27  228 27  HOH HOH A . 
C 3 HOH 28  229 28  HOH HOH A . 
C 3 HOH 29  230 29  HOH HOH A . 
C 3 HOH 30  231 30  HOH HOH A . 
C 3 HOH 31  232 31  HOH HOH A . 
C 3 HOH 32  233 32  HOH HOH A . 
C 3 HOH 33  234 33  HOH HOH A . 
C 3 HOH 34  235 34  HOH HOH A . 
C 3 HOH 35  236 35  HOH HOH A . 
C 3 HOH 36  237 36  HOH HOH A . 
C 3 HOH 37  238 37  HOH HOH A . 
C 3 HOH 38  239 38  HOH HOH A . 
C 3 HOH 39  240 39  HOH HOH A . 
C 3 HOH 40  241 40  HOH HOH A . 
C 3 HOH 41  242 41  HOH HOH A . 
C 3 HOH 42  243 42  HOH HOH A . 
C 3 HOH 43  244 43  HOH HOH A . 
C 3 HOH 44  245 44  HOH HOH A . 
C 3 HOH 45  246 45  HOH HOH A . 
C 3 HOH 46  247 46  HOH HOH A . 
C 3 HOH 47  248 47  HOH HOH A . 
C 3 HOH 48  249 48  HOH HOH A . 
C 3 HOH 49  250 49  HOH HOH A . 
C 3 HOH 50  251 50  HOH HOH A . 
C 3 HOH 51  252 51  HOH HOH A . 
C 3 HOH 52  253 52  HOH HOH A . 
C 3 HOH 53  254 53  HOH HOH A . 
C 3 HOH 54  255 54  HOH HOH A . 
C 3 HOH 55  256 55  HOH HOH A . 
C 3 HOH 56  257 56  HOH HOH A . 
C 3 HOH 57  258 57  HOH HOH A . 
C 3 HOH 58  259 58  HOH HOH A . 
C 3 HOH 59  260 59  HOH HOH A . 
C 3 HOH 60  261 60  HOH HOH A . 
C 3 HOH 61  262 61  HOH HOH A . 
C 3 HOH 62  263 62  HOH HOH A . 
C 3 HOH 63  264 63  HOH HOH A . 
C 3 HOH 64  265 64  HOH HOH A . 
C 3 HOH 65  266 65  HOH HOH A . 
C 3 HOH 66  267 66  HOH HOH A . 
C 3 HOH 67  268 67  HOH HOH A . 
C 3 HOH 68  269 68  HOH HOH A . 
C 3 HOH 69  270 69  HOH HOH A . 
C 3 HOH 70  271 70  HOH HOH A . 
C 3 HOH 71  272 71  HOH HOH A . 
C 3 HOH 72  273 72  HOH HOH A . 
C 3 HOH 73  274 73  HOH HOH A . 
C 3 HOH 74  275 75  HOH HOH A . 
C 3 HOH 75  276 76  HOH HOH A . 
C 3 HOH 76  277 77  HOH HOH A . 
C 3 HOH 77  278 78  HOH HOH A . 
C 3 HOH 78  279 79  HOH HOH A . 
C 3 HOH 79  280 80  HOH HOH A . 
C 3 HOH 80  281 81  HOH HOH A . 
C 3 HOH 81  282 82  HOH HOH A . 
C 3 HOH 82  283 83  HOH HOH A . 
C 3 HOH 83  284 84  HOH HOH A . 
C 3 HOH 84  285 85  HOH HOH A . 
C 3 HOH 85  286 86  HOH HOH A . 
C 3 HOH 86  287 87  HOH HOH A . 
C 3 HOH 87  288 88  HOH HOH A . 
C 3 HOH 88  289 89  HOH HOH A . 
C 3 HOH 89  290 90  HOH HOH A . 
C 3 HOH 90  291 91  HOH HOH A . 
C 3 HOH 91  292 92  HOH HOH A . 
C 3 HOH 92  293 93  HOH HOH A . 
C 3 HOH 93  294 94  HOH HOH A . 
C 3 HOH 94  295 95  HOH HOH A . 
C 3 HOH 95  296 96  HOH HOH A . 
C 3 HOH 96  297 97  HOH HOH A . 
C 3 HOH 97  298 98  HOH HOH A . 
C 3 HOH 98  299 99  HOH HOH A . 
C 3 HOH 99  300 100 HOH HOH A . 
C 3 HOH 100 301 101 HOH HOH A . 
C 3 HOH 101 302 102 HOH HOH A . 
C 3 HOH 102 303 103 HOH HOH A . 
C 3 HOH 103 304 104 HOH HOH A . 
C 3 HOH 104 305 105 HOH HOH A . 
C 3 HOH 105 306 106 HOH HOH A . 
C 3 HOH 106 307 107 HOH HOH A . 
C 3 HOH 107 308 108 HOH HOH A . 
C 3 HOH 108 309 109 HOH HOH A . 
C 3 HOH 109 310 110 HOH HOH A . 
C 3 HOH 110 311 111 HOH HOH A . 
C 3 HOH 111 312 112 HOH HOH A . 
C 3 HOH 112 313 113 HOH HOH A . 
C 3 HOH 113 314 114 HOH HOH A . 
C 3 HOH 114 315 115 HOH HOH A . 
C 3 HOH 115 316 116 HOH HOH A . 
C 3 HOH 116 317 117 HOH HOH A . 
C 3 HOH 117 318 118 HOH HOH A . 
C 3 HOH 118 319 119 HOH HOH A . 
C 3 HOH 119 320 120 HOH HOH A . 
C 3 HOH 120 321 121 HOH HOH A . 
C 3 HOH 121 322 122 HOH HOH A . 
C 3 HOH 122 323 123 HOH HOH A . 
C 3 HOH 123 324 124 HOH HOH A . 
C 3 HOH 124 325 125 HOH HOH A . 
C 3 HOH 125 326 126 HOH HOH A . 
C 3 HOH 126 327 127 HOH HOH A . 
C 3 HOH 127 328 129 HOH HOH A . 
# 
loop_
_software.name 
_software.classification 
_software.version 
_software.citation_id 
_software.pdbx_ordinal 
CNS       refinement        0.9    ? 1 
MAR345    'data collection' 345DTB ? 2 
DENZO     'data reduction'  .      ? 3 
SCALEPACK 'data scaling'    .      ? 4 
AMoRE     phasing           .      ? 5 
# 
_cell.entry_id           2OTF 
_cell.length_a           53.280 
_cell.length_b           53.280 
_cell.length_c           48.390 
_cell.angle_alpha        90.00 
_cell.angle_beta         90.00 
_cell.angle_gamma        90.00 
_cell.Z_PDB              4 
_cell.pdbx_unique_axis   ? 
_cell.length_a_esd       ? 
_cell.length_b_esd       ? 
_cell.length_c_esd       ? 
_cell.angle_alpha_esd    ? 
_cell.angle_beta_esd     ? 
_cell.angle_gamma_esd    ? 
# 
_symmetry.entry_id                         2OTF 
_symmetry.space_group_name_H-M             'P 43' 
_symmetry.pdbx_full_space_group_name_H-M   ? 
_symmetry.Int_Tables_number                78 
_symmetry.cell_setting                     ? 
_symmetry.space_group_name_Hall            ? 
# 
_exptl.entry_id          2OTF 
_exptl.method            'X-RAY DIFFRACTION' 
_exptl.crystals_number   1 
# 
_exptl_crystal.id                    1 
_exptl_crystal.density_meas          ? 
_exptl_crystal.density_Matthews      2.52 
_exptl_crystal.density_percent_sol   51.16 
_exptl_crystal.description           ? 
_exptl_crystal.F_000                 ? 
_exptl_crystal.preparation           ? 
# 
_exptl_crystal_grow.crystal_id      1 
_exptl_crystal_grow.method          'VAPOR DIFFUSION, HANGING DROP' 
_exptl_crystal_grow.temp            298 
_exptl_crystal_grow.temp_details    ? 
_exptl_crystal_grow.pH              7.2 
_exptl_crystal_grow.pdbx_details    'Ammonium Sulphate, PEG 4000, pH 7.2, VAPOR DIFFUSION, HANGING DROP, temperature 298K' 
_exptl_crystal_grow.pdbx_pH_range   . 
# 
_diffrn.id                     1 
_diffrn.ambient_temp           292 
_diffrn.ambient_temp_details   ? 
_diffrn.crystal_id             1 
# 
_diffrn_detector.diffrn_id              1 
_diffrn_detector.detector               'IMAGE PLATE' 
_diffrn_detector.type                   'MAR scanner 345 mm plate' 
_diffrn_detector.pdbx_collection_date   2007-01-11 
_diffrn_detector.details                Mirror 
# 
_diffrn_radiation.diffrn_id                        1 
_diffrn_radiation.wavelength_id                    1 
_diffrn_radiation.pdbx_monochromatic_or_laue_m_l   M 
_diffrn_radiation.monochromator                    graphite 
_diffrn_radiation.pdbx_diffrn_protocol             'SINGLE WAVELENGTH' 
_diffrn_radiation.pdbx_scattering_type             x-ray 
# 
_diffrn_radiation_wavelength.id           1 
_diffrn_radiation_wavelength.wavelength   1.54132 
_diffrn_radiation_wavelength.wt           1.0 
# 
_diffrn_source.diffrn_id                   1 
_diffrn_source.source                      'ROTATING ANODE' 
_diffrn_source.type                        'RIGAKU RU300' 
_diffrn_source.pdbx_synchrotron_site       ? 
_diffrn_source.pdbx_synchrotron_beamline   ? 
_diffrn_source.pdbx_wavelength             ? 
_diffrn_source.pdbx_wavelength_list        1.54132 
# 
_reflns.entry_id                     2OTF 
_reflns.observed_criterion_sigma_I   0 
_reflns.observed_criterion_sigma_F   0 
_reflns.d_resolution_low             18.84 
_reflns.d_resolution_high            1.95 
_reflns.number_obs                   9526 
_reflns.number_all                   9544 
_reflns.percent_possible_obs         95.5 
_reflns.pdbx_Rmerge_I_obs            ? 
_reflns.pdbx_Rsym_value              ? 
_reflns.pdbx_netI_over_sigmaI        ? 
_reflns.B_iso_Wilson_estimate        23.2 
_reflns.pdbx_redundancy              ? 
_reflns.R_free_details               ? 
_reflns.limit_h_max                  ? 
_reflns.limit_h_min                  ? 
_reflns.limit_k_max                  ? 
_reflns.limit_k_min                  ? 
_reflns.limit_l_max                  ? 
_reflns.limit_l_min                  ? 
_reflns.observed_criterion_F_max     ? 
_reflns.observed_criterion_F_min     ? 
_reflns.pdbx_chi_squared             ? 
_reflns.pdbx_scaling_rejects         ? 
_reflns.pdbx_diffrn_id               1 
_reflns.pdbx_ordinal                 1 
# 
_reflns_shell.d_res_high             1.95 
_reflns_shell.d_res_low              2.02 
_reflns_shell.percent_possible_all   92.0 
_reflns_shell.Rmerge_I_obs           ? 
_reflns_shell.pdbx_Rsym_value        ? 
_reflns_shell.meanI_over_sigI_obs    ? 
_reflns_shell.pdbx_redundancy        ? 
_reflns_shell.percent_possible_obs   ? 
_reflns_shell.number_unique_all      ? 
_reflns_shell.number_measured_all    ? 
_reflns_shell.number_measured_obs    ? 
_reflns_shell.number_unique_obs      ? 
_reflns_shell.pdbx_chi_squared       ? 
_reflns_shell.pdbx_diffrn_id         ? 
_reflns_shell.pdbx_ordinal           1 
# 
_refine.entry_id                                 2OTF 
_refine.ls_number_reflns_obs                     9526 
_refine.ls_number_reflns_all                     9544 
_refine.pdbx_ls_sigma_I                          0 
_refine.pdbx_ls_sigma_F                          0.0 
_refine.pdbx_data_cutoff_high_absF               79497.70 
_refine.pdbx_data_cutoff_low_absF                0.000000 
_refine.pdbx_data_cutoff_high_rms_absF           ? 
_refine.ls_d_res_low                             18.84 
_refine.ls_d_res_high                            1.95 
_refine.ls_percent_reflns_obs                    95.4 
_refine.ls_R_factor_obs                          0.188 
_refine.ls_R_factor_all                          0.2 
_refine.ls_R_factor_R_work                       0.188 
_refine.ls_R_factor_R_free                       0.211 
_refine.ls_R_factor_R_free_error                 0.009 
_refine.ls_R_factor_R_free_error_details         ? 
_refine.ls_percent_reflns_R_free                 5.3 
_refine.ls_number_reflns_R_free                  506 
_refine.ls_number_parameters                     ? 
_refine.ls_number_restraints                     ? 
_refine.occupancy_min                            ? 
_refine.occupancy_max                            ? 
_refine.correlation_coeff_Fo_to_Fc               ? 
_refine.correlation_coeff_Fo_to_Fc_free          ? 
_refine.B_iso_mean                               31.1 
_refine.aniso_B[1][1]                            1.38 
_refine.aniso_B[2][2]                            1.38 
_refine.aniso_B[3][3]                            -2.77 
_refine.aniso_B[1][2]                            0.00 
_refine.aniso_B[1][3]                            0.00 
_refine.aniso_B[2][3]                            0.00 
_refine.solvent_model_details                    ? 
_refine.solvent_model_param_ksol                 0.44067 
_refine.solvent_model_param_bsol                 77.6437 
_refine.pdbx_solvent_vdw_probe_radii             ? 
_refine.pdbx_solvent_ion_probe_radii             ? 
_refine.pdbx_solvent_shrinkage_radii             ? 
_refine.pdbx_ls_cross_valid_method               THROUGHOUT 
_refine.details                                  ? 
_refine.pdbx_starting_model                      2ARM 
_refine.pdbx_method_to_determine_struct          'MOLECULAR REPLACEMENT' 
_refine.pdbx_isotropic_thermal_model             RESTRAINED 
_refine.pdbx_stereochemistry_target_values       'Engh & Huber' 
_refine.pdbx_stereochem_target_val_spec_case     ? 
_refine.pdbx_R_Free_selection_details            RANDOM 
_refine.pdbx_overall_ESU_R                       ? 
_refine.pdbx_overall_ESU_R_Free                  ? 
_refine.overall_SU_ML                            ? 
_refine.overall_SU_B                             ? 
_refine.ls_redundancy_reflns_obs                 ? 
_refine.B_iso_min                                ? 
_refine.B_iso_max                                ? 
_refine.overall_SU_R_Cruickshank_DPI             ? 
_refine.overall_SU_R_free                        ? 
_refine.ls_wR_factor_R_free                      ? 
_refine.ls_wR_factor_R_work                      ? 
_refine.overall_FOM_free_R_set                   ? 
_refine.overall_FOM_work_R_set                   ? 
_refine.pdbx_refine_id                           'X-RAY DIFFRACTION' 
_refine.pdbx_diffrn_id                           1 
_refine.pdbx_TLS_residual_ADP_flag               ? 
_refine.pdbx_overall_phase_error                 ? 
_refine.pdbx_overall_SU_R_free_Cruickshank_DPI   ? 
_refine.pdbx_overall_SU_R_Blow_DPI               ? 
_refine.pdbx_overall_SU_R_free_Blow_DPI          ? 
# 
_refine_analyze.entry_id                        2OTF 
_refine_analyze.Luzzati_coordinate_error_obs    0.20 
_refine_analyze.Luzzati_sigma_a_obs             0.17 
_refine_analyze.Luzzati_d_res_low_obs           5.00 
_refine_analyze.Luzzati_coordinate_error_free   0.23 
_refine_analyze.Luzzati_sigma_a_free            0.23 
_refine_analyze.Luzzati_d_res_low_free          ? 
_refine_analyze.number_disordered_residues      ? 
_refine_analyze.occupancy_sum_hydrogen          ? 
_refine_analyze.occupancy_sum_non_hydrogen      ? 
_refine_analyze.pdbx_Luzzati_d_res_high_obs     ? 
_refine_analyze.pdbx_refine_id                  'X-RAY DIFFRACTION' 
# 
_refine_hist.pdbx_refine_id                   'X-RAY DIFFRACTION' 
_refine_hist.cycle_id                         LAST 
_refine_hist.pdbx_number_atoms_protein        944 
_refine_hist.pdbx_number_atoms_nucleic_acid   0 
_refine_hist.pdbx_number_atoms_ligand         19 
_refine_hist.number_atoms_solvent             127 
_refine_hist.number_atoms_total               1090 
_refine_hist.d_res_high                       1.95 
_refine_hist.d_res_low                        18.84 
# 
loop_
_refine_ls_restr.type 
_refine_ls_restr.dev_ideal 
_refine_ls_restr.dev_ideal_target 
_refine_ls_restr.weight 
_refine_ls_restr.number 
_refine_ls_restr.pdbx_refine_id 
_refine_ls_restr.pdbx_restraint_function 
c_bond_d                0.006 ?    ? ? 'X-RAY DIFFRACTION' ? 
c_bond_d_na             ?     ?    ? ? 'X-RAY DIFFRACTION' ? 
c_bond_d_prot           ?     ?    ? ? 'X-RAY DIFFRACTION' ? 
c_angle_d               ?     ?    ? ? 'X-RAY DIFFRACTION' ? 
c_angle_d_na            ?     ?    ? ? 'X-RAY DIFFRACTION' ? 
c_angle_d_prot          ?     ?    ? ? 'X-RAY DIFFRACTION' ? 
c_angle_deg             1.4   ?    ? ? 'X-RAY DIFFRACTION' ? 
c_angle_deg_na          ?     ?    ? ? 'X-RAY DIFFRACTION' ? 
c_angle_deg_prot        ?     ?    ? ? 'X-RAY DIFFRACTION' ? 
c_dihedral_angle_d      22.9  ?    ? ? 'X-RAY DIFFRACTION' ? 
c_dihedral_angle_d_na   ?     ?    ? ? 'X-RAY DIFFRACTION' ? 
c_dihedral_angle_d_prot ?     ?    ? ? 'X-RAY DIFFRACTION' ? 
c_improper_angle_d      0.78  ?    ? ? 'X-RAY DIFFRACTION' ? 
c_improper_angle_d_na   ?     ?    ? ? 'X-RAY DIFFRACTION' ? 
c_improper_angle_d_prot ?     ?    ? ? 'X-RAY DIFFRACTION' ? 
c_mcbond_it             1.43  1.50 ? ? 'X-RAY DIFFRACTION' ? 
c_mcangle_it            2.41  2.00 ? ? 'X-RAY DIFFRACTION' ? 
c_scbond_it             1.97  2.00 ? ? 'X-RAY DIFFRACTION' ? 
c_scangle_it            3.01  2.50 ? ? 'X-RAY DIFFRACTION' ? 
# 
_refine_ls_shell.pdbx_total_number_of_bins_used   6 
_refine_ls_shell.d_res_high                       1.95 
_refine_ls_shell.d_res_low                        2.07 
_refine_ls_shell.number_reflns_R_work             1435 
_refine_ls_shell.R_factor_R_work                  0.248 
_refine_ls_shell.percent_reflns_obs               92.7 
_refine_ls_shell.R_factor_R_free                  0.302 
_refine_ls_shell.R_factor_R_free_error            0.033 
_refine_ls_shell.percent_reflns_R_free            5.4 
_refine_ls_shell.number_reflns_R_free             82 
_refine_ls_shell.number_reflns_all                ? 
_refine_ls_shell.R_factor_all                     ? 
_refine_ls_shell.number_reflns_obs                ? 
_refine_ls_shell.redundancy_reflns_obs            ? 
_refine_ls_shell.pdbx_refine_id                   'X-RAY DIFFRACTION' 
# 
loop_
_pdbx_xplor_file.serial_no 
_pdbx_xplor_file.param_file 
_pdbx_xplor_file.topol_file 
_pdbx_xplor_file.pdbx_refine_id 
1 protein_rep.param      protein.top 'X-RAY DIFFRACTION' 
2 ion.param              water.top   'X-RAY DIFFRACTION' 
3 water_rep.param        atn.top     'X-RAY DIFFRACTION' 
4 &_1_PARAMETER_INFILE_4 ion.top     'X-RAY DIFFRACTION' 
5 atn.par                ?           'X-RAY DIFFRACTION' 
# 
_struct.entry_id                  2OTF 
_struct.title                     
'Crystal structure of the complex formed between phospholipase A2 and atenolol at 1.95 A resolution' 
_struct.pdbx_model_details        ? 
_struct.pdbx_CASP_flag            ? 
_struct.pdbx_model_type_details   ? 
# 
_struct_keywords.entry_id        2OTF 
_struct_keywords.pdbx_keywords   HYDROLASE 
_struct_keywords.text            'Inhibition, complex, HYDROLASE' 
# 
loop_
_struct_asym.id 
_struct_asym.pdbx_blank_PDB_chainid_flag 
_struct_asym.pdbx_modified 
_struct_asym.entity_id 
_struct_asym.details 
A N N 1 ? 
B N N 2 ? 
C N N 3 ? 
# 
_struct_ref.id                         1 
_struct_ref.db_name                    UNP 
_struct_ref.db_code                    PA28_DABRP 
_struct_ref.pdbx_db_accession          P59071 
_struct_ref.entity_id                  1 
_struct_ref.pdbx_seq_one_letter_code   
;SLLEFGKMILEETGKLAIPSYSSYGCYCGWGGKGTPKDATDRCCFVHDCCYGNLPDCNPKSDRYKYKRVNGAIVCEKGTS
CENRICECDKAAAICFRQNLNTYSKKYMLYPDFLCKGELKC
;
_struct_ref.pdbx_align_begin           1 
_struct_ref.pdbx_db_isoform            ? 
# 
_struct_ref_seq.align_id                      1 
_struct_ref_seq.ref_id                        1 
_struct_ref_seq.pdbx_PDB_id_code              2OTF 
_struct_ref_seq.pdbx_strand_id                A 
_struct_ref_seq.seq_align_beg                 1 
_struct_ref_seq.pdbx_seq_align_beg_ins_code   ? 
_struct_ref_seq.seq_align_end                 121 
_struct_ref_seq.pdbx_seq_align_end_ins_code   ? 
_struct_ref_seq.pdbx_db_accession             P59071 
_struct_ref_seq.db_align_beg                  1 
_struct_ref_seq.pdbx_db_align_beg_ins_code    ? 
_struct_ref_seq.db_align_end                  121 
_struct_ref_seq.pdbx_db_align_end_ins_code    ? 
_struct_ref_seq.pdbx_auth_seq_align_beg       1 
_struct_ref_seq.pdbx_auth_seq_align_end       133 
# 
_pdbx_struct_assembly.id                   1 
_pdbx_struct_assembly.details              author_defined_assembly 
_pdbx_struct_assembly.method_details       ? 
_pdbx_struct_assembly.oligomeric_details   monomeric 
_pdbx_struct_assembly.oligomeric_count     1 
# 
_pdbx_struct_assembly_gen.assembly_id       1 
_pdbx_struct_assembly_gen.oper_expression   1 
_pdbx_struct_assembly_gen.asym_id_list      A,B,C 
# 
_pdbx_struct_oper_list.id                   1 
_pdbx_struct_oper_list.type                 'identity operation' 
_pdbx_struct_oper_list.name                 1_555 
_pdbx_struct_oper_list.symmetry_operation   x,y,z 
_pdbx_struct_oper_list.matrix[1][1]         1.0000000000 
_pdbx_struct_oper_list.matrix[1][2]         0.0000000000 
_pdbx_struct_oper_list.matrix[1][3]         0.0000000000 
_pdbx_struct_oper_list.vector[1]            0.0000000000 
_pdbx_struct_oper_list.matrix[2][1]         0.0000000000 
_pdbx_struct_oper_list.matrix[2][2]         1.0000000000 
_pdbx_struct_oper_list.matrix[2][3]         0.0000000000 
_pdbx_struct_oper_list.vector[2]            0.0000000000 
_pdbx_struct_oper_list.matrix[3][1]         0.0000000000 
_pdbx_struct_oper_list.matrix[3][2]         0.0000000000 
_pdbx_struct_oper_list.matrix[3][3]         1.0000000000 
_pdbx_struct_oper_list.vector[3]            0.0000000000 
# 
loop_
_struct_conf.conf_type_id 
_struct_conf.id 
_struct_conf.pdbx_PDB_helix_id 
_struct_conf.beg_label_comp_id 
_struct_conf.beg_label_asym_id 
_struct_conf.beg_label_seq_id 
_struct_conf.pdbx_beg_PDB_ins_code 
_struct_conf.end_label_comp_id 
_struct_conf.end_label_asym_id 
_struct_conf.end_label_seq_id 
_struct_conf.pdbx_end_PDB_ins_code 
_struct_conf.beg_auth_comp_id 
_struct_conf.beg_auth_asym_id 
_struct_conf.beg_auth_seq_id 
_struct_conf.end_auth_comp_id 
_struct_conf.end_auth_asym_id 
_struct_conf.end_auth_seq_id 
_struct_conf.pdbx_PDB_helix_class 
_struct_conf.details 
_struct_conf.pdbx_PDB_helix_length 
HELX_P HELX_P1 1 SER A 1   ? GLY A 14  ? SER A 1   GLY A 14  1 ? 14 
HELX_P HELX_P2 2 LEU A 16  ? TYR A 21  ? LEU A 17  TYR A 22  1 ? 6  
HELX_P HELX_P3 3 ASP A 38  ? ASN A 53  ? ASP A 39  ASN A 54  1 ? 16 
HELX_P HELX_P4 4 THR A 79  ? ASN A 99  ? THR A 89  ASN A 109 1 ? 21 
HELX_P HELX_P5 5 LEU A 100 ? TYR A 103 ? LEU A 110 TYR A 113 5 ? 4  
HELX_P HELX_P6 6 SER A 104 ? MET A 108 ? SER A 114 MET A 118 5 ? 5  
HELX_P HELX_P7 7 PRO A 111 ? CYS A 115 ? PRO A 121 CYS A 126 5 ? 5  
# 
_struct_conf_type.id          HELX_P 
_struct_conf_type.criteria    ? 
_struct_conf_type.reference   ? 
# 
loop_
_struct_conn.id 
_struct_conn.conn_type_id 
_struct_conn.pdbx_leaving_atom_flag 
_struct_conn.pdbx_PDB_id 
_struct_conn.ptnr1_label_asym_id 
_struct_conn.ptnr1_label_comp_id 
_struct_conn.ptnr1_label_seq_id 
_struct_conn.ptnr1_label_atom_id 
_struct_conn.pdbx_ptnr1_label_alt_id 
_struct_conn.pdbx_ptnr1_PDB_ins_code 
_struct_conn.pdbx_ptnr1_standard_comp_id 
_struct_conn.ptnr1_symmetry 
_struct_conn.ptnr2_label_asym_id 
_struct_conn.ptnr2_label_comp_id 
_struct_conn.ptnr2_label_seq_id 
_struct_conn.ptnr2_label_atom_id 
_struct_conn.pdbx_ptnr2_label_alt_id 
_struct_conn.pdbx_ptnr2_PDB_ins_code 
_struct_conn.ptnr1_auth_asym_id 
_struct_conn.ptnr1_auth_comp_id 
_struct_conn.ptnr1_auth_seq_id 
_struct_conn.ptnr2_auth_asym_id 
_struct_conn.ptnr2_auth_comp_id 
_struct_conn.ptnr2_auth_seq_id 
_struct_conn.ptnr2_symmetry 
_struct_conn.pdbx_ptnr3_label_atom_id 
_struct_conn.pdbx_ptnr3_label_seq_id 
_struct_conn.pdbx_ptnr3_label_comp_id 
_struct_conn.pdbx_ptnr3_label_asym_id 
_struct_conn.pdbx_ptnr3_label_alt_id 
_struct_conn.pdbx_ptnr3_PDB_ins_code 
_struct_conn.details 
_struct_conn.pdbx_dist_value 
_struct_conn.pdbx_value_order 
_struct_conn.pdbx_role 
disulf1 disulf ? ? A CYS 26 SG ? ? ? 1_555 A CYS 115 SG ? ? A CYS 27 A CYS 126 1_555 ? ? ? ? ? ? ? 2.019 ? ? 
disulf2 disulf ? ? A CYS 28 SG ? ? ? 1_555 A CYS 44  SG ? ? A CYS 29 A CYS 45  1_555 ? ? ? ? ? ? ? 2.030 ? ? 
disulf3 disulf ? ? A CYS 43 SG ? ? ? 1_555 A CYS 95  SG ? ? A CYS 44 A CYS 105 1_555 ? ? ? ? ? ? ? 2.031 ? ? 
disulf4 disulf ? ? A CYS 49 SG ? ? ? 1_555 A CYS 121 SG ? ? A CYS 50 A CYS 133 1_555 ? ? ? ? ? ? ? 2.030 ? ? 
disulf5 disulf ? ? A CYS 50 SG ? ? ? 1_555 A CYS 88  SG ? ? A CYS 51 A CYS 98  1_555 ? ? ? ? ? ? ? 2.031 ? ? 
disulf6 disulf ? ? A CYS 57 SG ? ? ? 1_555 A CYS 81  SG ? ? A CYS 61 A CYS 91  1_555 ? ? ? ? ? ? ? 2.032 ? ? 
disulf7 disulf ? ? A CYS 75 SG ? ? ? 1_555 A CYS 86  SG ? ? A CYS 84 A CYS 96  1_555 ? ? ? ? ? ? ? 2.035 ? ? 
# 
_struct_conn_type.id          disulf 
_struct_conn_type.criteria    ? 
_struct_conn_type.reference   ? 
# 
loop_
_pdbx_modification_feature.ordinal 
_pdbx_modification_feature.label_comp_id 
_pdbx_modification_feature.label_asym_id 
_pdbx_modification_feature.label_seq_id 
_pdbx_modification_feature.label_alt_id 
_pdbx_modification_feature.modified_residue_label_comp_id 
_pdbx_modification_feature.modified_residue_label_asym_id 
_pdbx_modification_feature.modified_residue_label_seq_id 
_pdbx_modification_feature.modified_residue_label_alt_id 
_pdbx_modification_feature.auth_comp_id 
_pdbx_modification_feature.auth_asym_id 
_pdbx_modification_feature.auth_seq_id 
_pdbx_modification_feature.PDB_ins_code 
_pdbx_modification_feature.symmetry 
_pdbx_modification_feature.modified_residue_auth_comp_id 
_pdbx_modification_feature.modified_residue_auth_asym_id 
_pdbx_modification_feature.modified_residue_auth_seq_id 
_pdbx_modification_feature.modified_residue_PDB_ins_code 
_pdbx_modification_feature.modified_residue_symmetry 
_pdbx_modification_feature.comp_id_linking_atom 
_pdbx_modification_feature.modified_residue_id_linking_atom 
_pdbx_modification_feature.modified_residue_id 
_pdbx_modification_feature.ref_pcm_id 
_pdbx_modification_feature.ref_comp_id 
_pdbx_modification_feature.type 
_pdbx_modification_feature.category 
1 CYS A 26 ? CYS A 115 ? CYS A 27 ? 1_555 CYS A 126 ? 1_555 SG SG . . . None 'Disulfide bridge' 
2 CYS A 28 ? CYS A 44  ? CYS A 29 ? 1_555 CYS A 45  ? 1_555 SG SG . . . None 'Disulfide bridge' 
3 CYS A 43 ? CYS A 95  ? CYS A 44 ? 1_555 CYS A 105 ? 1_555 SG SG . . . None 'Disulfide bridge' 
4 CYS A 49 ? CYS A 121 ? CYS A 50 ? 1_555 CYS A 133 ? 1_555 SG SG . . . None 'Disulfide bridge' 
5 CYS A 50 ? CYS A 88  ? CYS A 51 ? 1_555 CYS A 98  ? 1_555 SG SG . . . None 'Disulfide bridge' 
6 CYS A 57 ? CYS A 81  ? CYS A 61 ? 1_555 CYS A 91  ? 1_555 SG SG . . . None 'Disulfide bridge' 
7 CYS A 75 ? CYS A 86  ? CYS A 84 ? 1_555 CYS A 96  ? 1_555 SG SG . . . None 'Disulfide bridge' 
# 
_struct_mon_prot_cis.pdbx_id                1 
_struct_mon_prot_cis.label_comp_id          ILE 
_struct_mon_prot_cis.label_seq_id           18 
_struct_mon_prot_cis.label_asym_id          A 
_struct_mon_prot_cis.label_alt_id           . 
_struct_mon_prot_cis.pdbx_PDB_ins_code      ? 
_struct_mon_prot_cis.auth_comp_id           ILE 
_struct_mon_prot_cis.auth_seq_id            19 
_struct_mon_prot_cis.auth_asym_id           A 
_struct_mon_prot_cis.pdbx_label_comp_id_2   PRO 
_struct_mon_prot_cis.pdbx_label_seq_id_2    19 
_struct_mon_prot_cis.pdbx_label_asym_id_2   A 
_struct_mon_prot_cis.pdbx_PDB_ins_code_2    ? 
_struct_mon_prot_cis.pdbx_auth_comp_id_2    PRO 
_struct_mon_prot_cis.pdbx_auth_seq_id_2     20 
_struct_mon_prot_cis.pdbx_auth_asym_id_2    A 
_struct_mon_prot_cis.pdbx_PDB_model_num     1 
_struct_mon_prot_cis.pdbx_omega_angle       1.09 
# 
_struct_sheet.id               A 
_struct_sheet.type             ? 
_struct_sheet.number_strands   2 
_struct_sheet.details          ? 
# 
_struct_sheet_order.sheet_id     A 
_struct_sheet_order.range_id_1   1 
_struct_sheet_order.range_id_2   2 
_struct_sheet_order.offset       ? 
_struct_sheet_order.sense        anti-parallel 
# 
loop_
_struct_sheet_range.sheet_id 
_struct_sheet_range.id 
_struct_sheet_range.beg_label_comp_id 
_struct_sheet_range.beg_label_asym_id 
_struct_sheet_range.beg_label_seq_id 
_struct_sheet_range.pdbx_beg_PDB_ins_code 
_struct_sheet_range.end_label_comp_id 
_struct_sheet_range.end_label_asym_id 
_struct_sheet_range.end_label_seq_id 
_struct_sheet_range.pdbx_end_PDB_ins_code 
_struct_sheet_range.beg_auth_comp_id 
_struct_sheet_range.beg_auth_asym_id 
_struct_sheet_range.beg_auth_seq_id 
_struct_sheet_range.end_auth_comp_id 
_struct_sheet_range.end_auth_asym_id 
_struct_sheet_range.end_auth_seq_id 
A 1 TYR A 66 ? VAL A 69 ? TYR A 75 VAL A 78 
A 2 ALA A 72 ? CYS A 75 ? ALA A 81 CYS A 84 
# 
_pdbx_struct_sheet_hbond.sheet_id                A 
_pdbx_struct_sheet_hbond.range_id_1              1 
_pdbx_struct_sheet_hbond.range_id_2              2 
_pdbx_struct_sheet_hbond.range_1_label_atom_id   N 
_pdbx_struct_sheet_hbond.range_1_label_comp_id   LYS 
_pdbx_struct_sheet_hbond.range_1_label_asym_id   A 
_pdbx_struct_sheet_hbond.range_1_label_seq_id    67 
_pdbx_struct_sheet_hbond.range_1_PDB_ins_code    ? 
_pdbx_struct_sheet_hbond.range_1_auth_atom_id    N 
_pdbx_struct_sheet_hbond.range_1_auth_comp_id    LYS 
_pdbx_struct_sheet_hbond.range_1_auth_asym_id    A 
_pdbx_struct_sheet_hbond.range_1_auth_seq_id     76 
_pdbx_struct_sheet_hbond.range_2_label_atom_id   O 
_pdbx_struct_sheet_hbond.range_2_label_comp_id   VAL 
_pdbx_struct_sheet_hbond.range_2_label_asym_id   A 
_pdbx_struct_sheet_hbond.range_2_label_seq_id    74 
_pdbx_struct_sheet_hbond.range_2_PDB_ins_code    ? 
_pdbx_struct_sheet_hbond.range_2_auth_atom_id    O 
_pdbx_struct_sheet_hbond.range_2_auth_comp_id    VAL 
_pdbx_struct_sheet_hbond.range_2_auth_asym_id    A 
_pdbx_struct_sheet_hbond.range_2_auth_seq_id     83 
# 
_struct_site.id                   AC1 
_struct_site.pdbx_evidence_code   Software 
_struct_site.pdbx_auth_asym_id    A 
_struct_site.pdbx_auth_comp_id    2TN 
_struct_site.pdbx_auth_seq_id     201 
_struct_site.pdbx_auth_ins_code   ? 
_struct_site.pdbx_num_residues    6 
_struct_site.details              'BINDING SITE FOR RESIDUE 2TN A 201' 
# 
loop_
_struct_site_gen.id 
_struct_site_gen.site_id 
_struct_site_gen.pdbx_num_res 
_struct_site_gen.label_comp_id 
_struct_site_gen.label_asym_id 
_struct_site_gen.label_seq_id 
_struct_site_gen.pdbx_auth_ins_code 
_struct_site_gen.auth_comp_id 
_struct_site_gen.auth_asym_id 
_struct_site_gen.auth_seq_id 
_struct_site_gen.label_atom_id 
_struct_site_gen.label_alt_id 
_struct_site_gen.symmetry 
_struct_site_gen.details 
1 AC1 6 PHE A 5  ? PHE A 5   . ? 1_555 ? 
2 AC1 6 ILE A 18 ? ILE A 19  . ? 1_555 ? 
3 AC1 6 HIS A 47 ? HIS A 48  . ? 1_555 ? 
4 AC1 6 HOH C .  ? HOH A 237 . ? 1_555 ? 
5 AC1 6 HOH C .  ? HOH A 243 . ? 1_555 ? 
6 AC1 6 HOH C .  ? HOH A 246 . ? 1_555 ? 
# 
_pdbx_entry_details.entry_id                   2OTF 
_pdbx_entry_details.compound_details           ? 
_pdbx_entry_details.source_details             ? 
_pdbx_entry_details.nonpolymer_details         ? 
_pdbx_entry_details.sequence_details           ? 
_pdbx_entry_details.has_ligand_of_interest     ? 
_pdbx_entry_details.has_protein_modification   Y 
# 
loop_
_pdbx_validate_torsion.id 
_pdbx_validate_torsion.PDB_model_num 
_pdbx_validate_torsion.auth_comp_id 
_pdbx_validate_torsion.auth_asym_id 
_pdbx_validate_torsion.auth_seq_id 
_pdbx_validate_torsion.PDB_ins_code 
_pdbx_validate_torsion.label_alt_id 
_pdbx_validate_torsion.phi 
_pdbx_validate_torsion.psi 
1 1 SER A 24  ? ? -144.03 37.40  
2 1 LEU A 55  ? ? -118.86 63.58  
3 1 LEU A 130 ? ? -160.22 105.12 
# 
loop_
_chem_comp_atom.comp_id 
_chem_comp_atom.atom_id 
_chem_comp_atom.type_symbol 
_chem_comp_atom.pdbx_aromatic_flag 
_chem_comp_atom.pdbx_stereo_config 
_chem_comp_atom.pdbx_ordinal 
2TN O1   O N N 1   
2TN C11  C N N 2   
2TN N2   N N N 3   
2TN C10  C N N 4   
2TN C7   C Y N 5   
2TN C8   C Y N 6   
2TN C9   C Y N 7   
2TN C4   C Y N 8   
2TN C5   C Y N 9   
2TN C6   C Y N 10  
2TN O2   O N N 11  
2TN C1   C N N 12  
2TN C2   C N N 13  
2TN O3   O N N 14  
2TN C3   C N N 15  
2TN N1   N N N 16  
2TN C12  C N N 17  
2TN C14  C N N 18  
2TN C13  C N N 19  
2TN HN21 H N N 20  
2TN HN22 H N N 21  
2TN H101 H N N 22  
2TN H102 H N N 23  
2TN H8   H N N 24  
2TN H9   H N N 25  
2TN H5   H N N 26  
2TN H6   H N N 27  
2TN H11  H N N 28  
2TN H12A H N N 29  
2TN H2   H N N 30  
2TN HO3  H N N 31  
2TN H31  H N N 32  
2TN H32  H N N 33  
2TN HN1  H N N 34  
2TN H12  H N N 35  
2TN H141 H N N 36  
2TN H142 H N N 37  
2TN H143 H N N 38  
2TN H131 H N N 39  
2TN H132 H N N 40  
2TN H133 H N N 41  
ALA N    N N N 42  
ALA CA   C N S 43  
ALA C    C N N 44  
ALA O    O N N 45  
ALA CB   C N N 46  
ALA OXT  O N N 47  
ALA H    H N N 48  
ALA H2   H N N 49  
ALA HA   H N N 50  
ALA HB1  H N N 51  
ALA HB2  H N N 52  
ALA HB3  H N N 53  
ALA HXT  H N N 54  
ARG N    N N N 55  
ARG CA   C N S 56  
ARG C    C N N 57  
ARG O    O N N 58  
ARG CB   C N N 59  
ARG CG   C N N 60  
ARG CD   C N N 61  
ARG NE   N N N 62  
ARG CZ   C N N 63  
ARG NH1  N N N 64  
ARG NH2  N N N 65  
ARG OXT  O N N 66  
ARG H    H N N 67  
ARG H2   H N N 68  
ARG HA   H N N 69  
ARG HB2  H N N 70  
ARG HB3  H N N 71  
ARG HG2  H N N 72  
ARG HG3  H N N 73  
ARG HD2  H N N 74  
ARG HD3  H N N 75  
ARG HE   H N N 76  
ARG HH11 H N N 77  
ARG HH12 H N N 78  
ARG HH21 H N N 79  
ARG HH22 H N N 80  
ARG HXT  H N N 81  
ASN N    N N N 82  
ASN CA   C N S 83  
ASN C    C N N 84  
ASN O    O N N 85  
ASN CB   C N N 86  
ASN CG   C N N 87  
ASN OD1  O N N 88  
ASN ND2  N N N 89  
ASN OXT  O N N 90  
ASN H    H N N 91  
ASN H2   H N N 92  
ASN HA   H N N 93  
ASN HB2  H N N 94  
ASN HB3  H N N 95  
ASN HD21 H N N 96  
ASN HD22 H N N 97  
ASN HXT  H N N 98  
ASP N    N N N 99  
ASP CA   C N S 100 
ASP C    C N N 101 
ASP O    O N N 102 
ASP CB   C N N 103 
ASP CG   C N N 104 
ASP OD1  O N N 105 
ASP OD2  O N N 106 
ASP OXT  O N N 107 
ASP H    H N N 108 
ASP H2   H N N 109 
ASP HA   H N N 110 
ASP HB2  H N N 111 
ASP HB3  H N N 112 
ASP HD2  H N N 113 
ASP HXT  H N N 114 
CYS N    N N N 115 
CYS CA   C N R 116 
CYS C    C N N 117 
CYS O    O N N 118 
CYS CB   C N N 119 
CYS SG   S N N 120 
CYS OXT  O N N 121 
CYS H    H N N 122 
CYS H2   H N N 123 
CYS HA   H N N 124 
CYS HB2  H N N 125 
CYS HB3  H N N 126 
CYS HG   H N N 127 
CYS HXT  H N N 128 
GLN N    N N N 129 
GLN CA   C N S 130 
GLN C    C N N 131 
GLN O    O N N 132 
GLN CB   C N N 133 
GLN CG   C N N 134 
GLN CD   C N N 135 
GLN OE1  O N N 136 
GLN NE2  N N N 137 
GLN OXT  O N N 138 
GLN H    H N N 139 
GLN H2   H N N 140 
GLN HA   H N N 141 
GLN HB2  H N N 142 
GLN HB3  H N N 143 
GLN HG2  H N N 144 
GLN HG3  H N N 145 
GLN HE21 H N N 146 
GLN HE22 H N N 147 
GLN HXT  H N N 148 
GLU N    N N N 149 
GLU CA   C N S 150 
GLU C    C N N 151 
GLU O    O N N 152 
GLU CB   C N N 153 
GLU CG   C N N 154 
GLU CD   C N N 155 
GLU OE1  O N N 156 
GLU OE2  O N N 157 
GLU OXT  O N N 158 
GLU H    H N N 159 
GLU H2   H N N 160 
GLU HA   H N N 161 
GLU HB2  H N N 162 
GLU HB3  H N N 163 
GLU HG2  H N N 164 
GLU HG3  H N N 165 
GLU HE2  H N N 166 
GLU HXT  H N N 167 
GLY N    N N N 168 
GLY CA   C N N 169 
GLY C    C N N 170 
GLY O    O N N 171 
GLY OXT  O N N 172 
GLY H    H N N 173 
GLY H2   H N N 174 
GLY HA2  H N N 175 
GLY HA3  H N N 176 
GLY HXT  H N N 177 
HIS N    N N N 178 
HIS CA   C N S 179 
HIS C    C N N 180 
HIS O    O N N 181 
HIS CB   C N N 182 
HIS CG   C Y N 183 
HIS ND1  N Y N 184 
HIS CD2  C Y N 185 
HIS CE1  C Y N 186 
HIS NE2  N Y N 187 
HIS OXT  O N N 188 
HIS H    H N N 189 
HIS H2   H N N 190 
HIS HA   H N N 191 
HIS HB2  H N N 192 
HIS HB3  H N N 193 
HIS HD1  H N N 194 
HIS HD2  H N N 195 
HIS HE1  H N N 196 
HIS HE2  H N N 197 
HIS HXT  H N N 198 
HOH O    O N N 199 
HOH H1   H N N 200 
HOH H2   H N N 201 
ILE N    N N N 202 
ILE CA   C N S 203 
ILE C    C N N 204 
ILE O    O N N 205 
ILE CB   C N S 206 
ILE CG1  C N N 207 
ILE CG2  C N N 208 
ILE CD1  C N N 209 
ILE OXT  O N N 210 
ILE H    H N N 211 
ILE H2   H N N 212 
ILE HA   H N N 213 
ILE HB   H N N 214 
ILE HG12 H N N 215 
ILE HG13 H N N 216 
ILE HG21 H N N 217 
ILE HG22 H N N 218 
ILE HG23 H N N 219 
ILE HD11 H N N 220 
ILE HD12 H N N 221 
ILE HD13 H N N 222 
ILE HXT  H N N 223 
LEU N    N N N 224 
LEU CA   C N S 225 
LEU C    C N N 226 
LEU O    O N N 227 
LEU CB   C N N 228 
LEU CG   C N N 229 
LEU CD1  C N N 230 
LEU CD2  C N N 231 
LEU OXT  O N N 232 
LEU H    H N N 233 
LEU H2   H N N 234 
LEU HA   H N N 235 
LEU HB2  H N N 236 
LEU HB3  H N N 237 
LEU HG   H N N 238 
LEU HD11 H N N 239 
LEU HD12 H N N 240 
LEU HD13 H N N 241 
LEU HD21 H N N 242 
LEU HD22 H N N 243 
LEU HD23 H N N 244 
LEU HXT  H N N 245 
LYS N    N N N 246 
LYS CA   C N S 247 
LYS C    C N N 248 
LYS O    O N N 249 
LYS CB   C N N 250 
LYS CG   C N N 251 
LYS CD   C N N 252 
LYS CE   C N N 253 
LYS NZ   N N N 254 
LYS OXT  O N N 255 
LYS H    H N N 256 
LYS H2   H N N 257 
LYS HA   H N N 258 
LYS HB2  H N N 259 
LYS HB3  H N N 260 
LYS HG2  H N N 261 
LYS HG3  H N N 262 
LYS HD2  H N N 263 
LYS HD3  H N N 264 
LYS HE2  H N N 265 
LYS HE3  H N N 266 
LYS HZ1  H N N 267 
LYS HZ2  H N N 268 
LYS HZ3  H N N 269 
LYS HXT  H N N 270 
MET N    N N N 271 
MET CA   C N S 272 
MET C    C N N 273 
MET O    O N N 274 
MET CB   C N N 275 
MET CG   C N N 276 
MET SD   S N N 277 
MET CE   C N N 278 
MET OXT  O N N 279 
MET H    H N N 280 
MET H2   H N N 281 
MET HA   H N N 282 
MET HB2  H N N 283 
MET HB3  H N N 284 
MET HG2  H N N 285 
MET HG3  H N N 286 
MET HE1  H N N 287 
MET HE2  H N N 288 
MET HE3  H N N 289 
MET HXT  H N N 290 
PHE N    N N N 291 
PHE CA   C N S 292 
PHE C    C N N 293 
PHE O    O N N 294 
PHE CB   C N N 295 
PHE CG   C Y N 296 
PHE CD1  C Y N 297 
PHE CD2  C Y N 298 
PHE CE1  C Y N 299 
PHE CE2  C Y N 300 
PHE CZ   C Y N 301 
PHE OXT  O N N 302 
PHE H    H N N 303 
PHE H2   H N N 304 
PHE HA   H N N 305 
PHE HB2  H N N 306 
PHE HB3  H N N 307 
PHE HD1  H N N 308 
PHE HD2  H N N 309 
PHE HE1  H N N 310 
PHE HE2  H N N 311 
PHE HZ   H N N 312 
PHE HXT  H N N 313 
PRO N    N N N 314 
PRO CA   C N S 315 
PRO C    C N N 316 
PRO O    O N N 317 
PRO CB   C N N 318 
PRO CG   C N N 319 
PRO CD   C N N 320 
PRO OXT  O N N 321 
PRO H    H N N 322 
PRO HA   H N N 323 
PRO HB2  H N N 324 
PRO HB3  H N N 325 
PRO HG2  H N N 326 
PRO HG3  H N N 327 
PRO HD2  H N N 328 
PRO HD3  H N N 329 
PRO HXT  H N N 330 
SER N    N N N 331 
SER CA   C N S 332 
SER C    C N N 333 
SER O    O N N 334 
SER CB   C N N 335 
SER OG   O N N 336 
SER OXT  O N N 337 
SER H    H N N 338 
SER H2   H N N 339 
SER HA   H N N 340 
SER HB2  H N N 341 
SER HB3  H N N 342 
SER HG   H N N 343 
SER HXT  H N N 344 
THR N    N N N 345 
THR CA   C N S 346 
THR C    C N N 347 
THR O    O N N 348 
THR CB   C N R 349 
THR OG1  O N N 350 
THR CG2  C N N 351 
THR OXT  O N N 352 
THR H    H N N 353 
THR H2   H N N 354 
THR HA   H N N 355 
THR HB   H N N 356 
THR HG1  H N N 357 
THR HG21 H N N 358 
THR HG22 H N N 359 
THR HG23 H N N 360 
THR HXT  H N N 361 
TRP N    N N N 362 
TRP CA   C N S 363 
TRP C    C N N 364 
TRP O    O N N 365 
TRP CB   C N N 366 
TRP CG   C Y N 367 
TRP CD1  C Y N 368 
TRP CD2  C Y N 369 
TRP NE1  N Y N 370 
TRP CE2  C Y N 371 
TRP CE3  C Y N 372 
TRP CZ2  C Y N 373 
TRP CZ3  C Y N 374 
TRP CH2  C Y N 375 
TRP OXT  O N N 376 
TRP H    H N N 377 
TRP H2   H N N 378 
TRP HA   H N N 379 
TRP HB2  H N N 380 
TRP HB3  H N N 381 
TRP HD1  H N N 382 
TRP HE1  H N N 383 
TRP HE3  H N N 384 
TRP HZ2  H N N 385 
TRP HZ3  H N N 386 
TRP HH2  H N N 387 
TRP HXT  H N N 388 
TYR N    N N N 389 
TYR CA   C N S 390 
TYR C    C N N 391 
TYR O    O N N 392 
TYR CB   C N N 393 
TYR CG   C Y N 394 
TYR CD1  C Y N 395 
TYR CD2  C Y N 396 
TYR CE1  C Y N 397 
TYR CE2  C Y N 398 
TYR CZ   C Y N 399 
TYR OH   O N N 400 
TYR OXT  O N N 401 
TYR H    H N N 402 
TYR H2   H N N 403 
TYR HA   H N N 404 
TYR HB2  H N N 405 
TYR HB3  H N N 406 
TYR HD1  H N N 407 
TYR HD2  H N N 408 
TYR HE1  H N N 409 
TYR HE2  H N N 410 
TYR HH   H N N 411 
TYR HXT  H N N 412 
VAL N    N N N 413 
VAL CA   C N S 414 
VAL C    C N N 415 
VAL O    O N N 416 
VAL CB   C N N 417 
VAL CG1  C N N 418 
VAL CG2  C N N 419 
VAL OXT  O N N 420 
VAL H    H N N 421 
VAL H2   H N N 422 
VAL HA   H N N 423 
VAL HB   H N N 424 
VAL HG11 H N N 425 
VAL HG12 H N N 426 
VAL HG13 H N N 427 
VAL HG21 H N N 428 
VAL HG22 H N N 429 
VAL HG23 H N N 430 
VAL HXT  H N N 431 
# 
loop_
_chem_comp_bond.comp_id 
_chem_comp_bond.atom_id_1 
_chem_comp_bond.atom_id_2 
_chem_comp_bond.value_order 
_chem_comp_bond.pdbx_aromatic_flag 
_chem_comp_bond.pdbx_stereo_config 
_chem_comp_bond.pdbx_ordinal 
2TN O1  C11  doub N N 1   
2TN C11 N2   sing N N 2   
2TN C11 C10  sing N N 3   
2TN N2  HN21 sing N N 4   
2TN N2  HN22 sing N N 5   
2TN C10 C7   sing N N 6   
2TN C10 H101 sing N N 7   
2TN C10 H102 sing N N 8   
2TN C7  C6   doub Y N 9   
2TN C7  C8   sing Y N 10  
2TN C8  C9   doub Y N 11  
2TN C8  H8   sing N N 12  
2TN C9  C4   sing Y N 13  
2TN C9  H9   sing N N 14  
2TN C4  C5   doub Y N 15  
2TN C4  O2   sing N N 16  
2TN C5  C6   sing Y N 17  
2TN C5  H5   sing N N 18  
2TN C6  H6   sing N N 19  
2TN O2  C1   sing N N 20  
2TN C1  C2   sing N N 21  
2TN C1  H11  sing N N 22  
2TN C1  H12A sing N N 23  
2TN C2  C3   sing N N 24  
2TN C2  O3   sing N N 25  
2TN C2  H2   sing N N 26  
2TN O3  HO3  sing N N 27  
2TN C3  N1   sing N N 28  
2TN C3  H31  sing N N 29  
2TN C3  H32  sing N N 30  
2TN N1  C12  sing N N 31  
2TN N1  HN1  sing N N 32  
2TN C12 C14  sing N N 33  
2TN C12 C13  sing N N 34  
2TN C12 H12  sing N N 35  
2TN C14 H141 sing N N 36  
2TN C14 H142 sing N N 37  
2TN C14 H143 sing N N 38  
2TN C13 H131 sing N N 39  
2TN C13 H132 sing N N 40  
2TN C13 H133 sing N N 41  
ALA N   CA   sing N N 42  
ALA N   H    sing N N 43  
ALA N   H2   sing N N 44  
ALA CA  C    sing N N 45  
ALA CA  CB   sing N N 46  
ALA CA  HA   sing N N 47  
ALA C   O    doub N N 48  
ALA C   OXT  sing N N 49  
ALA CB  HB1  sing N N 50  
ALA CB  HB2  sing N N 51  
ALA CB  HB3  sing N N 52  
ALA OXT HXT  sing N N 53  
ARG N   CA   sing N N 54  
ARG N   H    sing N N 55  
ARG N   H2   sing N N 56  
ARG CA  C    sing N N 57  
ARG CA  CB   sing N N 58  
ARG CA  HA   sing N N 59  
ARG C   O    doub N N 60  
ARG C   OXT  sing N N 61  
ARG CB  CG   sing N N 62  
ARG CB  HB2  sing N N 63  
ARG CB  HB3  sing N N 64  
ARG CG  CD   sing N N 65  
ARG CG  HG2  sing N N 66  
ARG CG  HG3  sing N N 67  
ARG CD  NE   sing N N 68  
ARG CD  HD2  sing N N 69  
ARG CD  HD3  sing N N 70  
ARG NE  CZ   sing N N 71  
ARG NE  HE   sing N N 72  
ARG CZ  NH1  sing N N 73  
ARG CZ  NH2  doub N N 74  
ARG NH1 HH11 sing N N 75  
ARG NH1 HH12 sing N N 76  
ARG NH2 HH21 sing N N 77  
ARG NH2 HH22 sing N N 78  
ARG OXT HXT  sing N N 79  
ASN N   CA   sing N N 80  
ASN N   H    sing N N 81  
ASN N   H2   sing N N 82  
ASN CA  C    sing N N 83  
ASN CA  CB   sing N N 84  
ASN CA  HA   sing N N 85  
ASN C   O    doub N N 86  
ASN C   OXT  sing N N 87  
ASN CB  CG   sing N N 88  
ASN CB  HB2  sing N N 89  
ASN CB  HB3  sing N N 90  
ASN CG  OD1  doub N N 91  
ASN CG  ND2  sing N N 92  
ASN ND2 HD21 sing N N 93  
ASN ND2 HD22 sing N N 94  
ASN OXT HXT  sing N N 95  
ASP N   CA   sing N N 96  
ASP N   H    sing N N 97  
ASP N   H2   sing N N 98  
ASP CA  C    sing N N 99  
ASP CA  CB   sing N N 100 
ASP CA  HA   sing N N 101 
ASP C   O    doub N N 102 
ASP C   OXT  sing N N 103 
ASP CB  CG   sing N N 104 
ASP CB  HB2  sing N N 105 
ASP CB  HB3  sing N N 106 
ASP CG  OD1  doub N N 107 
ASP CG  OD2  sing N N 108 
ASP OD2 HD2  sing N N 109 
ASP OXT HXT  sing N N 110 
CYS N   CA   sing N N 111 
CYS N   H    sing N N 112 
CYS N   H2   sing N N 113 
CYS CA  C    sing N N 114 
CYS CA  CB   sing N N 115 
CYS CA  HA   sing N N 116 
CYS C   O    doub N N 117 
CYS C   OXT  sing N N 118 
CYS CB  SG   sing N N 119 
CYS CB  HB2  sing N N 120 
CYS CB  HB3  sing N N 121 
CYS SG  HG   sing N N 122 
CYS OXT HXT  sing N N 123 
GLN N   CA   sing N N 124 
GLN N   H    sing N N 125 
GLN N   H2   sing N N 126 
GLN CA  C    sing N N 127 
GLN CA  CB   sing N N 128 
GLN CA  HA   sing N N 129 
GLN C   O    doub N N 130 
GLN C   OXT  sing N N 131 
GLN CB  CG   sing N N 132 
GLN CB  HB2  sing N N 133 
GLN CB  HB3  sing N N 134 
GLN CG  CD   sing N N 135 
GLN CG  HG2  sing N N 136 
GLN CG  HG3  sing N N 137 
GLN CD  OE1  doub N N 138 
GLN CD  NE2  sing N N 139 
GLN NE2 HE21 sing N N 140 
GLN NE2 HE22 sing N N 141 
GLN OXT HXT  sing N N 142 
GLU N   CA   sing N N 143 
GLU N   H    sing N N 144 
GLU N   H2   sing N N 145 
GLU CA  C    sing N N 146 
GLU CA  CB   sing N N 147 
GLU CA  HA   sing N N 148 
GLU C   O    doub N N 149 
GLU C   OXT  sing N N 150 
GLU CB  CG   sing N N 151 
GLU CB  HB2  sing N N 152 
GLU CB  HB3  sing N N 153 
GLU CG  CD   sing N N 154 
GLU CG  HG2  sing N N 155 
GLU CG  HG3  sing N N 156 
GLU CD  OE1  doub N N 157 
GLU CD  OE2  sing N N 158 
GLU OE2 HE2  sing N N 159 
GLU OXT HXT  sing N N 160 
GLY N   CA   sing N N 161 
GLY N   H    sing N N 162 
GLY N   H2   sing N N 163 
GLY CA  C    sing N N 164 
GLY CA  HA2  sing N N 165 
GLY CA  HA3  sing N N 166 
GLY C   O    doub N N 167 
GLY C   OXT  sing N N 168 
GLY OXT HXT  sing N N 169 
HIS N   CA   sing N N 170 
HIS N   H    sing N N 171 
HIS N   H2   sing N N 172 
HIS CA  C    sing N N 173 
HIS CA  CB   sing N N 174 
HIS CA  HA   sing N N 175 
HIS C   O    doub N N 176 
HIS C   OXT  sing N N 177 
HIS CB  CG   sing N N 178 
HIS CB  HB2  sing N N 179 
HIS CB  HB3  sing N N 180 
HIS CG  ND1  sing Y N 181 
HIS CG  CD2  doub Y N 182 
HIS ND1 CE1  doub Y N 183 
HIS ND1 HD1  sing N N 184 
HIS CD2 NE2  sing Y N 185 
HIS CD2 HD2  sing N N 186 
HIS CE1 NE2  sing Y N 187 
HIS CE1 HE1  sing N N 188 
HIS NE2 HE2  sing N N 189 
HIS OXT HXT  sing N N 190 
HOH O   H1   sing N N 191 
HOH O   H2   sing N N 192 
ILE N   CA   sing N N 193 
ILE N   H    sing N N 194 
ILE N   H2   sing N N 195 
ILE CA  C    sing N N 196 
ILE CA  CB   sing N N 197 
ILE CA  HA   sing N N 198 
ILE C   O    doub N N 199 
ILE C   OXT  sing N N 200 
ILE CB  CG1  sing N N 201 
ILE CB  CG2  sing N N 202 
ILE CB  HB   sing N N 203 
ILE CG1 CD1  sing N N 204 
ILE CG1 HG12 sing N N 205 
ILE CG1 HG13 sing N N 206 
ILE CG2 HG21 sing N N 207 
ILE CG2 HG22 sing N N 208 
ILE CG2 HG23 sing N N 209 
ILE CD1 HD11 sing N N 210 
ILE CD1 HD12 sing N N 211 
ILE CD1 HD13 sing N N 212 
ILE OXT HXT  sing N N 213 
LEU N   CA   sing N N 214 
LEU N   H    sing N N 215 
LEU N   H2   sing N N 216 
LEU CA  C    sing N N 217 
LEU CA  CB   sing N N 218 
LEU CA  HA   sing N N 219 
LEU C   O    doub N N 220 
LEU C   OXT  sing N N 221 
LEU CB  CG   sing N N 222 
LEU CB  HB2  sing N N 223 
LEU CB  HB3  sing N N 224 
LEU CG  CD1  sing N N 225 
LEU CG  CD2  sing N N 226 
LEU CG  HG   sing N N 227 
LEU CD1 HD11 sing N N 228 
LEU CD1 HD12 sing N N 229 
LEU CD1 HD13 sing N N 230 
LEU CD2 HD21 sing N N 231 
LEU CD2 HD22 sing N N 232 
LEU CD2 HD23 sing N N 233 
LEU OXT HXT  sing N N 234 
LYS N   CA   sing N N 235 
LYS N   H    sing N N 236 
LYS N   H2   sing N N 237 
LYS CA  C    sing N N 238 
LYS CA  CB   sing N N 239 
LYS CA  HA   sing N N 240 
LYS C   O    doub N N 241 
LYS C   OXT  sing N N 242 
LYS CB  CG   sing N N 243 
LYS CB  HB2  sing N N 244 
LYS CB  HB3  sing N N 245 
LYS CG  CD   sing N N 246 
LYS CG  HG2  sing N N 247 
LYS CG  HG3  sing N N 248 
LYS CD  CE   sing N N 249 
LYS CD  HD2  sing N N 250 
LYS CD  HD3  sing N N 251 
LYS CE  NZ   sing N N 252 
LYS CE  HE2  sing N N 253 
LYS CE  HE3  sing N N 254 
LYS NZ  HZ1  sing N N 255 
LYS NZ  HZ2  sing N N 256 
LYS NZ  HZ3  sing N N 257 
LYS OXT HXT  sing N N 258 
MET N   CA   sing N N 259 
MET N   H    sing N N 260 
MET N   H2   sing N N 261 
MET CA  C    sing N N 262 
MET CA  CB   sing N N 263 
MET CA  HA   sing N N 264 
MET C   O    doub N N 265 
MET C   OXT  sing N N 266 
MET CB  CG   sing N N 267 
MET CB  HB2  sing N N 268 
MET CB  HB3  sing N N 269 
MET CG  SD   sing N N 270 
MET CG  HG2  sing N N 271 
MET CG  HG3  sing N N 272 
MET SD  CE   sing N N 273 
MET CE  HE1  sing N N 274 
MET CE  HE2  sing N N 275 
MET CE  HE3  sing N N 276 
MET OXT HXT  sing N N 277 
PHE N   CA   sing N N 278 
PHE N   H    sing N N 279 
PHE N   H2   sing N N 280 
PHE CA  C    sing N N 281 
PHE CA  CB   sing N N 282 
PHE CA  HA   sing N N 283 
PHE C   O    doub N N 284 
PHE C   OXT  sing N N 285 
PHE CB  CG   sing N N 286 
PHE CB  HB2  sing N N 287 
PHE CB  HB3  sing N N 288 
PHE CG  CD1  doub Y N 289 
PHE CG  CD2  sing Y N 290 
PHE CD1 CE1  sing Y N 291 
PHE CD1 HD1  sing N N 292 
PHE CD2 CE2  doub Y N 293 
PHE CD2 HD2  sing N N 294 
PHE CE1 CZ   doub Y N 295 
PHE CE1 HE1  sing N N 296 
PHE CE2 CZ   sing Y N 297 
PHE CE2 HE2  sing N N 298 
PHE CZ  HZ   sing N N 299 
PHE OXT HXT  sing N N 300 
PRO N   CA   sing N N 301 
PRO N   CD   sing N N 302 
PRO N   H    sing N N 303 
PRO CA  C    sing N N 304 
PRO CA  CB   sing N N 305 
PRO CA  HA   sing N N 306 
PRO C   O    doub N N 307 
PRO C   OXT  sing N N 308 
PRO CB  CG   sing N N 309 
PRO CB  HB2  sing N N 310 
PRO CB  HB3  sing N N 311 
PRO CG  CD   sing N N 312 
PRO CG  HG2  sing N N 313 
PRO CG  HG3  sing N N 314 
PRO CD  HD2  sing N N 315 
PRO CD  HD3  sing N N 316 
PRO OXT HXT  sing N N 317 
SER N   CA   sing N N 318 
SER N   H    sing N N 319 
SER N   H2   sing N N 320 
SER CA  C    sing N N 321 
SER CA  CB   sing N N 322 
SER CA  HA   sing N N 323 
SER C   O    doub N N 324 
SER C   OXT  sing N N 325 
SER CB  OG   sing N N 326 
SER CB  HB2  sing N N 327 
SER CB  HB3  sing N N 328 
SER OG  HG   sing N N 329 
SER OXT HXT  sing N N 330 
THR N   CA   sing N N 331 
THR N   H    sing N N 332 
THR N   H2   sing N N 333 
THR CA  C    sing N N 334 
THR CA  CB   sing N N 335 
THR CA  HA   sing N N 336 
THR C   O    doub N N 337 
THR C   OXT  sing N N 338 
THR CB  OG1  sing N N 339 
THR CB  CG2  sing N N 340 
THR CB  HB   sing N N 341 
THR OG1 HG1  sing N N 342 
THR CG2 HG21 sing N N 343 
THR CG2 HG22 sing N N 344 
THR CG2 HG23 sing N N 345 
THR OXT HXT  sing N N 346 
TRP N   CA   sing N N 347 
TRP N   H    sing N N 348 
TRP N   H2   sing N N 349 
TRP CA  C    sing N N 350 
TRP CA  CB   sing N N 351 
TRP CA  HA   sing N N 352 
TRP C   O    doub N N 353 
TRP C   OXT  sing N N 354 
TRP CB  CG   sing N N 355 
TRP CB  HB2  sing N N 356 
TRP CB  HB3  sing N N 357 
TRP CG  CD1  doub Y N 358 
TRP CG  CD2  sing Y N 359 
TRP CD1 NE1  sing Y N 360 
TRP CD1 HD1  sing N N 361 
TRP CD2 CE2  doub Y N 362 
TRP CD2 CE3  sing Y N 363 
TRP NE1 CE2  sing Y N 364 
TRP NE1 HE1  sing N N 365 
TRP CE2 CZ2  sing Y N 366 
TRP CE3 CZ3  doub Y N 367 
TRP CE3 HE3  sing N N 368 
TRP CZ2 CH2  doub Y N 369 
TRP CZ2 HZ2  sing N N 370 
TRP CZ3 CH2  sing Y N 371 
TRP CZ3 HZ3  sing N N 372 
TRP CH2 HH2  sing N N 373 
TRP OXT HXT  sing N N 374 
TYR N   CA   sing N N 375 
TYR N   H    sing N N 376 
TYR N   H2   sing N N 377 
TYR CA  C    sing N N 378 
TYR CA  CB   sing N N 379 
TYR CA  HA   sing N N 380 
TYR C   O    doub N N 381 
TYR C   OXT  sing N N 382 
TYR CB  CG   sing N N 383 
TYR CB  HB2  sing N N 384 
TYR CB  HB3  sing N N 385 
TYR CG  CD1  doub Y N 386 
TYR CG  CD2  sing Y N 387 
TYR CD1 CE1  sing Y N 388 
TYR CD1 HD1  sing N N 389 
TYR CD2 CE2  doub Y N 390 
TYR CD2 HD2  sing N N 391 
TYR CE1 CZ   doub Y N 392 
TYR CE1 HE1  sing N N 393 
TYR CE2 CZ   sing Y N 394 
TYR CE2 HE2  sing N N 395 
TYR CZ  OH   sing N N 396 
TYR OH  HH   sing N N 397 
TYR OXT HXT  sing N N 398 
VAL N   CA   sing N N 399 
VAL N   H    sing N N 400 
VAL N   H2   sing N N 401 
VAL CA  C    sing N N 402 
VAL CA  CB   sing N N 403 
VAL CA  HA   sing N N 404 
VAL C   O    doub N N 405 
VAL C   OXT  sing N N 406 
VAL CB  CG1  sing N N 407 
VAL CB  CG2  sing N N 408 
VAL CB  HB   sing N N 409 
VAL CG1 HG11 sing N N 410 
VAL CG1 HG12 sing N N 411 
VAL CG1 HG13 sing N N 412 
VAL CG2 HG21 sing N N 413 
VAL CG2 HG22 sing N N 414 
VAL CG2 HG23 sing N N 415 
VAL OXT HXT  sing N N 416 
# 
_pdbx_initial_refinement_model.id               1 
_pdbx_initial_refinement_model.entity_id_list   ? 
_pdbx_initial_refinement_model.type             'experimental model' 
_pdbx_initial_refinement_model.source_name      PDB 
_pdbx_initial_refinement_model.accession_code   2ARM 
_pdbx_initial_refinement_model.details          ? 
# 
_atom_sites.entry_id                    2OTF 
_atom_sites.fract_transf_matrix[1][1]   -0.01813196 
_atom_sites.fract_transf_matrix[1][2]   0.00092520 
_atom_sites.fract_transf_matrix[1][3]   -0.00475935 
_atom_sites.fract_transf_matrix[2][1]   -0.00303627 
_atom_sites.fract_transf_matrix[2][2]   0.01219728 
_atom_sites.fract_transf_matrix[2][3]   0.01393853 
_atom_sites.fract_transf_matrix[3][1]   0.00416186 
_atom_sites.fract_transf_matrix[3][2]   0.01567339 
_atom_sites.fract_transf_matrix[3][3]   -0.01280882 
_atom_sites.fract_transf_vector[1]      0.163207 
_atom_sites.fract_transf_vector[2]      0.470923 
_atom_sites.fract_transf_vector[3]      -0.009556 
# 
loop_
_atom_type.symbol 
C 
N 
O 
S 
# 
loop_
_atom_site.group_PDB 
_atom_site.id 
_atom_site.type_symbol 
_atom_site.label_atom_id 
_atom_site.label_alt_id 
_atom_site.label_comp_id 
_atom_site.label_asym_id 
_atom_site.label_entity_id 
_atom_site.label_seq_id 
_atom_site.pdbx_PDB_ins_code 
_atom_site.Cartn_x 
_atom_site.Cartn_y 
_atom_site.Cartn_z 
_atom_site.occupancy 
_atom_site.B_iso_or_equiv 
_atom_site.pdbx_formal_charge 
_atom_site.auth_seq_id 
_atom_site.auth_comp_id 
_atom_site.auth_asym_id 
_atom_site.auth_atom_id 
_atom_site.pdbx_PDB_model_num 
ATOM   1    N N   . SER A 1 1   ? -4.251  -8.569  -6.358  1.00 17.73 ? 1   SER A N   1 
ATOM   2    C CA  . SER A 1 1   ? -3.717  -9.408  -5.243  1.00 21.88 ? 1   SER A CA  1 
ATOM   3    C C   . SER A 1 1   ? -2.317  -8.956  -4.853  1.00 23.21 ? 1   SER A C   1 
ATOM   4    O O   . SER A 1 1   ? -1.729  -8.103  -5.520  1.00 20.79 ? 1   SER A O   1 
ATOM   5    C CB  . SER A 1 1   ? -3.683  -10.884 -5.661  1.00 22.07 ? 1   SER A CB  1 
ATOM   6    O OG  . SER A 1 1   ? -2.719  -11.103 -6.683  1.00 25.25 ? 1   SER A OG  1 
ATOM   7    N N   . LEU A 1 2   ? -1.790  -9.536  -3.777  1.00 25.21 ? 2   LEU A N   1 
ATOM   8    C CA  . LEU A 1 2   ? -0.453  -9.216  -3.292  1.00 28.56 ? 2   LEU A CA  1 
ATOM   9    C C   . LEU A 1 2   ? 0.600   -9.350  -4.386  1.00 28.68 ? 2   LEU A C   1 
ATOM   10   O O   . LEU A 1 2   ? 1.588   -8.620  -4.394  1.00 29.09 ? 2   LEU A O   1 
ATOM   11   C CB  . LEU A 1 2   ? -0.091  -10.133 -2.113  1.00 31.48 ? 2   LEU A CB  1 
ATOM   12   C CG  . LEU A 1 2   ? -0.231  -9.613  -0.681  1.00 34.14 ? 2   LEU A CG  1 
ATOM   13   C CD1 . LEU A 1 2   ? -1.248  -8.494  -0.600  1.00 35.72 ? 2   LEU A CD1 1 
ATOM   14   C CD2 . LEU A 1 2   ? -0.621  -10.771 0.219   1.00 36.09 ? 2   LEU A CD2 1 
ATOM   15   N N   . LEU A 1 3   ? 0.389   -10.280 -5.311  1.00 28.96 ? 3   LEU A N   1 
ATOM   16   C CA  . LEU A 1 3   ? 1.325   -10.479 -6.411  1.00 29.56 ? 3   LEU A CA  1 
ATOM   17   C C   . LEU A 1 3   ? 1.414   -9.232  -7.292  1.00 28.45 ? 3   LEU A C   1 
ATOM   18   O O   . LEU A 1 3   ? 2.511   -8.773  -7.608  1.00 28.34 ? 3   LEU A O   1 
ATOM   19   C CB  . LEU A 1 3   ? 0.918   -11.687 -7.267  1.00 31.45 ? 3   LEU A CB  1 
ATOM   20   C CG  . LEU A 1 3   ? 1.297   -13.092 -6.769  1.00 35.26 ? 3   LEU A CG  1 
ATOM   21   C CD1 . LEU A 1 3   ? 2.774   -13.112 -6.369  1.00 34.97 ? 3   LEU A CD1 1 
ATOM   22   C CD2 . LEU A 1 3   ? 0.425   -13.491 -5.587  1.00 38.02 ? 3   LEU A CD2 1 
ATOM   23   N N   . GLU A 1 4   ? 0.267   -8.681  -7.687  1.00 26.39 ? 4   GLU A N   1 
ATOM   24   C CA  . GLU A 1 4   ? 0.268   -7.481  -8.519  1.00 25.06 ? 4   GLU A CA  1 
ATOM   25   C C   . GLU A 1 4   ? 0.778   -6.277  -7.730  1.00 24.28 ? 4   GLU A C   1 
ATOM   26   O O   . GLU A 1 4   ? 1.565   -5.484  -8.239  1.00 24.40 ? 4   GLU A O   1 
ATOM   27   C CB  . GLU A 1 4   ? -1.137  -7.163  -9.052  1.00 24.43 ? 4   GLU A CB  1 
ATOM   28   C CG  . GLU A 1 4   ? -1.677  -8.111  -10.122 1.00 27.21 ? 4   GLU A CG  1 
ATOM   29   C CD  . GLU A 1 4   ? -2.182  -9.420  -9.550  1.00 28.96 ? 4   GLU A CD  1 
ATOM   30   O OE1 . GLU A 1 4   ? -2.958  -9.375  -8.573  1.00 28.05 ? 4   GLU A OE1 1 
ATOM   31   O OE2 . GLU A 1 4   ? -1.816  -10.489 -10.080 1.00 29.95 ? 4   GLU A OE2 1 
ATOM   32   N N   . PHE A 1 5   ? 0.328   -6.149  -6.486  1.00 23.04 ? 5   PHE A N   1 
ATOM   33   C CA  . PHE A 1 5   ? 0.724   -5.027  -5.641  1.00 23.22 ? 5   PHE A CA  1 
ATOM   34   C C   . PHE A 1 5   ? 2.239   -5.002  -5.437  1.00 24.30 ? 5   PHE A C   1 
ATOM   35   O O   . PHE A 1 5   ? 2.867   -3.942  -5.502  1.00 23.36 ? 5   PHE A O   1 
ATOM   36   C CB  . PHE A 1 5   ? 0.002   -5.100  -4.287  1.00 21.60 ? 5   PHE A CB  1 
ATOM   37   C CG  . PHE A 1 5   ? 0.171   -3.865  -3.437  1.00 21.18 ? 5   PHE A CG  1 
ATOM   38   C CD1 . PHE A 1 5   ? 0.176   -2.602  -4.018  1.00 21.81 ? 5   PHE A CD1 1 
ATOM   39   C CD2 . PHE A 1 5   ? 0.296   -3.960  -2.055  1.00 20.73 ? 5   PHE A CD2 1 
ATOM   40   C CE1 . PHE A 1 5   ? 0.303   -1.454  -3.235  1.00 21.92 ? 5   PHE A CE1 1 
ATOM   41   C CE2 . PHE A 1 5   ? 0.422   -2.821  -1.268  1.00 22.72 ? 5   PHE A CE2 1 
ATOM   42   C CZ  . PHE A 1 5   ? 0.425   -1.563  -1.864  1.00 22.85 ? 5   PHE A CZ  1 
ATOM   43   N N   . GLY A 1 6   ? 2.817   -6.179  -5.202  1.00 24.26 ? 6   GLY A N   1 
ATOM   44   C CA  . GLY A 1 6   ? 4.251   -6.279  -4.999  1.00 25.61 ? 6   GLY A CA  1 
ATOM   45   C C   . GLY A 1 6   ? 5.042   -5.886  -6.234  1.00 26.13 ? 6   GLY A C   1 
ATOM   46   O O   . GLY A 1 6   ? 6.081   -5.241  -6.132  1.00 26.64 ? 6   GLY A O   1 
ATOM   47   N N   . LYS A 1 7   ? 4.552   -6.279  -7.403  1.00 26.93 ? 7   LYS A N   1 
ATOM   48   C CA  . LYS A 1 7   ? 5.214   -5.965  -8.665  1.00 28.17 ? 7   LYS A CA  1 
ATOM   49   C C   . LYS A 1 7   ? 5.136   -4.465  -8.933  1.00 27.77 ? 7   LYS A C   1 
ATOM   50   O O   . LYS A 1 7   ? 6.080   -3.858  -9.442  1.00 26.80 ? 7   LYS A O   1 
ATOM   51   C CB  . LYS A 1 7   ? 4.548   -6.741  -9.805  1.00 31.18 ? 7   LYS A CB  1 
ATOM   52   C CG  . LYS A 1 7   ? 5.093   -6.441  -11.193 1.00 35.24 ? 7   LYS A CG  1 
ATOM   53   C CD  . LYS A 1 7   ? 4.737   -7.562  -12.162 1.00 37.80 ? 7   LYS A CD  1 
ATOM   54   C CE  . LYS A 1 7   ? 5.143   -7.235  -13.594 1.00 40.16 ? 7   LYS A CE  1 
ATOM   55   N NZ  . LYS A 1 7   ? 4.326   -6.124  -14.160 1.00 41.59 ? 7   LYS A NZ  1 
ATOM   56   N N   . MET A 1 8   ? 3.996   -3.878  -8.581  1.00 25.86 ? 8   MET A N   1 
ATOM   57   C CA  . MET A 1 8   ? 3.752   -2.453  -8.750  1.00 24.95 ? 8   MET A CA  1 
ATOM   58   C C   . MET A 1 8   ? 4.759   -1.664  -7.898  1.00 24.52 ? 8   MET A C   1 
ATOM   59   O O   . MET A 1 8   ? 5.403   -0.729  -8.377  1.00 24.89 ? 8   MET A O   1 
ATOM   60   C CB  . MET A 1 8   ? 2.321   -2.154  -8.300  1.00 24.64 ? 8   MET A CB  1 
ATOM   61   C CG  . MET A 1 8   ? 1.642   -0.997  -8.988  1.00 27.53 ? 8   MET A CG  1 
ATOM   62   S SD  . MET A 1 8   ? -0.098  -0.895  -8.491  1.00 24.44 ? 8   MET A SD  1 
ATOM   63   C CE  . MET A 1 8   ? -0.891  -1.809  -9.802  1.00 25.83 ? 8   MET A CE  1 
ATOM   64   N N   . ILE A 1 9   ? 4.891   -2.057  -6.634  1.00 22.89 ? 9   ILE A N   1 
ATOM   65   C CA  . ILE A 1 9   ? 5.809   -1.398  -5.708  1.00 23.04 ? 9   ILE A CA  1 
ATOM   66   C C   . ILE A 1 9   ? 7.255   -1.462  -6.205  1.00 22.93 ? 9   ILE A C   1 
ATOM   67   O O   . ILE A 1 9   ? 7.951   -0.443  -6.239  1.00 21.71 ? 9   ILE A O   1 
ATOM   68   C CB  . ILE A 1 9   ? 5.721   -2.031  -4.296  1.00 22.68 ? 9   ILE A CB  1 
ATOM   69   C CG1 . ILE A 1 9   ? 4.317   -1.811  -3.717  1.00 23.94 ? 9   ILE A CG1 1 
ATOM   70   C CG2 . ILE A 1 9   ? 6.767   -1.418  -3.383  1.00 21.22 ? 9   ILE A CG2 1 
ATOM   71   C CD1 . ILE A 1 9   ? 4.104   -2.407  -2.327  1.00 26.95 ? 9   ILE A CD1 1 
ATOM   72   N N   . LEU A 1 10  ? 7.703   -2.654  -6.587  1.00 23.32 ? 10  LEU A N   1 
ATOM   73   C CA  . LEU A 1 10  ? 9.065   -2.825  -7.090  1.00 24.12 ? 10  LEU A CA  1 
ATOM   74   C C   . LEU A 1 10  ? 9.308   -1.938  -8.311  1.00 24.02 ? 10  LEU A C   1 
ATOM   75   O O   . LEU A 1 10  ? 10.322  -1.241  -8.388  1.00 23.46 ? 10  LEU A O   1 
ATOM   76   C CB  . LEU A 1 10  ? 9.325   -4.293  -7.456  1.00 24.93 ? 10  LEU A CB  1 
ATOM   77   C CG  . LEU A 1 10  ? 10.684  -4.625  -8.092  1.00 26.88 ? 10  LEU A CG  1 
ATOM   78   C CD1 . LEU A 1 10  ? 11.817  -4.197  -7.164  1.00 27.16 ? 10  LEU A CD1 1 
ATOM   79   C CD2 . LEU A 1 10  ? 10.765  -6.118  -8.376  1.00 27.40 ? 10  LEU A CD2 1 
ATOM   80   N N   . GLU A 1 11  ? 8.378   -1.956  -9.264  1.00 24.55 ? 11  GLU A N   1 
ATOM   81   C CA  . GLU A 1 11  ? 8.519   -1.143  -10.468 1.00 25.03 ? 11  GLU A CA  1 
ATOM   82   C C   . GLU A 1 11  ? 8.596   0.346   -10.142 1.00 25.62 ? 11  GLU A C   1 
ATOM   83   O O   . GLU A 1 11  ? 9.397   1.072   -10.730 1.00 24.93 ? 11  GLU A O   1 
ATOM   84   C CB  . GLU A 1 11  ? 7.346   -1.375  -11.421 1.00 25.95 ? 11  GLU A CB  1 
ATOM   85   C CG  . GLU A 1 11  ? 7.230   -2.794  -11.938 1.00 28.49 ? 11  GLU A CG  1 
ATOM   86   C CD  . GLU A 1 11  ? 6.011   -2.981  -12.816 1.00 30.09 ? 11  GLU A CD  1 
ATOM   87   O OE1 . GLU A 1 11  ? 5.041   -2.205  -12.654 1.00 26.99 ? 11  GLU A OE1 1 
ATOM   88   O OE2 . GLU A 1 11  ? 6.014   -3.906  -13.657 1.00 31.09 ? 11  GLU A OE2 1 
ATOM   89   N N   . GLU A 1 12  ? 7.760   0.796   -9.208  1.00 25.61 ? 12  GLU A N   1 
ATOM   90   C CA  . GLU A 1 12  ? 7.723   2.207   -8.819  1.00 26.41 ? 12  GLU A CA  1 
ATOM   91   C C   . GLU A 1 12  ? 8.927   2.712   -8.037  1.00 26.86 ? 12  GLU A C   1 
ATOM   92   O O   . GLU A 1 12  ? 9.505   3.743   -8.375  1.00 27.05 ? 12  GLU A O   1 
ATOM   93   C CB  . GLU A 1 12  ? 6.480   2.497   -7.965  1.00 27.05 ? 12  GLU A CB  1 
ATOM   94   C CG  . GLU A 1 12  ? 5.183   2.649   -8.730  1.00 30.63 ? 12  GLU A CG  1 
ATOM   95   C CD  . GLU A 1 12  ? 5.241   3.761   -9.754  1.00 26.66 ? 12  GLU A CD  1 
ATOM   96   O OE1 . GLU A 1 12  ? 5.535   4.915   -9.379  1.00 31.37 ? 12  GLU A OE1 1 
ATOM   97   O OE2 . GLU A 1 12  ? 4.990   3.472   -10.937 1.00 28.48 ? 12  GLU A OE2 1 
ATOM   98   N N   . THR A 1 13  ? 9.288   1.975   -6.991  1.00 26.14 ? 13  THR A N   1 
ATOM   99   C CA  . THR A 1 13  ? 10.351  2.367   -6.072  1.00 26.36 ? 13  THR A CA  1 
ATOM   100  C C   . THR A 1 13  ? 11.701  1.674   -6.156  1.00 27.14 ? 13  THR A C   1 
ATOM   101  O O   . THR A 1 13  ? 12.671  2.166   -5.591  1.00 26.49 ? 13  THR A O   1 
ATOM   102  C CB  . THR A 1 13  ? 9.888   2.182   -4.627  1.00 25.66 ? 13  THR A CB  1 
ATOM   103  O OG1 . THR A 1 13  ? 9.863   0.781   -4.326  1.00 24.92 ? 13  THR A OG1 1 
ATOM   104  C CG2 . THR A 1 13  ? 8.493   2.756   -4.426  1.00 24.67 ? 13  THR A CG2 1 
ATOM   105  N N   . GLY A 1 14  ? 11.762  0.520   -6.809  1.00 28.60 ? 14  GLY A N   1 
ATOM   106  C CA  . GLY A 1 14  ? 13.020  -0.197  -6.882  1.00 29.99 ? 14  GLY A CA  1 
ATOM   107  C C   . GLY A 1 14  ? 13.220  -1.018  -5.608  1.00 32.23 ? 14  GLY A C   1 
ATOM   108  O O   . GLY A 1 14  ? 14.200  -1.756  -5.490  1.00 33.42 ? 14  GLY A O   1 
ATOM   109  N N   . LYS A 1 15  ? 12.295  -0.893  -4.653  1.00 32.01 ? 16  LYS A N   1 
ATOM   110  C CA  . LYS A 1 15  ? 12.348  -1.654  -3.400  1.00 32.89 ? 16  LYS A CA  1 
ATOM   111  C C   . LYS A 1 15  ? 11.388  -2.834  -3.448  1.00 32.88 ? 16  LYS A C   1 
ATOM   112  O O   . LYS A 1 15  ? 10.317  -2.746  -4.042  1.00 32.31 ? 16  LYS A O   1 
ATOM   113  C CB  . LYS A 1 15  ? 11.971  -0.764  -2.206  1.00 32.78 ? 16  LYS A CB  1 
ATOM   114  C CG  . LYS A 1 15  ? 12.941  0.340   -1.853  1.00 33.73 ? 16  LYS A CG  1 
ATOM   115  C CD  . LYS A 1 15  ? 12.377  1.231   -0.754  1.00 33.32 ? 16  LYS A CD  1 
ATOM   116  C CE  . LYS A 1 15  ? 13.407  2.212   -0.236  1.00 35.58 ? 16  LYS A CE  1 
ATOM   117  N NZ  . LYS A 1 15  ? 14.534  1.510   0.446   1.00 37.79 ? 16  LYS A NZ  1 
ATOM   118  N N   . LEU A 1 16  ? 11.778  -3.927  -2.804  1.00 32.85 ? 17  LEU A N   1 
ATOM   119  C CA  . LEU A 1 16  ? 10.944  -5.116  -2.746  1.00 33.09 ? 17  LEU A CA  1 
ATOM   120  C C   . LEU A 1 16  ? 9.940   -4.933  -1.613  1.00 32.45 ? 17  LEU A C   1 
ATOM   121  O O   . LEU A 1 16  ? 10.319  -4.556  -0.499  1.00 31.26 ? 17  LEU A O   1 
ATOM   122  C CB  . LEU A 1 16  ? 11.814  -6.347  -2.484  1.00 34.65 ? 17  LEU A CB  1 
ATOM   123  C CG  . LEU A 1 16  ? 12.892  -6.592  -3.543  1.00 36.06 ? 17  LEU A CG  1 
ATOM   124  C CD1 . LEU A 1 16  ? 14.136  -7.179  -2.894  1.00 36.85 ? 17  LEU A CD1 1 
ATOM   125  C CD2 . LEU A 1 16  ? 12.343  -7.514  -4.628  1.00 35.02 ? 17  LEU A CD2 1 
ATOM   126  N N   . ALA A 1 17  ? 8.665   -5.191  -1.903  1.00 32.15 ? 18  ALA A N   1 
ATOM   127  C CA  . ALA A 1 17  ? 7.596   -5.054  -0.916  1.00 32.14 ? 18  ALA A CA  1 
ATOM   128  C C   . ALA A 1 17  ? 8.005   -5.670  0.412   1.00 32.34 ? 18  ALA A C   1 
ATOM   129  O O   . ALA A 1 17  ? 7.848   -5.060  1.471   1.00 32.16 ? 18  ALA A O   1 
ATOM   130  C CB  . ALA A 1 17  ? 6.346   -5.719  -1.431  1.00 32.32 ? 18  ALA A CB  1 
ATOM   131  N N   . ILE A 1 18  ? 8.501   -6.899  0.348   1.00 33.66 ? 19  ILE A N   1 
ATOM   132  C CA  . ILE A 1 18  ? 8.975   -7.603  1.530   1.00 35.22 ? 19  ILE A CA  1 
ATOM   133  C C   . ILE A 1 18  ? 10.496  -7.568  1.381   1.00 35.31 ? 19  ILE A C   1 
ATOM   134  O O   . ILE A 1 18  ? 11.025  -8.014  0.365   1.00 35.59 ? 19  ILE A O   1 
ATOM   135  C CB  . ILE A 1 18  ? 8.492   -9.073  1.530   1.00 36.21 ? 19  ILE A CB  1 
ATOM   136  C CG1 . ILE A 1 18  ? 6.963   -9.116  1.555   1.00 36.87 ? 19  ILE A CG1 1 
ATOM   137  C CG2 . ILE A 1 18  ? 9.071   -9.819  2.727   1.00 36.09 ? 19  ILE A CG2 1 
ATOM   138  C CD1 . ILE A 1 18  ? 6.393   -10.478 1.224   1.00 37.98 ? 19  ILE A CD1 1 
ATOM   139  N N   . PRO A 1 19  ? 11.224  -7.064  2.393   1.00 35.32 ? 20  PRO A N   1 
ATOM   140  C CA  . PRO A 1 19  ? 10.828  -6.526  3.697   1.00 34.77 ? 20  PRO A CA  1 
ATOM   141  C C   . PRO A 1 19  ? 10.720  -5.003  3.822   1.00 34.11 ? 20  PRO A C   1 
ATOM   142  O O   . PRO A 1 19  ? 10.569  -4.500  4.932   1.00 35.05 ? 20  PRO A O   1 
ATOM   143  C CB  . PRO A 1 19  ? 11.928  -7.044  4.595   1.00 36.02 ? 20  PRO A CB  1 
ATOM   144  C CG  . PRO A 1 19  ? 13.140  -6.763  3.731   1.00 35.72 ? 20  PRO A CG  1 
ATOM   145  C CD  . PRO A 1 19  ? 12.695  -7.184  2.324   1.00 34.83 ? 20  PRO A CD  1 
ATOM   146  N N   . SER A 1 20  ? 10.802  -4.270  2.717   1.00 32.34 ? 21  SER A N   1 
ATOM   147  C CA  . SER A 1 20  ? 10.751  -2.806  2.784   1.00 31.02 ? 21  SER A CA  1 
ATOM   148  C C   . SER A 1 20  ? 9.426   -2.167  3.195   1.00 30.03 ? 21  SER A C   1 
ATOM   149  O O   . SER A 1 20  ? 9.418   -1.165  3.917   1.00 28.65 ? 21  SER A O   1 
ATOM   150  C CB  . SER A 1 20  ? 11.188  -2.206  1.448   1.00 31.28 ? 21  SER A CB  1 
ATOM   151  O OG  . SER A 1 20  ? 12.528  -2.548  1.158   1.00 30.97 ? 21  SER A OG  1 
ATOM   152  N N   . TYR A 1 21  ? 8.312   -2.735  2.740   1.00 28.87 ? 22  TYR A N   1 
ATOM   153  C CA  . TYR A 1 21  ? 6.995   -2.183  3.047   1.00 29.00 ? 22  TYR A CA  1 
ATOM   154  C C   . TYR A 1 21  ? 6.053   -3.162  3.743   1.00 30.50 ? 22  TYR A C   1 
ATOM   155  O O   . TYR A 1 21  ? 4.838   -2.948  3.751   1.00 32.52 ? 22  TYR A O   1 
ATOM   156  C CB  . TYR A 1 21  ? 6.334   -1.683  1.758   1.00 26.52 ? 22  TYR A CB  1 
ATOM   157  C CG  . TYR A 1 21  ? 7.030   -0.507  1.118   1.00 25.01 ? 22  TYR A CG  1 
ATOM   158  C CD1 . TYR A 1 21  ? 6.886   0.782   1.637   1.00 25.32 ? 22  TYR A CD1 1 
ATOM   159  C CD2 . TYR A 1 21  ? 7.837   -0.679  -0.005  1.00 22.46 ? 22  TYR A CD2 1 
ATOM   160  C CE1 . TYR A 1 21  ? 7.530   1.874   1.049   1.00 24.44 ? 22  TYR A CE1 1 
ATOM   161  C CE2 . TYR A 1 21  ? 8.488   0.401   -0.597  1.00 24.97 ? 22  TYR A CE2 1 
ATOM   162  C CZ  . TYR A 1 21  ? 8.328   1.674   -0.067  1.00 24.14 ? 22  TYR A CZ  1 
ATOM   163  O OH  . TYR A 1 21  ? 8.957   2.739   -0.662  1.00 22.29 ? 22  TYR A OH  1 
ATOM   164  N N   . SER A 1 22  ? 6.597   -4.226  4.325   1.00 29.75 ? 23  SER A N   1 
ATOM   165  C CA  . SER A 1 22  ? 5.755   -5.210  4.998   1.00 30.25 ? 23  SER A CA  1 
ATOM   166  C C   . SER A 1 22  ? 5.777   -5.120  6.522   1.00 29.85 ? 23  SER A C   1 
ATOM   167  O O   . SER A 1 22  ? 4.939   -5.719  7.191   1.00 29.71 ? 23  SER A O   1 
ATOM   168  C CB  . SER A 1 22  ? 6.133   -6.628  4.544   1.00 30.00 ? 23  SER A CB  1 
ATOM   169  O OG  . SER A 1 22  ? 7.526   -6.853  4.662   1.00 32.01 ? 23  SER A OG  1 
ATOM   170  N N   . SER A 1 23  ? 6.735   -4.376  7.069   1.00 29.41 ? 24  SER A N   1 
ATOM   171  C CA  . SER A 1 23  ? 6.837   -4.209  8.520   1.00 30.10 ? 24  SER A CA  1 
ATOM   172  C C   . SER A 1 23  ? 7.301   -2.793  8.831   1.00 29.12 ? 24  SER A C   1 
ATOM   173  O O   . SER A 1 23  ? 8.068   -2.564  9.767   1.00 30.00 ? 24  SER A O   1 
ATOM   174  C CB  . SER A 1 23  ? 7.830   -5.215  9.109   1.00 31.38 ? 24  SER A CB  1 
ATOM   175  O OG  . SER A 1 23  ? 9.136   -5.006  8.594   1.00 35.10 ? 24  SER A OG  1 
ATOM   176  N N   . TYR A 1 24  ? 6.819   -1.841  8.044   1.00 27.24 ? 25  TYR A N   1 
ATOM   177  C CA  . TYR A 1 24  ? 7.204   -0.449  8.207   1.00 24.09 ? 25  TYR A CA  1 
ATOM   178  C C   . TYR A 1 24  ? 6.167   0.361   8.981   1.00 23.78 ? 25  TYR A C   1 
ATOM   179  O O   . TYR A 1 24  ? 4.970   0.303   8.689   1.00 23.01 ? 25  TYR A O   1 
ATOM   180  C CB  . TYR A 1 24  ? 7.439   0.159   6.818   1.00 22.64 ? 25  TYR A CB  1 
ATOM   181  C CG  . TYR A 1 24  ? 8.042   1.549   6.810   1.00 22.55 ? 25  TYR A CG  1 
ATOM   182  C CD1 . TYR A 1 24  ? 7.285   2.667   7.165   1.00 21.95 ? 25  TYR A CD1 1 
ATOM   183  C CD2 . TYR A 1 24  ? 9.367   1.749   6.418   1.00 23.04 ? 25  TYR A CD2 1 
ATOM   184  C CE1 . TYR A 1 24  ? 7.833   3.954   7.123   1.00 22.59 ? 25  TYR A CE1 1 
ATOM   185  C CE2 . TYR A 1 24  ? 9.928   3.032   6.377   1.00 24.04 ? 25  TYR A CE2 1 
ATOM   186  C CZ  . TYR A 1 24  ? 9.154   4.126   6.726   1.00 23.62 ? 25  TYR A CZ  1 
ATOM   187  O OH  . TYR A 1 24  ? 9.698   5.387   6.661   1.00 22.78 ? 25  TYR A OH  1 
ATOM   188  N N   . GLY A 1 25  ? 6.637   1.112   9.973   1.00 22.58 ? 26  GLY A N   1 
ATOM   189  C CA  . GLY A 1 25  ? 5.750   1.949   10.761  1.00 23.05 ? 26  GLY A CA  1 
ATOM   190  C C   . GLY A 1 25  ? 4.610   1.218   11.438  1.00 23.87 ? 26  GLY A C   1 
ATOM   191  O O   . GLY A 1 25  ? 4.755   0.070   11.851  1.00 24.82 ? 26  GLY A O   1 
ATOM   192  N N   . CYS A 1 26  ? 3.466   1.887   11.545  1.00 22.82 ? 27  CYS A N   1 
ATOM   193  C CA  . CYS A 1 26  ? 2.289   1.312   12.184  1.00 23.39 ? 27  CYS A CA  1 
ATOM   194  C C   . CYS A 1 26  ? 1.267   0.699   11.247  1.00 22.92 ? 27  CYS A C   1 
ATOM   195  O O   . CYS A 1 26  ? 0.441   -0.110  11.678  1.00 23.36 ? 27  CYS A O   1 
ATOM   196  C CB  . CYS A 1 26  ? 1.609   2.381   13.020  1.00 25.76 ? 27  CYS A CB  1 
ATOM   197  S SG  . CYS A 1 26  ? 2.707   2.951   14.350  1.00 27.18 ? 27  CYS A SG  1 
ATOM   198  N N   . TYR A 1 27  ? 1.322   1.068   9.969   1.00 22.20 ? 28  TYR A N   1 
ATOM   199  C CA  . TYR A 1 27  ? 0.340   0.562   9.008   1.00 21.96 ? 28  TYR A CA  1 
ATOM   200  C C   . TYR A 1 27  ? 0.840   -0.240  7.817   1.00 22.78 ? 28  TYR A C   1 
ATOM   201  O O   . TYR A 1 27  ? 0.042   -0.894  7.148   1.00 22.57 ? 28  TYR A O   1 
ATOM   202  C CB  . TYR A 1 27  ? -0.530  1.717   8.493   1.00 19.89 ? 28  TYR A CB  1 
ATOM   203  C CG  . TYR A 1 27  ? -1.412  2.289   9.568   1.00 20.79 ? 28  TYR A CG  1 
ATOM   204  C CD1 . TYR A 1 27  ? -0.947  3.290   10.423  1.00 21.65 ? 28  TYR A CD1 1 
ATOM   205  C CD2 . TYR A 1 27  ? -2.684  1.769   9.794   1.00 20.20 ? 28  TYR A CD2 1 
ATOM   206  C CE1 . TYR A 1 27  ? -1.730  3.753   11.478  1.00 24.45 ? 28  TYR A CE1 1 
ATOM   207  C CE2 . TYR A 1 27  ? -3.465  2.217   10.844  1.00 22.88 ? 28  TYR A CE2 1 
ATOM   208  C CZ  . TYR A 1 27  ? -2.985  3.205   11.684  1.00 23.55 ? 28  TYR A CZ  1 
ATOM   209  O OH  . TYR A 1 27  ? -3.760  3.614   12.744  1.00 24.78 ? 28  TYR A OH  1 
ATOM   210  N N   . CYS A 1 28  ? 2.136   -0.202  7.534   1.00 23.02 ? 29  CYS A N   1 
ATOM   211  C CA  . CYS A 1 28  ? 2.641   -0.962  6.397   1.00 27.71 ? 29  CYS A CA  1 
ATOM   212  C C   . CYS A 1 28  ? 2.890   -2.424  6.767   1.00 33.10 ? 29  CYS A C   1 
ATOM   213  O O   . CYS A 1 28  ? 3.929   -2.764  7.347   1.00 34.48 ? 29  CYS A O   1 
ATOM   214  C CB  . CYS A 1 28  ? 3.931   -0.335  5.863   1.00 24.25 ? 29  CYS A CB  1 
ATOM   215  S SG  . CYS A 1 28  ? 3.785   1.394   5.310   1.00 20.86 ? 29  CYS A SG  1 
ATOM   216  N N   . GLY A 1 29  ? 1.933   -3.285  6.434   1.00 37.30 ? 30  GLY A N   1 
ATOM   217  C CA  . GLY A 1 29  ? 2.090   -4.697  6.729   1.00 43.34 ? 30  GLY A CA  1 
ATOM   218  C C   . GLY A 1 29  ? 1.068   -5.307  7.669   1.00 47.86 ? 30  GLY A C   1 
ATOM   219  O O   . GLY A 1 29  ? 0.281   -6.162  7.260   1.00 49.76 ? 30  GLY A O   1 
ATOM   220  N N   . TRP A 1 30  ? 1.077   -4.872  8.927   1.00 51.43 ? 31  TRP A N   1 
ATOM   221  C CA  . TRP A 1 30  ? 0.160   -5.394  9.940   1.00 54.94 ? 31  TRP A CA  1 
ATOM   222  C C   . TRP A 1 30  ? -1.143  -4.590  9.967   1.00 55.65 ? 31  TRP A C   1 
ATOM   223  O O   . TRP A 1 30  ? -2.227  -5.157  10.135  1.00 56.05 ? 31  TRP A O   1 
ATOM   224  C CB  . TRP A 1 30  ? 0.836   -5.351  11.323  1.00 57.41 ? 31  TRP A CB  1 
ATOM   225  C CG  . TRP A 1 30  ? 0.410   -6.459  12.259  1.00 60.43 ? 31  TRP A CG  1 
ATOM   226  C CD1 . TRP A 1 30  ? 0.359   -7.797  11.977  1.00 60.84 ? 31  TRP A CD1 1 
ATOM   227  C CD2 . TRP A 1 30  ? 0.022   -6.326  13.635  1.00 61.40 ? 31  TRP A CD2 1 
ATOM   228  N NE1 . TRP A 1 30  ? -0.037  -8.504  13.091  1.00 61.78 ? 31  TRP A NE1 1 
ATOM   229  C CE2 . TRP A 1 30  ? -0.251  -7.628  14.120  1.00 62.14 ? 31  TRP A CE2 1 
ATOM   230  C CE3 . TRP A 1 30  ? -0.126  -5.235  14.502  1.00 62.43 ? 31  TRP A CE3 1 
ATOM   231  C CZ2 . TRP A 1 30  ? -0.656  -7.866  15.441  1.00 62.13 ? 31  TRP A CZ2 1 
ATOM   232  C CZ3 . TRP A 1 30  ? -0.530  -5.475  15.818  1.00 62.30 ? 31  TRP A CZ3 1 
ATOM   233  C CH2 . TRP A 1 30  ? -0.793  -6.781  16.270  1.00 62.64 ? 31  TRP A CH2 1 
ATOM   234  N N   . GLY A 1 31  ? -1.021  -3.273  9.790   1.00 55.73 ? 32  GLY A N   1 
ATOM   235  C CA  . GLY A 1 31  ? -2.177  -2.387  9.793   1.00 55.04 ? 32  GLY A CA  1 
ATOM   236  C C   . GLY A 1 31  ? -2.456  -1.893  11.193  1.00 54.72 ? 32  GLY A C   1 
ATOM   237  O O   . GLY A 1 31  ? -2.016  -0.810  11.587  1.00 55.64 ? 32  GLY A O   1 
ATOM   238  N N   . GLY A 1 32  ? -3.212  -2.684  11.939  1.00 53.76 ? 33  GLY A N   1 
ATOM   239  C CA  . GLY A 1 32  ? -3.503  -2.344  13.312  1.00 52.74 ? 33  GLY A CA  1 
ATOM   240  C C   . GLY A 1 32  ? -3.814  -0.935  13.786  1.00 51.95 ? 33  GLY A C   1 
ATOM   241  O O   . GLY A 1 32  ? -4.646  -0.231  13.234  1.00 52.48 ? 33  GLY A O   1 
ATOM   242  N N   . LYS A 1 33  ? -3.094  -0.537  14.833  1.00 50.32 ? 34  LYS A N   1 
ATOM   243  C CA  . LYS A 1 33  ? -3.298  0.733   15.536  1.00 47.76 ? 34  LYS A CA  1 
ATOM   244  C C   . LYS A 1 33  ? -2.438  1.993   15.303  1.00 45.14 ? 34  LYS A C   1 
ATOM   245  O O   . LYS A 1 33  ? -1.535  2.030   14.450  1.00 43.35 ? 34  LYS A O   1 
ATOM   246  C CB  . LYS A 1 33  ? -3.294  0.408   17.038  1.00 49.14 ? 34  LYS A CB  1 
ATOM   247  C CG  . LYS A 1 33  ? -2.951  -1.076  17.374  1.00 50.68 ? 34  LYS A CG  1 
ATOM   248  C CD  . LYS A 1 33  ? -1.457  -1.340  17.673  1.00 52.08 ? 34  LYS A CD  1 
ATOM   249  C CE  . LYS A 1 33  ? -1.186  -1.605  19.166  1.00 52.59 ? 34  LYS A CE  1 
ATOM   250  N NZ  . LYS A 1 33  ? -1.643  -2.951  19.636  1.00 53.80 ? 34  LYS A NZ  1 
ATOM   251  N N   . GLY A 1 34  ? -2.766  3.022   16.093  1.00 41.86 ? 35  GLY A N   1 
ATOM   252  C CA  . GLY A 1 34  ? -2.042  4.284   16.115  1.00 39.15 ? 35  GLY A CA  1 
ATOM   253  C C   . GLY A 1 34  ? -2.035  5.347   15.025  1.00 37.36 ? 35  GLY A C   1 
ATOM   254  O O   . GLY A 1 34  ? -2.808  5.330   14.063  1.00 36.98 ? 35  GLY A O   1 
ATOM   255  N N   . THR A 1 35  ? -1.117  6.293   15.219  1.00 35.29 ? 36  THR A N   1 
ATOM   256  C CA  . THR A 1 35  ? -0.890  7.417   14.324  1.00 33.86 ? 36  THR A CA  1 
ATOM   257  C C   . THR A 1 35  ? 0.267   7.069   13.384  1.00 31.36 ? 36  THR A C   1 
ATOM   258  O O   . THR A 1 35  ? 1.300   6.560   13.822  1.00 30.57 ? 36  THR A O   1 
ATOM   259  C CB  . THR A 1 35  ? -0.509  8.671   15.130  1.00 33.96 ? 36  THR A CB  1 
ATOM   260  O OG1 . THR A 1 35  ? -1.547  8.963   16.070  1.00 35.90 ? 36  THR A OG1 1 
ATOM   261  C CG2 . THR A 1 35  ? -0.302  9.858   14.220  1.00 35.47 ? 36  THR A CG2 1 
ATOM   262  N N   . PRO A 1 36  ? 0.105   7.331   12.077  1.00 29.62 ? 37  PRO A N   1 
ATOM   263  C CA  . PRO A 1 36  ? 1.156   7.035   11.094  1.00 28.47 ? 37  PRO A CA  1 
ATOM   264  C C   . PRO A 1 36  ? 2.438   7.779   11.454  1.00 28.25 ? 37  PRO A C   1 
ATOM   265  O O   . PRO A 1 36  ? 2.401   8.968   11.763  1.00 25.87 ? 37  PRO A O   1 
ATOM   266  C CB  . PRO A 1 36  ? 0.547   7.522   9.781   1.00 28.26 ? 37  PRO A CB  1 
ATOM   267  C CG  . PRO A 1 36  ? -0.938  7.351   10.007  1.00 27.11 ? 37  PRO A CG  1 
ATOM   268  C CD  . PRO A 1 36  ? -1.097  7.865   11.414  1.00 29.39 ? 37  PRO A CD  1 
ATOM   269  N N   . LYS A 1 37  ? 3.560   7.063   11.409  1.00 27.69 ? 38  LYS A N   1 
ATOM   270  C CA  . LYS A 1 37  ? 4.873   7.603   11.750  1.00 28.28 ? 38  LYS A CA  1 
ATOM   271  C C   . LYS A 1 37  ? 5.406   8.668   10.788  1.00 28.63 ? 38  LYS A C   1 
ATOM   272  O O   . LYS A 1 37  ? 6.021   9.646   11.229  1.00 28.31 ? 38  LYS A O   1 
ATOM   273  C CB  . LYS A 1 37  ? 5.890   6.473   11.823  1.00 31.23 ? 38  LYS A CB  1 
ATOM   274  C CG  . LYS A 1 37  ? 5.529   5.392   12.823  1.00 32.47 ? 38  LYS A CG  1 
ATOM   275  C CD  . LYS A 1 37  ? 5.935   5.791   14.227  1.00 35.02 ? 38  LYS A CD  1 
ATOM   276  C CE  . LYS A 1 37  ? 5.065   6.895   14.800  1.00 37.10 ? 38  LYS A CE  1 
ATOM   277  N NZ  . LYS A 1 37  ? 5.776   7.571   15.923  1.00 36.68 ? 38  LYS A NZ  1 
ATOM   278  N N   . ASP A 1 38  ? 5.193   8.482   9.489   1.00 26.32 ? 39  ASP A N   1 
ATOM   279  C CA  . ASP A 1 38  ? 5.663   9.450   8.519   1.00 24.21 ? 39  ASP A CA  1 
ATOM   280  C C   . ASP A 1 38  ? 4.810   9.389   7.248   1.00 22.95 ? 39  ASP A C   1 
ATOM   281  O O   . ASP A 1 38  ? 3.751   8.767   7.233   1.00 21.54 ? 39  ASP A O   1 
ATOM   282  C CB  . ASP A 1 38  ? 7.152   9.209   8.190   1.00 23.81 ? 39  ASP A CB  1 
ATOM   283  C CG  . ASP A 1 38  ? 7.403   7.868   7.518   1.00 26.53 ? 39  ASP A CG  1 
ATOM   284  O OD1 . ASP A 1 38  ? 6.453   7.058   7.381   1.00 24.70 ? 39  ASP A OD1 1 
ATOM   285  O OD2 . ASP A 1 38  ? 8.562   7.618   7.121   1.00 25.80 ? 39  ASP A OD2 1 
ATOM   286  N N   . ALA A 1 39  ? 5.274   10.041  6.184   1.00 21.24 ? 40  ALA A N   1 
ATOM   287  C CA  . ALA A 1 39  ? 4.536   10.060  4.920   1.00 21.55 ? 40  ALA A CA  1 
ATOM   288  C C   . ALA A 1 39  ? 4.332   8.653   4.331   1.00 21.06 ? 40  ALA A C   1 
ATOM   289  O O   . ALA A 1 39  ? 3.240   8.311   3.867   1.00 20.76 ? 40  ALA A O   1 
ATOM   290  C CB  . ALA A 1 39  ? 5.234   10.960  3.922   1.00 20.05 ? 40  ALA A CB  1 
ATOM   291  N N   . THR A 1 40  ? 5.380   7.839   4.328   1.00 19.66 ? 41  THR A N   1 
ATOM   292  C CA  . THR A 1 40  ? 5.263   6.487   3.780   1.00 18.44 ? 41  THR A CA  1 
ATOM   293  C C   . THR A 1 40  ? 4.226   5.683   4.567   1.00 18.03 ? 41  THR A C   1 
ATOM   294  O O   . THR A 1 40  ? 3.416   4.958   3.988   1.00 18.00 ? 41  THR A O   1 
ATOM   295  C CB  . THR A 1 40  ? 6.628   5.771   3.789   1.00 19.91 ? 41  THR A CB  1 
ATOM   296  O OG1 . THR A 1 40  ? 7.482   6.391   2.815   1.00 19.29 ? 41  THR A OG1 1 
ATOM   297  C CG2 . THR A 1 40  ? 6.459   4.277   3.432   1.00 18.88 ? 41  THR A CG2 1 
ATOM   298  N N   . ASP A 1 41  ? 4.245   5.828   5.890   1.00 17.21 ? 42  ASP A N   1 
ATOM   299  C CA  . ASP A 1 41  ? 3.293   5.132   6.748   1.00 18.36 ? 42  ASP A CA  1 
ATOM   300  C C   . ASP A 1 41  ? 1.874   5.639   6.484   1.00 19.34 ? 42  ASP A C   1 
ATOM   301  O O   . ASP A 1 41  ? 0.913   4.878   6.601   1.00 18.48 ? 42  ASP A O   1 
ATOM   302  C CB  . ASP A 1 41  ? 3.662   5.331   8.222   1.00 17.96 ? 42  ASP A CB  1 
ATOM   303  C CG  . ASP A 1 41  ? 3.129   4.219   9.118   1.00 21.15 ? 42  ASP A CG  1 
ATOM   304  O OD1 . ASP A 1 41  ? 2.684   3.173   8.596   1.00 19.72 ? 42  ASP A OD1 1 
ATOM   305  O OD2 . ASP A 1 41  ? 3.174   4.386   10.355  1.00 19.13 ? 42  ASP A OD2 1 
ATOM   306  N N   . ARG A 1 42  ? 1.737   6.919   6.134   1.00 19.63 ? 43  ARG A N   1 
ATOM   307  C CA  . ARG A 1 42  ? 0.419   7.471   5.835   1.00 19.61 ? 43  ARG A CA  1 
ATOM   308  C C   . ARG A 1 42  ? -0.088  6.860   4.536   1.00 18.33 ? 43  ARG A C   1 
ATOM   309  O O   . ARG A 1 42  ? -1.284  6.651   4.369   1.00 17.92 ? 43  ARG A O   1 
ATOM   310  C CB  . ARG A 1 42  ? 0.455   9.010   5.738   1.00 19.98 ? 43  ARG A CB  1 
ATOM   311  C CG  . ARG A 1 42  ? 0.543   9.694   7.106   1.00 27.72 ? 43  ARG A CG  1 
ATOM   312  C CD  . ARG A 1 42  ? 0.240   11.203  7.048   1.00 29.59 ? 43  ARG A CD  1 
ATOM   313  N NE  . ARG A 1 42  ? 1.342   11.994  6.501   1.00 32.96 ? 43  ARG A NE  1 
ATOM   314  C CZ  . ARG A 1 42  ? 2.430   12.344  7.182   1.00 35.32 ? 43  ARG A CZ  1 
ATOM   315  N NH1 . ARG A 1 42  ? 2.575   11.978  8.449   1.00 36.83 ? 43  ARG A NH1 1 
ATOM   316  N NH2 . ARG A 1 42  ? 3.378   13.062  6.595   1.00 34.53 ? 43  ARG A NH2 1 
ATOM   317  N N   . CYS A 1 43  ? 0.824   6.569   3.612   1.00 18.37 ? 44  CYS A N   1 
ATOM   318  C CA  . CYS A 1 43  ? 0.428   5.938   2.361   1.00 18.53 ? 44  CYS A CA  1 
ATOM   319  C C   . CYS A 1 43  ? -0.218  4.589   2.674   1.00 17.87 ? 44  CYS A C   1 
ATOM   320  O O   . CYS A 1 43  ? -1.203  4.208   2.044   1.00 17.13 ? 44  CYS A O   1 
ATOM   321  C CB  . CYS A 1 43  ? 1.627   5.663   1.458   1.00 19.17 ? 44  CYS A CB  1 
ATOM   322  S SG  . CYS A 1 43  ? 2.552   7.079   0.800   1.00 20.41 ? 44  CYS A SG  1 
ATOM   323  N N   . CYS A 1 44  ? 0.347   3.854   3.632   1.00 18.05 ? 45  CYS A N   1 
ATOM   324  C CA  . CYS A 1 44  ? -0.205  2.548   3.984   1.00 17.36 ? 45  CYS A CA  1 
ATOM   325  C C   . CYS A 1 44  ? -1.537  2.715   4.714   1.00 18.64 ? 45  CYS A C   1 
ATOM   326  O O   . CYS A 1 44  ? -2.469  1.939   4.493   1.00 17.43 ? 45  CYS A O   1 
ATOM   327  C CB  . CYS A 1 44  ? 0.799   1.745   4.827   1.00 18.27 ? 45  CYS A CB  1 
ATOM   328  S SG  . CYS A 1 44  ? 2.321   1.335   3.905   1.00 18.87 ? 45  CYS A SG  1 
ATOM   329  N N   . PHE A 1 45  ? -1.631  3.734   5.566   1.00 17.04 ? 46  PHE A N   1 
ATOM   330  C CA  . PHE A 1 45  ? -2.871  4.007   6.289   1.00 18.05 ? 46  PHE A CA  1 
ATOM   331  C C   . PHE A 1 45  ? -4.003  4.229   5.284   1.00 16.94 ? 46  PHE A C   1 
ATOM   332  O O   . PHE A 1 45  ? -5.068  3.624   5.392   1.00 17.60 ? 46  PHE A O   1 
ATOM   333  C CB  . PHE A 1 45  ? -2.728  5.261   7.152   1.00 18.17 ? 46  PHE A CB  1 
ATOM   334  C CG  . PHE A 1 45  ? -4.007  5.671   7.833   1.00 20.41 ? 46  PHE A CG  1 
ATOM   335  C CD1 . PHE A 1 45  ? -4.491  4.952   8.924   1.00 20.61 ? 46  PHE A CD1 1 
ATOM   336  C CD2 . PHE A 1 45  ? -4.745  6.755   7.363   1.00 20.66 ? 46  PHE A CD2 1 
ATOM   337  C CE1 . PHE A 1 45  ? -5.697  5.307   9.542   1.00 21.41 ? 46  PHE A CE1 1 
ATOM   338  C CE2 . PHE A 1 45  ? -5.952  7.118   7.973   1.00 22.33 ? 46  PHE A CE2 1 
ATOM   339  C CZ  . PHE A 1 45  ? -6.427  6.392   9.064   1.00 20.33 ? 46  PHE A CZ  1 
ATOM   340  N N   . VAL A 1 46  ? -3.768  5.111   4.314   1.00 17.22 ? 47  VAL A N   1 
ATOM   341  C CA  . VAL A 1 46  ? -4.780  5.392   3.302   1.00 17.79 ? 47  VAL A CA  1 
ATOM   342  C C   . VAL A 1 46  ? -5.094  4.124   2.503   1.00 17.67 ? 47  VAL A C   1 
ATOM   343  O O   . VAL A 1 46  ? -6.253  3.855   2.193   1.00 17.00 ? 47  VAL A O   1 
ATOM   344  C CB  . VAL A 1 46  ? -4.321  6.513   2.347   1.00 19.19 ? 47  VAL A CB  1 
ATOM   345  C CG1 . VAL A 1 46  ? -5.370  6.741   1.251   1.00 14.96 ? 47  VAL A CG1 1 
ATOM   346  C CG2 . VAL A 1 46  ? -4.107  7.809   3.138   1.00 17.49 ? 47  VAL A CG2 1 
ATOM   347  N N   . HIS A 1 47  ? -4.063  3.336   2.194   1.00 17.81 ? 48  HIS A N   1 
ATOM   348  C CA  . HIS A 1 47  ? -4.242  2.083   1.458   1.00 17.19 ? 48  HIS A CA  1 
ATOM   349  C C   . HIS A 1 47  ? -5.157  1.153   2.257   1.00 17.15 ? 48  HIS A C   1 
ATOM   350  O O   . HIS A 1 47  ? -6.048  0.516   1.688   1.00 17.39 ? 48  HIS A O   1 
ATOM   351  C CB  . HIS A 1 47  ? -2.877  1.408   1.213   1.00 17.30 ? 48  HIS A CB  1 
ATOM   352  C CG  . HIS A 1 47  ? -2.936  0.217   0.297   1.00 18.53 ? 48  HIS A CG  1 
ATOM   353  N ND1 . HIS A 1 47  ? -2.728  -1.072  0.735   1.00 18.17 ? 48  HIS A ND1 1 
ATOM   354  C CD2 . HIS A 1 47  ? -3.164  0.131   -1.036  1.00 16.30 ? 48  HIS A CD2 1 
ATOM   355  C CE1 . HIS A 1 47  ? -2.823  -1.905  -0.291  1.00 18.55 ? 48  HIS A CE1 1 
ATOM   356  N NE2 . HIS A 1 47  ? -3.087  -1.201  -1.375  1.00 19.87 ? 48  HIS A NE2 1 
ATOM   357  N N   . ASP A 1 48  ? -4.939  1.067   3.571   1.00 15.83 ? 49  ASP A N   1 
ATOM   358  C CA  . ASP A 1 48  ? -5.789  0.227   4.416   1.00 17.83 ? 49  ASP A CA  1 
ATOM   359  C C   . ASP A 1 48  ? -7.229  0.729   4.352   1.00 17.94 ? 49  ASP A C   1 
ATOM   360  O O   . ASP A 1 48  ? -8.178  -0.055  4.298   1.00 16.66 ? 49  ASP A O   1 
ATOM   361  C CB  . ASP A 1 48  ? -5.351  0.275   5.882   1.00 20.60 ? 49  ASP A CB  1 
ATOM   362  C CG  . ASP A 1 48  ? -4.190  -0.646  6.182   1.00 25.43 ? 49  ASP A CG  1 
ATOM   363  O OD1 . ASP A 1 48  ? -3.785  -1.415  5.285   1.00 27.37 ? 49  ASP A OD1 1 
ATOM   364  O OD2 . ASP A 1 48  ? -3.693  -0.595  7.328   1.00 26.17 ? 49  ASP A OD2 1 
ATOM   365  N N   . CYS A 1 49  ? -7.384  2.049   4.390   1.00 18.03 ? 50  CYS A N   1 
ATOM   366  C CA  . CYS A 1 49  ? -8.709  2.653   4.348   1.00 18.83 ? 50  CYS A CA  1 
ATOM   367  C C   . CYS A 1 49  ? -9.375  2.379   3.007   1.00 18.71 ? 50  CYS A C   1 
ATOM   368  O O   . CYS A 1 49  ? -10.584 2.116   2.939   1.00 17.47 ? 50  CYS A O   1 
ATOM   369  C CB  . CYS A 1 49  ? -8.615  4.161   4.567   1.00 20.28 ? 50  CYS A CB  1 
ATOM   370  S SG  . CYS A 1 49  ? -8.118  4.669   6.242   1.00 20.88 ? 50  CYS A SG  1 
ATOM   371  N N   . CYS A 1 50  ? -8.579  2.434   1.944   1.00 16.79 ? 51  CYS A N   1 
ATOM   372  C CA  . CYS A 1 50  ? -9.091  2.190   0.607   1.00 18.09 ? 51  CYS A CA  1 
ATOM   373  C C   . CYS A 1 50  ? -9.651  0.767   0.527   1.00 18.31 ? 51  CYS A C   1 
ATOM   374  O O   . CYS A 1 50  ? -10.723 0.545   -0.035  1.00 18.42 ? 51  CYS A O   1 
ATOM   375  C CB  . CYS A 1 50  ? -7.980  2.385   -0.416  1.00 16.10 ? 51  CYS A CB  1 
ATOM   376  S SG  . CYS A 1 50  ? -8.540  2.638   -2.129  1.00 16.26 ? 51  CYS A SG  1 
ATOM   377  N N   . TYR A 1 51  ? -8.918  -0.189  1.090   1.00 17.28 ? 52  TYR A N   1 
ATOM   378  C CA  . TYR A 1 51  ? -9.360  -1.580  1.108   1.00 18.63 ? 52  TYR A CA  1 
ATOM   379  C C   . TYR A 1 51  ? -10.613 -1.653  1.977   1.00 19.63 ? 52  TYR A C   1 
ATOM   380  O O   . TYR A 1 51  ? -11.548 -2.396  1.682   1.00 19.47 ? 52  TYR A O   1 
ATOM   381  C CB  . TYR A 1 51  ? -8.274  -2.476  1.713   1.00 18.82 ? 52  TYR A CB  1 
ATOM   382  C CG  . TYR A 1 51  ? -7.212  -2.960  0.744   1.00 18.79 ? 52  TYR A CG  1 
ATOM   383  C CD1 . TYR A 1 51  ? -7.159  -2.495  -0.572  1.00 19.00 ? 52  TYR A CD1 1 
ATOM   384  C CD2 . TYR A 1 51  ? -6.271  -3.907  1.144   1.00 20.45 ? 52  TYR A CD2 1 
ATOM   385  C CE1 . TYR A 1 51  ? -6.190  -2.970  -1.467  1.00 18.26 ? 52  TYR A CE1 1 
ATOM   386  C CE2 . TYR A 1 51  ? -5.304  -4.387  0.263   1.00 20.16 ? 52  TYR A CE2 1 
ATOM   387  C CZ  . TYR A 1 51  ? -5.269  -3.917  -1.038  1.00 19.25 ? 52  TYR A CZ  1 
ATOM   388  O OH  . TYR A 1 51  ? -4.315  -4.405  -1.904  1.00 20.42 ? 52  TYR A OH  1 
ATOM   389  N N   . GLY A 1 52  ? -10.609 -0.869  3.051   1.00 19.66 ? 53  GLY A N   1 
ATOM   390  C CA  . GLY A 1 52  ? -11.734 -0.826  3.969   1.00 21.74 ? 53  GLY A CA  1 
ATOM   391  C C   . GLY A 1 52  ? -13.044 -0.424  3.318   1.00 22.15 ? 53  GLY A C   1 
ATOM   392  O O   . GLY A 1 52  ? -14.113 -0.727  3.847   1.00 23.78 ? 53  GLY A O   1 
ATOM   393  N N   . ASN A 1 53  ? -12.973 0.260   2.180   1.00 23.11 ? 54  ASN A N   1 
ATOM   394  C CA  . ASN A 1 53  ? -14.176 0.678   1.462   1.00 25.41 ? 54  ASN A CA  1 
ATOM   395  C C   . ASN A 1 53  ? -14.766 -0.479  0.648   1.00 24.76 ? 54  ASN A C   1 
ATOM   396  O O   . ASN A 1 53  ? -15.860 -0.350  0.096   1.00 26.80 ? 54  ASN A O   1 
ATOM   397  C CB  . ASN A 1 53  ? -13.872 1.827   0.481   1.00 27.67 ? 54  ASN A CB  1 
ATOM   398  C CG  . ASN A 1 53  ? -13.428 3.106   1.173   1.00 31.74 ? 54  ASN A CG  1 
ATOM   399  O OD1 . ASN A 1 53  ? -13.995 3.511   2.192   1.00 31.96 ? 54  ASN A OD1 1 
ATOM   400  N ND2 . ASN A 1 53  ? -12.421 3.763   0.603   1.00 31.87 ? 54  ASN A ND2 1 
ATOM   401  N N   . LEU A 1 54  ? -14.044 -1.599  0.580   1.00 24.44 ? 55  LEU A N   1 
ATOM   402  C CA  . LEU A 1 54  ? -14.464 -2.767  -0.210  1.00 25.13 ? 55  LEU A CA  1 
ATOM   403  C C   . LEU A 1 54  ? -14.673 -4.017  0.653   1.00 25.73 ? 55  LEU A C   1 
ATOM   404  O O   . LEU A 1 54  ? -13.987 -5.025  0.468   1.00 26.15 ? 55  LEU A O   1 
ATOM   405  C CB  . LEU A 1 54  ? -13.390 -3.066  -1.266  1.00 23.94 ? 55  LEU A CB  1 
ATOM   406  C CG  . LEU A 1 54  ? -12.784 -1.831  -1.940  1.00 24.53 ? 55  LEU A CG  1 
ATOM   407  C CD1 . LEU A 1 54  ? -11.519 -2.204  -2.713  1.00 24.75 ? 55  LEU A CD1 1 
ATOM   408  C CD2 . LEU A 1 54  ? -13.820 -1.211  -2.855  1.00 24.37 ? 55  LEU A CD2 1 
ATOM   409  N N   . PRO A 1 55  ? -15.644 -3.980  1.578   1.00 26.50 ? 56  PRO A N   1 
ATOM   410  C CA  . PRO A 1 55  ? -15.939 -5.105  2.475   1.00 26.99 ? 56  PRO A CA  1 
ATOM   411  C C   . PRO A 1 55  ? -16.249 -6.459  1.831   1.00 26.68 ? 56  PRO A C   1 
ATOM   412  O O   . PRO A 1 55  ? -15.969 -7.505  2.423   1.00 25.94 ? 56  PRO A O   1 
ATOM   413  C CB  . PRO A 1 55  ? -17.103 -4.578  3.320   1.00 28.20 ? 56  PRO A CB  1 
ATOM   414  C CG  . PRO A 1 55  ? -17.787 -3.622  2.399   1.00 28.67 ? 56  PRO A CG  1 
ATOM   415  C CD  . PRO A 1 55  ? -16.629 -2.897  1.756   1.00 28.02 ? 56  PRO A CD  1 
ATOM   416  N N   . ASP A 1 56  ? -16.823 -6.453  0.633   1.00 25.64 ? 59  ASP A N   1 
ATOM   417  C CA  . ASP A 1 56  ? -17.142 -7.712  -0.028  1.00 26.30 ? 59  ASP A CA  1 
ATOM   418  C C   . ASP A 1 56  ? -16.179 -8.106  -1.151  1.00 25.26 ? 59  ASP A C   1 
ATOM   419  O O   . ASP A 1 56  ? -16.527 -8.913  -2.015  1.00 23.97 ? 59  ASP A O   1 
ATOM   420  C CB  . ASP A 1 56  ? -18.584 -7.679  -0.534  1.00 29.33 ? 59  ASP A CB  1 
ATOM   421  C CG  . ASP A 1 56  ? -19.593 -7.806  0.600   1.00 33.28 ? 59  ASP A CG  1 
ATOM   422  O OD1 . ASP A 1 56  ? -20.767 -7.435  0.399   1.00 36.35 ? 59  ASP A OD1 1 
ATOM   423  O OD2 . ASP A 1 56  ? -19.213 -8.281  1.694   1.00 33.49 ? 59  ASP A OD2 1 
ATOM   424  N N   . CYS A 1 57  ? -14.978 -7.524  -1.139  1.00 22.79 ? 61  CYS A N   1 
ATOM   425  C CA  . CYS A 1 57  ? -13.945 -7.857  -2.122  1.00 20.97 ? 61  CYS A CA  1 
ATOM   426  C C   . CYS A 1 57  ? -12.835 -8.547  -1.339  1.00 21.67 ? 61  CYS A C   1 
ATOM   427  O O   . CYS A 1 57  ? -12.813 -8.481  -0.114  1.00 22.01 ? 61  CYS A O   1 
ATOM   428  C CB  . CYS A 1 57  ? -13.373 -6.610  -2.793  1.00 19.24 ? 61  CYS A CB  1 
ATOM   429  S SG  . CYS A 1 57  ? -14.537 -5.615  -3.776  1.00 18.24 ? 61  CYS A SG  1 
ATOM   430  N N   . ASN A 1 58  ? -11.920 -9.208  -2.040  1.00 20.96 ? 67  ASN A N   1 
ATOM   431  C CA  . ASN A 1 58  ? -10.815 -9.913  -1.404  1.00 22.24 ? 67  ASN A CA  1 
ATOM   432  C C   . ASN A 1 58  ? -9.516  -9.452  -2.052  1.00 22.78 ? 67  ASN A C   1 
ATOM   433  O O   . ASN A 1 58  ? -8.906  -10.172 -2.843  1.00 20.95 ? 67  ASN A O   1 
ATOM   434  C CB  . ASN A 1 58  ? -11.018 -11.416 -1.581  1.00 22.30 ? 67  ASN A CB  1 
ATOM   435  C CG  . ASN A 1 58  ? -12.270 -11.901 -0.886  1.00 24.56 ? 67  ASN A CG  1 
ATOM   436  O OD1 . ASN A 1 58  ? -12.249 -12.215 0.300   1.00 24.54 ? 67  ASN A OD1 1 
ATOM   437  N ND2 . ASN A 1 58  ? -13.379 -11.932 -1.615  1.00 23.08 ? 67  ASN A ND2 1 
ATOM   438  N N   . PRO A 1 59  ? -9.075  -8.232  -1.700  1.00 23.94 ? 68  PRO A N   1 
ATOM   439  C CA  . PRO A 1 59  ? -7.860  -7.589  -2.210  1.00 25.27 ? 68  PRO A CA  1 
ATOM   440  C C   . PRO A 1 59  ? -6.553  -8.378  -2.169  1.00 26.30 ? 68  PRO A C   1 
ATOM   441  O O   . PRO A 1 59  ? -5.729  -8.249  -3.078  1.00 26.61 ? 68  PRO A O   1 
ATOM   442  C CB  . PRO A 1 59  ? -7.800  -6.281  -1.410  1.00 25.15 ? 68  PRO A CB  1 
ATOM   443  C CG  . PRO A 1 59  ? -8.507  -6.621  -0.131  1.00 24.95 ? 68  PRO A CG  1 
ATOM   444  C CD  . PRO A 1 59  ? -9.681  -7.424  -0.624  1.00 22.89 ? 68  PRO A CD  1 
ATOM   445  N N   . LYS A 1 60  ? -6.359  -9.202  -1.143  1.00 26.56 ? 69  LYS A N   1 
ATOM   446  C CA  . LYS A 1 60  ? -5.125  -9.981  -1.045  1.00 28.08 ? 69  LYS A CA  1 
ATOM   447  C C   . LYS A 1 60  ? -5.017  -11.135 -2.041  1.00 27.72 ? 69  LYS A C   1 
ATOM   448  O O   . LYS A 1 60  ? -3.910  -11.509 -2.425  1.00 26.78 ? 69  LYS A O   1 
ATOM   449  C CB  . LYS A 1 60  ? -4.942  -10.537 0.375   1.00 29.53 ? 69  LYS A CB  1 
ATOM   450  C CG  . LYS A 1 60  ? -4.716  -9.477  1.442   1.00 34.85 ? 69  LYS A CG  1 
ATOM   451  C CD  . LYS A 1 60  ? -4.269  -10.106 2.758   1.00 39.64 ? 69  LYS A CD  1 
ATOM   452  C CE  . LYS A 1 60  ? -4.027  -9.055  3.836   1.00 41.88 ? 69  LYS A CE  1 
ATOM   453  N NZ  . LYS A 1 60  ? -3.466  -9.665  5.081   1.00 43.60 ? 69  LYS A NZ  1 
ATOM   454  N N   . SER A 1 61  ? -6.152  -11.686 -2.476  1.00 26.37 ? 70  SER A N   1 
ATOM   455  C CA  . SER A 1 61  ? -6.123  -12.828 -3.390  1.00 26.23 ? 70  SER A CA  1 
ATOM   456  C C   . SER A 1 61  ? -6.756  -12.637 -4.764  1.00 25.31 ? 70  SER A C   1 
ATOM   457  O O   . SER A 1 61  ? -6.481  -13.413 -5.683  1.00 25.83 ? 70  SER A O   1 
ATOM   458  C CB  . SER A 1 61  ? -6.777  -14.037 -2.721  1.00 27.29 ? 70  SER A CB  1 
ATOM   459  O OG  . SER A 1 61  ? -8.128  -13.760 -2.394  1.00 30.20 ? 70  SER A OG  1 
ATOM   460  N N   . ASP A 1 62  ? -7.606  -11.627 -4.914  1.00 22.71 ? 71  ASP A N   1 
ATOM   461  C CA  . ASP A 1 62  ? -8.256  -11.397 -6.199  1.00 20.48 ? 71  ASP A CA  1 
ATOM   462  C C   . ASP A 1 62  ? -7.276  -10.705 -7.143  1.00 21.00 ? 71  ASP A C   1 
ATOM   463  O O   . ASP A 1 62  ? -6.842  -9.580  -6.891  1.00 20.06 ? 71  ASP A O   1 
ATOM   464  C CB  . ASP A 1 62  ? -9.520  -10.551 -6.003  1.00 18.86 ? 71  ASP A CB  1 
ATOM   465  C CG  . ASP A 1 62  ? -10.381 -10.470 -7.257  1.00 18.66 ? 71  ASP A CG  1 
ATOM   466  O OD1 . ASP A 1 62  ? -10.004 -11.062 -8.295  1.00 16.91 ? 71  ASP A OD1 1 
ATOM   467  O OD2 . ASP A 1 62  ? -11.438 -9.806  -7.208  1.00 15.50 ? 71  ASP A OD2 1 
ATOM   468  N N   . ARG A 1 63  ? -6.934  -11.379 -8.238  1.00 20.88 ? 72  ARG A N   1 
ATOM   469  C CA  . ARG A 1 63  ? -5.991  -10.830 -9.209  1.00 22.17 ? 72  ARG A CA  1 
ATOM   470  C C   . ARG A 1 63  ? -6.603  -9.880  -10.233 1.00 21.84 ? 72  ARG A C   1 
ATOM   471  O O   . ARG A 1 63  ? -7.702  -10.111 -10.730 1.00 21.06 ? 72  ARG A O   1 
ATOM   472  C CB  . ARG A 1 63  ? -5.300  -11.960 -9.981  1.00 24.18 ? 72  ARG A CB  1 
ATOM   473  C CG  . ARG A 1 63  ? -4.426  -12.888 -9.154  1.00 26.64 ? 72  ARG A CG  1 
ATOM   474  C CD  . ARG A 1 63  ? -3.455  -13.587 -10.088 1.00 29.65 ? 72  ARG A CD  1 
ATOM   475  N NE  . ARG A 1 63  ? -2.826  -14.764 -9.508  1.00 33.94 ? 72  ARG A NE  1 
ATOM   476  C CZ  . ARG A 1 63  ? -2.029  -15.578 -10.194 1.00 35.88 ? 72  ARG A CZ  1 
ATOM   477  N NH1 . ARG A 1 63  ? -1.490  -16.637 -9.607  1.00 35.65 ? 72  ARG A NH1 1 
ATOM   478  N NH2 . ARG A 1 63  ? -1.771  -15.325 -11.472 1.00 35.90 ? 72  ARG A NH2 1 
ATOM   479  N N   . TYR A 1 64  ? -5.881  -8.811  -10.552 1.00 20.35 ? 73  TYR A N   1 
ATOM   480  C CA  . TYR A 1 64  ? -6.335  -7.868  -11.570 1.00 19.73 ? 73  TYR A CA  1 
ATOM   481  C C   . TYR A 1 64  ? -5.210  -7.706  -12.587 1.00 19.92 ? 73  TYR A C   1 
ATOM   482  O O   . TYR A 1 64  ? -4.091  -8.187  -12.376 1.00 18.70 ? 73  TYR A O   1 
ATOM   483  C CB  . TYR A 1 64  ? -6.700  -6.510  -10.947 1.00 19.03 ? 73  TYR A CB  1 
ATOM   484  C CG  . TYR A 1 64  ? -5.598  -5.871  -10.128 1.00 18.64 ? 73  TYR A CG  1 
ATOM   485  C CD1 . TYR A 1 64  ? -4.530  -5.208  -10.743 1.00 18.66 ? 73  TYR A CD1 1 
ATOM   486  C CD2 . TYR A 1 64  ? -5.607  -5.951  -8.737  1.00 18.05 ? 73  TYR A CD2 1 
ATOM   487  C CE1 . TYR A 1 64  ? -3.500  -4.640  -9.988  1.00 17.89 ? 73  TYR A CE1 1 
ATOM   488  C CE2 . TYR A 1 64  ? -4.575  -5.392  -7.974  1.00 18.66 ? 73  TYR A CE2 1 
ATOM   489  C CZ  . TYR A 1 64  ? -3.528  -4.741  -8.609  1.00 18.33 ? 73  TYR A CZ  1 
ATOM   490  O OH  . TYR A 1 64  ? -2.499  -4.221  -7.858  1.00 20.39 ? 73  TYR A OH  1 
ATOM   491  N N   . LYS A 1 65  ? -5.512  -7.039  -13.689 1.00 20.67 ? 74  LYS A N   1 
ATOM   492  C CA  . LYS A 1 65  ? -4.522  -6.805  -14.731 1.00 23.21 ? 74  LYS A CA  1 
ATOM   493  C C   . LYS A 1 65  ? -4.291  -5.307  -14.831 1.00 23.06 ? 74  LYS A C   1 
ATOM   494  O O   . LYS A 1 65  ? -5.230  -4.519  -14.706 1.00 21.33 ? 74  LYS A O   1 
ATOM   495  C CB  . LYS A 1 65  ? -5.030  -7.313  -16.085 1.00 26.30 ? 74  LYS A CB  1 
ATOM   496  C CG  . LYS A 1 65  ? -5.393  -8.790  -16.130 1.00 29.04 ? 74  LYS A CG  1 
ATOM   497  C CD  . LYS A 1 65  ? -4.164  -9.663  -15.972 1.00 34.01 ? 74  LYS A CD  1 
ATOM   498  C CE  . LYS A 1 65  ? -4.504  -11.127 -16.211 1.00 35.99 ? 74  LYS A CE  1 
ATOM   499  N NZ  . LYS A 1 65  ? -3.310  -11.997 -16.037 1.00 38.22 ? 74  LYS A NZ  1 
ATOM   500  N N   . TYR A 1 66  ? -3.042  -4.914  -15.049 1.00 23.15 ? 75  TYR A N   1 
ATOM   501  C CA  . TYR A 1 66  ? -2.718  -3.504  -15.208 1.00 24.99 ? 75  TYR A CA  1 
ATOM   502  C C   . TYR A 1 66  ? -1.582  -3.424  -16.213 1.00 26.33 ? 75  TYR A C   1 
ATOM   503  O O   . TYR A 1 66  ? -0.822  -4.381  -16.378 1.00 24.41 ? 75  TYR A O   1 
ATOM   504  C CB  . TYR A 1 66  ? -2.313  -2.873  -13.866 1.00 24.35 ? 75  TYR A CB  1 
ATOM   505  C CG  . TYR A 1 66  ? -0.896  -3.153  -13.406 1.00 23.94 ? 75  TYR A CG  1 
ATOM   506  C CD1 . TYR A 1 66  ? 0.173   -2.377  -13.861 1.00 25.06 ? 75  TYR A CD1 1 
ATOM   507  C CD2 . TYR A 1 66  ? -0.628  -4.174  -12.497 1.00 23.25 ? 75  TYR A CD2 1 
ATOM   508  C CE1 . TYR A 1 66  ? 1.472   -2.607  -13.416 1.00 22.89 ? 75  TYR A CE1 1 
ATOM   509  C CE2 . TYR A 1 66  ? 0.664   -4.414  -12.049 1.00 23.53 ? 75  TYR A CE2 1 
ATOM   510  C CZ  . TYR A 1 66  ? 1.707   -3.626  -12.511 1.00 24.54 ? 75  TYR A CZ  1 
ATOM   511  O OH  . TYR A 1 66  ? 2.984   -3.856  -12.061 1.00 25.44 ? 75  TYR A OH  1 
ATOM   512  N N   . LYS A 1 67  ? -1.485  -2.295  -16.901 1.00 28.00 ? 76  LYS A N   1 
ATOM   513  C CA  . LYS A 1 67  ? -0.435  -2.097  -17.883 1.00 30.94 ? 76  LYS A CA  1 
ATOM   514  C C   . LYS A 1 67  ? 0.196   -0.730  -17.672 1.00 32.57 ? 76  LYS A C   1 
ATOM   515  O O   . LYS A 1 67  ? -0.263  0.065   -16.846 1.00 31.67 ? 76  LYS A O   1 
ATOM   516  C CB  . LYS A 1 67  ? -1.000  -2.200  -19.301 1.00 32.36 ? 76  LYS A CB  1 
ATOM   517  C CG  . LYS A 1 67  ? -2.058  -1.163  -19.618 1.00 33.95 ? 76  LYS A CG  1 
ATOM   518  C CD  . LYS A 1 67  ? -2.556  -1.314  -21.041 1.00 36.77 ? 76  LYS A CD  1 
ATOM   519  C CE  . LYS A 1 67  ? -3.666  -0.322  -21.345 1.00 37.78 ? 76  LYS A CE  1 
ATOM   520  N NZ  . LYS A 1 67  ? -4.194  -0.523  -22.720 1.00 40.25 ? 76  LYS A NZ  1 
ATOM   521  N N   . ARG A 1 68  ? 1.268   -0.485  -18.417 1.00 35.34 ? 77  ARG A N   1 
ATOM   522  C CA  . ARG A 1 68  ? 2.011   0.765   -18.358 1.00 37.28 ? 77  ARG A CA  1 
ATOM   523  C C   . ARG A 1 68  ? 1.884   1.477   -19.699 1.00 39.40 ? 77  ARG A C   1 
ATOM   524  O O   . ARG A 1 68  ? 2.216   0.910   -20.747 1.00 39.63 ? 77  ARG A O   1 
ATOM   525  C CB  . ARG A 1 68  ? 3.490   0.487   -18.074 1.00 37.11 ? 77  ARG A CB  1 
ATOM   526  C CG  . ARG A 1 68  ? 3.796   -0.096  -16.693 1.00 36.18 ? 77  ARG A CG  1 
ATOM   527  C CD  . ARG A 1 68  ? 4.102   1.006   -15.699 1.00 34.78 ? 77  ARG A CD  1 
ATOM   528  N NE  . ARG A 1 68  ? 4.322   0.508   -14.347 1.00 31.00 ? 77  ARG A NE  1 
ATOM   529  C CZ  . ARG A 1 68  ? 4.520   1.295   -13.297 1.00 29.40 ? 77  ARG A CZ  1 
ATOM   530  N NH1 . ARG A 1 68  ? 4.526   2.609   -13.453 1.00 29.21 ? 77  ARG A NH1 1 
ATOM   531  N NH2 . ARG A 1 68  ? 4.695   0.772   -12.093 1.00 28.19 ? 77  ARG A NH2 1 
ATOM   532  N N   . VAL A 1 69  ? 1.368   2.701   -19.646 1.00 40.63 ? 78  VAL A N   1 
ATOM   533  C CA  . VAL A 1 69  ? 1.233   3.525   -20.829 1.00 42.50 ? 78  VAL A CA  1 
ATOM   534  C C   . VAL A 1 69  ? 2.255   4.636   -20.672 1.00 43.45 ? 78  VAL A C   1 
ATOM   535  O O   . VAL A 1 69  ? 1.930   5.739   -20.226 1.00 43.86 ? 78  VAL A O   1 
ATOM   536  C CB  . VAL A 1 69  ? -0.173  4.160   -20.979 1.00 42.31 ? 78  VAL A CB  1 
ATOM   537  C CG1 . VAL A 1 69  ? -0.210  5.129   -22.175 1.00 42.87 ? 78  VAL A CG1 1 
ATOM   538  C CG2 . VAL A 1 69  ? -1.203  3.067   -21.160 1.00 42.59 ? 78  VAL A CG2 1 
ATOM   539  N N   . ASN A 1 70  ? 3.496   4.329   -21.038 1.00 44.90 ? 79  ASN A N   1 
ATOM   540  C CA  . ASN A 1 70  ? 4.582   5.287   -20.951 1.00 45.45 ? 79  ASN A CA  1 
ATOM   541  C C   . ASN A 1 70  ? 4.641   5.878   -19.547 1.00 45.17 ? 79  ASN A C   1 
ATOM   542  O O   . ASN A 1 70  ? 4.319   7.052   -19.302 1.00 44.97 ? 79  ASN A O   1 
ATOM   543  C CB  . ASN A 1 70  ? 4.401   6.367   -22.029 1.00 48.19 ? 79  ASN A CB  1 
ATOM   544  C CG  . ASN A 1 70  ? 4.740   5.868   -23.446 1.00 50.79 ? 79  ASN A CG  1 
ATOM   545  O OD1 . ASN A 1 70  ? 4.518   4.699   -23.808 1.00 51.54 ? 79  ASN A OD1 1 
ATOM   546  N ND2 . ASN A 1 70  ? 5.238   6.781   -24.266 1.00 52.70 ? 79  ASN A ND2 1 
ATOM   547  N N   . GLY A 1 71  ? 5.024   4.992   -18.635 1.00 43.24 ? 80  GLY A N   1 
ATOM   548  C CA  . GLY A 1 71  ? 5.167   5.338   -17.246 1.00 40.80 ? 80  GLY A CA  1 
ATOM   549  C C   . GLY A 1 71  ? 3.931   5.159   -16.399 1.00 38.41 ? 80  GLY A C   1 
ATOM   550  O O   . GLY A 1 71  ? 3.979   4.455   -15.398 1.00 39.34 ? 80  GLY A O   1 
ATOM   551  N N   . ALA A 1 72  ? 2.822   5.771   -16.806 1.00 35.32 ? 81  ALA A N   1 
ATOM   552  C CA  . ALA A 1 72  ? 1.573   5.705   -16.043 1.00 33.02 ? 81  ALA A CA  1 
ATOM   553  C C   . ALA A 1 72  ? 0.997   4.304   -15.863 1.00 31.43 ? 81  ALA A C   1 
ATOM   554  O O   . ALA A 1 72  ? 1.012   3.514   -16.795 1.00 30.98 ? 81  ALA A O   1 
ATOM   555  C CB  . ALA A 1 72  ? 0.517   6.617   -16.688 1.00 31.93 ? 81  ALA A CB  1 
ATOM   556  N N   . ILE A 1 73  ? 0.504   4.006   -14.658 1.00 28.23 ? 82  ILE A N   1 
ATOM   557  C CA  . ILE A 1 73  ? -0.108  2.708   -14.346 1.00 25.13 ? 82  ILE A CA  1 
ATOM   558  C C   . ILE A 1 73  ? -1.558  2.801   -14.818 1.00 24.73 ? 82  ILE A C   1 
ATOM   559  O O   . ILE A 1 73  ? -2.263  3.751   -14.472 1.00 24.10 ? 82  ILE A O   1 
ATOM   560  C CB  . ILE A 1 73  ? -0.115  2.436   -12.810 1.00 23.78 ? 82  ILE A CB  1 
ATOM   561  C CG1 . ILE A 1 73  ? 1.317   2.267   -12.293 1.00 24.07 ? 82  ILE A CG1 1 
ATOM   562  C CG2 . ILE A 1 73  ? -0.964  1.202   -12.487 1.00 20.45 ? 82  ILE A CG2 1 
ATOM   563  C CD1 . ILE A 1 73  ? 1.408   2.209   -10.773 1.00 22.28 ? 82  ILE A CD1 1 
ATOM   564  N N   . VAL A 1 74  ? -2.012  1.824   -15.595 1.00 24.01 ? 83  VAL A N   1 
ATOM   565  C CA  . VAL A 1 74  ? -3.382  1.842   -16.096 1.00 24.24 ? 83  VAL A CA  1 
ATOM   566  C C   . VAL A 1 74  ? -4.093  0.539   -15.759 1.00 24.00 ? 83  VAL A C   1 
ATOM   567  O O   . VAL A 1 74  ? -3.739  -0.517  -16.280 1.00 24.48 ? 83  VAL A O   1 
ATOM   568  C CB  . VAL A 1 74  ? -3.408  2.046   -17.628 1.00 25.61 ? 83  VAL A CB  1 
ATOM   569  C CG1 . VAL A 1 74  ? -4.844  2.118   -18.116 1.00 26.22 ? 83  VAL A CG1 1 
ATOM   570  C CG2 . VAL A 1 74  ? -2.651  3.324   -18.000 1.00 27.32 ? 83  VAL A CG2 1 
ATOM   571  N N   . CYS A 1 75  ? -5.086  0.621   -14.879 1.00 23.88 ? 84  CYS A N   1 
ATOM   572  C CA  . CYS A 1 75  ? -5.847  -0.550  -14.471 1.00 23.95 ? 84  CYS A CA  1 
ATOM   573  C C   . CYS A 1 75  ? -6.734  -1.019  -15.619 1.00 24.87 ? 84  CYS A C   1 
ATOM   574  O O   . CYS A 1 75  ? -7.476  -0.234  -16.203 1.00 24.96 ? 84  CYS A O   1 
ATOM   575  C CB  . CYS A 1 75  ? -6.709  -0.220  -13.247 1.00 22.02 ? 84  CYS A CB  1 
ATOM   576  S SG  . CYS A 1 75  ? -5.763  0.135   -11.725 1.00 22.68 ? 84  CYS A SG  1 
ATOM   577  N N   . GLU A 1 76  ? -6.650  -2.299  -15.954 1.00 26.31 ? 85  GLU A N   1 
ATOM   578  C CA  . GLU A 1 76  ? -7.463  -2.829  -17.036 1.00 27.96 ? 85  GLU A CA  1 
ATOM   579  C C   . GLU A 1 76  ? -8.818  -3.308  -16.527 1.00 27.80 ? 85  GLU A C   1 
ATOM   580  O O   . GLU A 1 76  ? -8.981  -3.613  -15.346 1.00 25.10 ? 85  GLU A O   1 
ATOM   581  C CB  . GLU A 1 76  ? -6.706  -3.944  -17.760 1.00 31.09 ? 85  GLU A CB  1 
ATOM   582  C CG  . GLU A 1 76  ? -5.530  -3.394  -18.557 1.00 37.33 ? 85  GLU A CG  1 
ATOM   583  C CD  . GLU A 1 76  ? -4.686  -4.467  -19.204 1.00 40.68 ? 85  GLU A CD  1 
ATOM   584  O OE1 . GLU A 1 76  ? -4.085  -5.275  -18.465 1.00 44.20 ? 85  GLU A OE1 1 
ATOM   585  O OE2 . GLU A 1 76  ? -4.620  -4.499  -20.450 1.00 42.79 ? 85  GLU A OE2 1 
ATOM   586  N N   . LYS A 1 77  ? -9.792  -3.354  -17.426 1.00 26.28 ? 86  LYS A N   1 
ATOM   587  C CA  . LYS A 1 77  ? -11.145 -3.756  -17.064 1.00 28.47 ? 86  LYS A CA  1 
ATOM   588  C C   . LYS A 1 77  ? -11.247 -5.194  -16.562 1.00 25.70 ? 86  LYS A C   1 
ATOM   589  O O   . LYS A 1 77  ? -10.779 -6.120  -17.209 1.00 25.63 ? 86  LYS A O   1 
ATOM   590  C CB  . LYS A 1 77  ? -12.077 -3.572  -18.263 1.00 32.73 ? 86  LYS A CB  1 
ATOM   591  C CG  . LYS A 1 77  ? -13.542 -3.833  -17.948 1.00 38.23 ? 86  LYS A CG  1 
ATOM   592  C CD  . LYS A 1 77  ? -14.407 -3.706  -19.193 1.00 41.71 ? 86  LYS A CD  1 
ATOM   593  C CE  . LYS A 1 77  ? -15.873 -3.960  -18.876 1.00 43.37 ? 86  LYS A CE  1 
ATOM   594  N NZ  . LYS A 1 77  ? -16.371 -3.032  -17.823 1.00 45.34 ? 86  LYS A NZ  1 
ATOM   595  N N   . GLY A 1 78  ? -11.869 -5.356  -15.399 1.00 23.90 ? 88  GLY A N   1 
ATOM   596  C CA  . GLY A 1 78  ? -12.071 -6.666  -14.808 1.00 23.19 ? 88  GLY A CA  1 
ATOM   597  C C   . GLY A 1 78  ? -13.395 -6.604  -14.073 1.00 20.83 ? 88  GLY A C   1 
ATOM   598  O O   . GLY A 1 78  ? -14.282 -5.869  -14.493 1.00 21.26 ? 88  GLY A O   1 
ATOM   599  N N   . THR A 1 79  ? -13.551 -7.366  -12.998 1.00 19.75 ? 89  THR A N   1 
ATOM   600  C CA  . THR A 1 79  ? -14.796 -7.305  -12.232 1.00 19.99 ? 89  THR A CA  1 
ATOM   601  C C   . THR A 1 79  ? -14.761 -5.954  -11.506 1.00 20.10 ? 89  THR A C   1 
ATOM   602  O O   . THR A 1 79  ? -13.719 -5.292  -11.489 1.00 17.91 ? 89  THR A O   1 
ATOM   603  C CB  . THR A 1 79  ? -14.879 -8.433  -11.185 1.00 19.11 ? 89  THR A CB  1 
ATOM   604  O OG1 . THR A 1 79  ? -13.799 -8.303  -10.250 1.00 18.41 ? 89  THR A OG1 1 
ATOM   605  C CG2 . THR A 1 79  ? -14.804 -9.800  -11.864 1.00 18.68 ? 89  THR A CG2 1 
ATOM   606  N N   . SER A 1 80  ? -15.877 -5.534  -10.913 1.00 19.77 ? 90  SER A N   1 
ATOM   607  C CA  . SER A 1 80  ? -15.882 -4.249  -10.217 1.00 20.37 ? 90  SER A CA  1 
ATOM   608  C C   . SER A 1 80  ? -14.902 -4.258  -9.043  1.00 18.89 ? 90  SER A C   1 
ATOM   609  O O   . SER A 1 80  ? -14.228 -3.260  -8.790  1.00 16.70 ? 90  SER A O   1 
ATOM   610  C CB  . SER A 1 80  ? -17.292 -3.885  -9.734  1.00 21.57 ? 90  SER A CB  1 
ATOM   611  O OG  . SER A 1 80  ? -17.749 -4.794  -8.761  1.00 30.36 ? 90  SER A OG  1 
ATOM   612  N N   . CYS A 1 81  ? -14.821 -5.379  -8.329  1.00 18.21 ? 91  CYS A N   1 
ATOM   613  C CA  . CYS A 1 81  ? -13.889 -5.492  -7.204  1.00 18.74 ? 91  CYS A CA  1 
ATOM   614  C C   . CYS A 1 81  ? -12.452 -5.346  -7.702  1.00 17.86 ? 91  CYS A C   1 
ATOM   615  O O   . CYS A 1 81  ? -11.658 -4.592  -7.134  1.00 19.27 ? 91  CYS A O   1 
ATOM   616  C CB  . CYS A 1 81  ? -14.027 -6.849  -6.502  1.00 18.81 ? 91  CYS A CB  1 
ATOM   617  S SG  . CYS A 1 81  ? -15.260 -6.920  -5.156  1.00 18.47 ? 91  CYS A SG  1 
ATOM   618  N N   . GLU A 1 82  ? -12.119 -6.075  -8.760  1.00 15.89 ? 92  GLU A N   1 
ATOM   619  C CA  . GLU A 1 82  ? -10.780 -6.019  -9.330  1.00 17.01 ? 92  GLU A CA  1 
ATOM   620  C C   . GLU A 1 82  ? -10.413 -4.594  -9.750  1.00 17.10 ? 92  GLU A C   1 
ATOM   621  O O   . GLU A 1 82  ? -9.291  -4.140  -9.513  1.00 17.38 ? 92  GLU A O   1 
ATOM   622  C CB  . GLU A 1 82  ? -10.681 -6.991  -10.516 1.00 14.87 ? 92  GLU A CB  1 
ATOM   623  C CG  . GLU A 1 82  ? -10.522 -8.439  -10.064 1.00 17.04 ? 92  GLU A CG  1 
ATOM   624  C CD  . GLU A 1 82  ? -10.901 -9.471  -11.121 1.00 17.98 ? 92  GLU A CD  1 
ATOM   625  O OE1 . GLU A 1 82  ? -11.194 -9.094  -12.271 1.00 18.80 ? 92  GLU A OE1 1 
ATOM   626  O OE2 . GLU A 1 82  ? -10.901 -10.676 -10.790 1.00 18.60 ? 92  GLU A OE2 1 
ATOM   627  N N   . ASN A 1 83  ? -11.357 -3.885  -10.363 1.00 17.07 ? 93  ASN A N   1 
ATOM   628  C CA  . ASN A 1 83  ? -11.091 -2.511  -10.788 1.00 18.88 ? 93  ASN A CA  1 
ATOM   629  C C   . ASN A 1 83  ? -10.793 -1.620  -9.590  1.00 19.14 ? 93  ASN A C   1 
ATOM   630  O O   . ASN A 1 83  ? -9.860  -0.820  -9.616  1.00 18.24 ? 93  ASN A O   1 
ATOM   631  C CB  . ASN A 1 83  ? -12.288 -1.916  -11.539 1.00 21.51 ? 93  ASN A CB  1 
ATOM   632  C CG  . ASN A 1 83  ? -12.636 -2.679  -12.809 1.00 24.74 ? 93  ASN A CG  1 
ATOM   633  O OD1 . ASN A 1 83  ? -11.778 -3.307  -13.433 1.00 23.57 ? 93  ASN A OD1 1 
ATOM   634  N ND2 . ASN A 1 83  ? -13.907 -2.610  -13.207 1.00 24.24 ? 93  ASN A ND2 1 
ATOM   635  N N   . ARG A 1 84  ? -11.588 -1.764  -8.535  1.00 17.54 ? 94  ARG A N   1 
ATOM   636  C CA  . ARG A 1 84  ? -11.422 -0.940  -7.345  1.00 18.97 ? 94  ARG A CA  1 
ATOM   637  C C   . ARG A 1 84  ? -10.171 -1.288  -6.552  1.00 17.92 ? 94  ARG A C   1 
ATOM   638  O O   . ARG A 1 84  ? -9.522  -0.408  -5.991  1.00 17.22 ? 94  ARG A O   1 
ATOM   639  C CB  . ARG A 1 84  ? -12.670 -1.052  -6.472  1.00 18.92 ? 94  ARG A CB  1 
ATOM   640  C CG  . ARG A 1 84  ? -13.922 -0.602  -7.218  1.00 21.87 ? 94  ARG A CG  1 
ATOM   641  C CD  . ARG A 1 84  ? -15.188 -1.009  -6.477  1.00 25.26 ? 94  ARG A CD  1 
ATOM   642  N NE  . ARG A 1 84  ? -15.533 -0.070  -5.418  1.00 29.35 ? 94  ARG A NE  1 
ATOM   643  C CZ  . ARG A 1 84  ? -16.477 -0.295  -4.509  1.00 33.17 ? 94  ARG A CZ  1 
ATOM   644  N NH1 . ARG A 1 84  ? -17.162 -1.437  -4.531  1.00 30.75 ? 94  ARG A NH1 1 
ATOM   645  N NH2 . ARG A 1 84  ? -16.747 0.621   -3.586  1.00 32.54 ? 94  ARG A NH2 1 
ATOM   646  N N   . ILE A 1 85  ? -9.834  -2.571  -6.499  1.00 15.17 ? 95  ILE A N   1 
ATOM   647  C CA  . ILE A 1 85  ? -8.638  -2.994  -5.785  1.00 16.11 ? 95  ILE A CA  1 
ATOM   648  C C   . ILE A 1 85  ? -7.419  -2.404  -6.494  1.00 15.40 ? 95  ILE A C   1 
ATOM   649  O O   . ILE A 1 85  ? -6.517  -1.862  -5.860  1.00 16.54 ? 95  ILE A O   1 
ATOM   650  C CB  . ILE A 1 85  ? -8.516  -4.536  -5.765  1.00 15.13 ? 95  ILE A CB  1 
ATOM   651  C CG1 . ILE A 1 85  ? -9.626  -5.132  -4.894  1.00 17.08 ? 95  ILE A CG1 1 
ATOM   652  C CG2 . ILE A 1 85  ? -7.153  -4.942  -5.231  1.00 15.85 ? 95  ILE A CG2 1 
ATOM   653  C CD1 . ILE A 1 85  ? -9.710  -6.648  -4.973  1.00 18.66 ? 95  ILE A CD1 1 
ATOM   654  N N   . CYS A 1 86  ? -7.398  -2.512  -7.815  1.00 14.81 ? 96  CYS A N   1 
ATOM   655  C CA  . CYS A 1 86  ? -6.288  -1.980  -8.584  1.00 15.73 ? 96  CYS A CA  1 
ATOM   656  C C   . CYS A 1 86  ? -6.104  -0.473  -8.344  1.00 17.10 ? 96  CYS A C   1 
ATOM   657  O O   . CYS A 1 86  ? -4.973  -0.007  -8.185  1.00 17.11 ? 96  CYS A O   1 
ATOM   658  C CB  . CYS A 1 86  ? -6.503  -2.263  -10.070 1.00 16.27 ? 96  CYS A CB  1 
ATOM   659  S SG  . CYS A 1 86  ? -5.130  -1.702  -11.120 1.00 18.20 ? 96  CYS A SG  1 
ATOM   660  N N   . GLU A 1 87  ? -7.200  0.288   -8.320  1.00 15.81 ? 97  GLU A N   1 
ATOM   661  C CA  . GLU A 1 87  ? -7.090  1.727   -8.080  1.00 17.57 ? 97  GLU A CA  1 
ATOM   662  C C   . GLU A 1 87  ? -6.475  2.014   -6.711  1.00 18.43 ? 97  GLU A C   1 
ATOM   663  O O   . GLU A 1 87  ? -5.689  2.952   -6.566  1.00 17.67 ? 97  GLU A O   1 
ATOM   664  C CB  . GLU A 1 87  ? -8.456  2.419   -8.196  1.00 18.13 ? 97  GLU A CB  1 
ATOM   665  C CG  . GLU A 1 87  ? -9.013  2.523   -9.628  1.00 22.75 ? 97  GLU A CG  1 
ATOM   666  C CD  . GLU A 1 87  ? -8.109  3.303   -10.573 1.00 23.85 ? 97  GLU A CD  1 
ATOM   667  O OE1 . GLU A 1 87  ? -7.461  4.271   -10.122 1.00 24.66 ? 97  GLU A OE1 1 
ATOM   668  O OE2 . GLU A 1 87  ? -8.055  2.955   -11.775 1.00 26.26 ? 97  GLU A OE2 1 
ATOM   669  N N   . CYS A 1 88  ? -6.835  1.217   -5.704  1.00 17.16 ? 98  CYS A N   1 
ATOM   670  C CA  . CYS A 1 88  ? -6.277  1.396   -4.363  1.00 16.73 ? 98  CYS A CA  1 
ATOM   671  C C   . CYS A 1 88  ? -4.769  1.149   -4.370  1.00 17.59 ? 98  CYS A C   1 
ATOM   672  O O   . CYS A 1 88  ? -3.994  1.916   -3.782  1.00 16.90 ? 98  CYS A O   1 
ATOM   673  C CB  . CYS A 1 88  ? -6.904  0.414   -3.378  1.00 16.81 ? 98  CYS A CB  1 
ATOM   674  S SG  . CYS A 1 88  ? -8.622  0.756   -2.887  1.00 17.22 ? 98  CYS A SG  1 
ATOM   675  N N   . ASP A 1 89  ? -4.360  0.059   -5.020  1.00 15.65 ? 99  ASP A N   1 
ATOM   676  C CA  . ASP A 1 89  ? -2.950  -0.313  -5.098  1.00 15.83 ? 99  ASP A CA  1 
ATOM   677  C C   . ASP A 1 89  ? -2.143  0.709   -5.899  1.00 16.98 ? 99  ASP A C   1 
ATOM   678  O O   . ASP A 1 89  ? -1.035  1.082   -5.505  1.00 18.09 ? 99  ASP A O   1 
ATOM   679  C CB  . ASP A 1 89  ? -2.805  -1.696  -5.740  1.00 14.75 ? 99  ASP A CB  1 
ATOM   680  C CG  . ASP A 1 89  ? -3.261  -2.822  -4.828  1.00 16.44 ? 99  ASP A CG  1 
ATOM   681  O OD1 . ASP A 1 89  ? -3.697  -2.546  -3.687  1.00 16.42 ? 99  ASP A OD1 1 
ATOM   682  O OD2 . ASP A 1 89  ? -3.187  -3.992  -5.259  1.00 15.89 ? 99  ASP A OD2 1 
ATOM   683  N N   . LYS A 1 90  ? -2.697  1.139   -7.030  1.00 16.71 ? 100 LYS A N   1 
ATOM   684  C CA  . LYS A 1 90  ? -2.051  2.126   -7.893  1.00 17.60 ? 100 LYS A CA  1 
ATOM   685  C C   . LYS A 1 90  ? -1.738  3.391   -7.091  1.00 17.72 ? 100 LYS A C   1 
ATOM   686  O O   . LYS A 1 90  ? -0.625  3.926   -7.165  1.00 18.18 ? 100 LYS A O   1 
ATOM   687  C CB  . LYS A 1 90  ? -2.973  2.486   -9.061  1.00 17.93 ? 100 LYS A CB  1 
ATOM   688  C CG  . LYS A 1 90  ? -2.489  3.664   -9.899  1.00 19.24 ? 100 LYS A CG  1 
ATOM   689  C CD  . LYS A 1 90  ? -3.529  4.061   -10.943 1.00 22.03 ? 100 LYS A CD  1 
ATOM   690  C CE  . LYS A 1 90  ? -3.047  5.224   -11.788 1.00 25.97 ? 100 LYS A CE  1 
ATOM   691  N NZ  . LYS A 1 90  ? -4.035  5.594   -12.843 1.00 29.23 ? 100 LYS A NZ  1 
ATOM   692  N N   . ALA A 1 91  ? -2.727  3.866   -6.334  1.00 15.48 ? 101 ALA A N   1 
ATOM   693  C CA  . ALA A 1 91  ? -2.559  5.062   -5.517  1.00 16.11 ? 101 ALA A CA  1 
ATOM   694  C C   . ALA A 1 91  ? -1.445  4.870   -4.487  1.00 15.45 ? 101 ALA A C   1 
ATOM   695  O O   . ALA A 1 91  ? -0.635  5.765   -4.268  1.00 15.41 ? 101 ALA A O   1 
ATOM   696  C CB  . ALA A 1 91  ? -3.874  5.407   -4.809  1.00 15.05 ? 101 ALA A CB  1 
ATOM   697  N N   . ALA A 1 92  ? -1.409  3.706   -3.845  1.00 14.35 ? 102 ALA A N   1 
ATOM   698  C CA  . ALA A 1 92  ? -0.374  3.434   -2.850  1.00 15.62 ? 102 ALA A CA  1 
ATOM   699  C C   . ALA A 1 92  ? 1.027   3.414   -3.481  1.00 16.99 ? 102 ALA A C   1 
ATOM   700  O O   . ALA A 1 92  ? 1.973   3.988   -2.931  1.00 15.92 ? 102 ALA A O   1 
ATOM   701  C CB  . ALA A 1 92  ? -0.655  2.103   -2.143  1.00 15.75 ? 102 ALA A CB  1 
ATOM   702  N N   . ALA A 1 93  ? 1.157   2.750   -4.627  1.00 16.84 ? 103 ALA A N   1 
ATOM   703  C CA  . ALA A 1 93  ? 2.443   2.658   -5.323  1.00 18.42 ? 103 ALA A CA  1 
ATOM   704  C C   . ALA A 1 93  ? 2.986   4.045   -5.664  1.00 19.30 ? 103 ALA A C   1 
ATOM   705  O O   . ALA A 1 93  ? 4.177   4.315   -5.497  1.00 19.05 ? 103 ALA A O   1 
ATOM   706  C CB  . ALA A 1 93  ? 2.296   1.830   -6.603  1.00 17.91 ? 103 ALA A CB  1 
ATOM   707  N N   . ILE A 1 94  ? 2.109   4.913   -6.162  1.00 17.85 ? 104 ILE A N   1 
ATOM   708  C CA  . ILE A 1 94  ? 2.493   6.275   -6.513  1.00 18.74 ? 104 ILE A CA  1 
ATOM   709  C C   . ILE A 1 94  ? 2.845   7.054   -5.244  1.00 18.85 ? 104 ILE A C   1 
ATOM   710  O O   . ILE A 1 94  ? 3.809   7.823   -5.222  1.00 19.34 ? 104 ILE A O   1 
ATOM   711  C CB  . ILE A 1 94  ? 1.347   6.985   -7.279  1.00 19.72 ? 104 ILE A CB  1 
ATOM   712  C CG1 . ILE A 1 94  ? 1.282   6.443   -8.710  1.00 22.42 ? 104 ILE A CG1 1 
ATOM   713  C CG2 . ILE A 1 94  ? 1.548   8.501   -7.276  1.00 19.33 ? 104 ILE A CG2 1 
ATOM   714  C CD1 . ILE A 1 94  ? 0.095   6.955   -9.508  1.00 25.19 ? 104 ILE A CD1 1 
ATOM   715  N N   . CYS A 1 95  ? 2.066   6.847   -4.185  1.00 17.99 ? 105 CYS A N   1 
ATOM   716  C CA  . CYS A 1 95  ? 2.321   7.525   -2.918  1.00 17.86 ? 105 CYS A CA  1 
ATOM   717  C C   . CYS A 1 95  ? 3.705   7.125   -2.383  1.00 18.24 ? 105 CYS A C   1 
ATOM   718  O O   . CYS A 1 95  ? 4.448   7.978   -1.882  1.00 15.34 ? 105 CYS A O   1 
ATOM   719  C CB  . CYS A 1 95  ? 1.232   7.161   -1.912  1.00 18.47 ? 105 CYS A CB  1 
ATOM   720  S SG  . CYS A 1 95  ? 1.213   8.091   -0.343  1.00 18.68 ? 105 CYS A SG  1 
ATOM   721  N N   . PHE A 1 96  ? 4.053   5.840   -2.490  1.00 17.04 ? 106 PHE A N   1 
ATOM   722  C CA  . PHE A 1 96  ? 5.370   5.383   -2.030  1.00 18.96 ? 106 PHE A CA  1 
ATOM   723  C C   . PHE A 1 96  ? 6.473   6.079   -2.824  1.00 20.06 ? 106 PHE A C   1 
ATOM   724  O O   . PHE A 1 96  ? 7.497   6.482   -2.269  1.00 20.79 ? 106 PHE A O   1 
ATOM   725  C CB  . PHE A 1 96  ? 5.544   3.866   -2.204  1.00 18.07 ? 106 PHE A CB  1 
ATOM   726  C CG  . PHE A 1 96  ? 4.707   3.033   -1.271  1.00 17.53 ? 106 PHE A CG  1 
ATOM   727  C CD1 . PHE A 1 96  ? 4.394   3.485   0.004   1.00 17.62 ? 106 PHE A CD1 1 
ATOM   728  C CD2 . PHE A 1 96  ? 4.257   1.775   -1.665  1.00 18.90 ? 106 PHE A CD2 1 
ATOM   729  C CE1 . PHE A 1 96  ? 3.655   2.684   0.885   1.00 18.34 ? 106 PHE A CE1 1 
ATOM   730  C CE2 . PHE A 1 96  ? 3.521   0.972   -0.796  1.00 19.18 ? 106 PHE A CE2 1 
ATOM   731  C CZ  . PHE A 1 96  ? 3.214   1.429   0.478   1.00 19.08 ? 106 PHE A CZ  1 
ATOM   732  N N   . ARG A 1 97  ? 6.265   6.197   -4.130  1.00 20.81 ? 107 ARG A N   1 
ATOM   733  C CA  . ARG A 1 97  ? 7.235   6.842   -5.005  1.00 21.96 ? 107 ARG A CA  1 
ATOM   734  C C   . ARG A 1 97  ? 7.374   8.325   -4.675  1.00 23.55 ? 107 ARG A C   1 
ATOM   735  O O   . ARG A 1 97  ? 8.469   8.884   -4.730  1.00 23.02 ? 107 ARG A O   1 
ATOM   736  C CB  . ARG A 1 97  ? 6.813   6.685   -6.473  1.00 22.10 ? 107 ARG A CB  1 
ATOM   737  C CG  . ARG A 1 97  ? 7.705   7.441   -7.453  1.00 23.26 ? 107 ARG A CG  1 
ATOM   738  C CD  . ARG A 1 97  ? 9.098   6.837   -7.505  1.00 23.13 ? 107 ARG A CD  1 
ATOM   739  N NE  . ARG A 1 97  ? 9.970   7.551   -8.434  1.00 26.88 ? 107 ARG A NE  1 
ATOM   740  C CZ  . ARG A 1 97  ? 10.720  8.599   -8.104  1.00 30.68 ? 107 ARG A CZ  1 
ATOM   741  N NH1 . ARG A 1 97  ? 11.479  9.188   -9.024  1.00 30.86 ? 107 ARG A NH1 1 
ATOM   742  N NH2 . ARG A 1 97  ? 10.729  9.048   -6.854  1.00 28.14 ? 107 ARG A NH2 1 
ATOM   743  N N   . GLN A 1 98  ? 6.261   8.960   -4.323  1.00 24.41 ? 108 GLN A N   1 
ATOM   744  C CA  . GLN A 1 98  ? 6.276   10.381  -4.004  1.00 26.14 ? 108 GLN A CA  1 
ATOM   745  C C   . GLN A 1 98  ? 7.004   10.673  -2.694  1.00 25.64 ? 108 GLN A C   1 
ATOM   746  O O   . GLN A 1 98  ? 7.524   11.770  -2.495  1.00 25.91 ? 108 GLN A O   1 
ATOM   747  C CB  . GLN A 1 98  ? 4.838   10.918  -3.933  1.00 26.75 ? 108 GLN A CB  1 
ATOM   748  C CG  . GLN A 1 98  ? 4.745   12.440  -3.958  1.00 33.40 ? 108 GLN A CG  1 
ATOM   749  C CD  . GLN A 1 98  ? 3.348   12.954  -4.297  1.00 36.64 ? 108 GLN A CD  1 
ATOM   750  O OE1 . GLN A 1 98  ? 3.189   14.091  -4.740  1.00 39.85 ? 108 GLN A OE1 1 
ATOM   751  N NE2 . GLN A 1 98  ? 2.334   12.121  -4.085  1.00 36.13 ? 108 GLN A NE2 1 
ATOM   752  N N   . ASN A 1 99  ? 7.064   9.686   -1.809  1.00 24.44 ? 109 ASN A N   1 
ATOM   753  C CA  . ASN A 1 99  ? 7.708   9.890   -0.518  1.00 24.65 ? 109 ASN A CA  1 
ATOM   754  C C   . ASN A 1 99  ? 8.973   9.081   -0.277  1.00 24.23 ? 109 ASN A C   1 
ATOM   755  O O   . ASN A 1 99  ? 9.402   8.926   0.868   1.00 23.47 ? 109 ASN A O   1 
ATOM   756  C CB  . ASN A 1 99  ? 6.697   9.622   0.594   1.00 24.07 ? 109 ASN A CB  1 
ATOM   757  C CG  . ASN A 1 99  ? 5.533   10.591  0.555   1.00 26.36 ? 109 ASN A CG  1 
ATOM   758  O OD1 . ASN A 1 99  ? 5.690   11.779  0.842   1.00 25.85 ? 109 ASN A OD1 1 
ATOM   759  N ND2 . ASN A 1 99  ? 4.359   10.092  0.182   1.00 26.35 ? 109 ASN A ND2 1 
ATOM   760  N N   . LEU A 1 100 ? 9.571   8.572   -1.349  1.00 25.05 ? 110 LEU A N   1 
ATOM   761  C CA  . LEU A 1 100 ? 10.802  7.794   -1.228  1.00 28.70 ? 110 LEU A CA  1 
ATOM   762  C C   . LEU A 1 100 ? 11.898  8.571   -0.501  1.00 30.36 ? 110 LEU A C   1 
ATOM   763  O O   . LEU A 1 100 ? 12.647  7.999   0.295   1.00 30.16 ? 110 LEU A O   1 
ATOM   764  C CB  . LEU A 1 100 ? 11.326  7.394   -2.609  1.00 29.12 ? 110 LEU A CB  1 
ATOM   765  C CG  . LEU A 1 100 ? 11.176  5.938   -3.049  1.00 30.60 ? 110 LEU A CG  1 
ATOM   766  C CD1 . LEU A 1 100 ? 11.883  5.748   -4.385  1.00 28.82 ? 110 LEU A CD1 1 
ATOM   767  C CD2 . LEU A 1 100 ? 11.772  5.010   -1.997  1.00 31.81 ? 110 LEU A CD2 1 
ATOM   768  N N   . ASN A 1 101 ? 11.988  9.873   -0.772  1.00 31.95 ? 111 ASN A N   1 
ATOM   769  C CA  . ASN A 1 101 ? 13.016  10.709  -0.156  1.00 34.15 ? 111 ASN A CA  1 
ATOM   770  C C   . ASN A 1 101 ? 13.016  10.700  1.367   1.00 33.65 ? 111 ASN A C   1 
ATOM   771  O O   . ASN A 1 101 ? 14.070  10.856  1.984   1.00 35.06 ? 111 ASN A O   1 
ATOM   772  C CB  . ASN A 1 101 ? 12.902  12.157  -0.645  1.00 37.55 ? 111 ASN A CB  1 
ATOM   773  C CG  . ASN A 1 101 ? 13.213  12.300  -2.120  1.00 41.37 ? 111 ASN A CG  1 
ATOM   774  O OD1 . ASN A 1 101 ? 14.254  11.848  -2.592  1.00 45.81 ? 111 ASN A OD1 1 
ATOM   775  N ND2 . ASN A 1 101 ? 12.304  12.937  -2.859  1.00 44.29 ? 111 ASN A ND2 1 
ATOM   776  N N   . THR A 1 102 ? 11.851  10.523  1.981   1.00 31.77 ? 112 THR A N   1 
ATOM   777  C CA  . THR A 1 102 ? 11.793  10.502  3.440   1.00 30.05 ? 112 THR A CA  1 
ATOM   778  C C   . THR A 1 102 ? 11.683  9.094   4.022   1.00 29.06 ? 112 THR A C   1 
ATOM   779  O O   . THR A 1 102 ? 11.542  8.930   5.231   1.00 27.18 ? 112 THR A O   1 
ATOM   780  C CB  . THR A 1 102 ? 10.628  11.349  3.977   1.00 28.95 ? 112 THR A CB  1 
ATOM   781  O OG1 . THR A 1 102 ? 9.390   10.824  3.485   1.00 28.82 ? 112 THR A OG1 1 
ATOM   782  C CG2 . THR A 1 102 ? 10.782  12.798  3.529   1.00 29.17 ? 112 THR A CG2 1 
ATOM   783  N N   . TYR A 1 103 ? 11.745  8.081   3.162   1.00 29.29 ? 113 TYR A N   1 
ATOM   784  C CA  . TYR A 1 103 ? 11.679  6.695   3.623   1.00 30.33 ? 113 TYR A CA  1 
ATOM   785  C C   . TYR A 1 103 ? 12.815  6.502   4.630   1.00 31.13 ? 113 TYR A C   1 
ATOM   786  O O   . TYR A 1 103 ? 13.975  6.756   4.310   1.00 31.87 ? 113 TYR A O   1 
ATOM   787  C CB  . TYR A 1 103 ? 11.850  5.737   2.432   1.00 28.77 ? 113 TYR A CB  1 
ATOM   788  C CG  . TYR A 1 103 ? 11.844  4.269   2.804   1.00 28.97 ? 113 TYR A CG  1 
ATOM   789  C CD1 . TYR A 1 103 ? 12.958  3.674   3.402   1.00 29.96 ? 113 TYR A CD1 1 
ATOM   790  C CD2 . TYR A 1 103 ? 10.716  3.482   2.590   1.00 29.41 ? 113 TYR A CD2 1 
ATOM   791  C CE1 . TYR A 1 103 ? 12.947  2.331   3.778   1.00 29.67 ? 113 TYR A CE1 1 
ATOM   792  C CE2 . TYR A 1 103 ? 10.691  2.137   2.969   1.00 29.47 ? 113 TYR A CE2 1 
ATOM   793  C CZ  . TYR A 1 103 ? 11.809  1.570   3.562   1.00 30.39 ? 113 TYR A CZ  1 
ATOM   794  O OH  . TYR A 1 103 ? 11.786  0.250   3.954   1.00 30.07 ? 113 TYR A OH  1 
ATOM   795  N N   . SER A 1 104 ? 12.481  6.056   5.839   1.00 32.56 ? 114 SER A N   1 
ATOM   796  C CA  . SER A 1 104 ? 13.485  5.860   6.882   1.00 34.05 ? 114 SER A CA  1 
ATOM   797  C C   . SER A 1 104 ? 13.599  4.432   7.415   1.00 35.52 ? 114 SER A C   1 
ATOM   798  O O   . SER A 1 104 ? 12.627  3.822   7.861   1.00 32.95 ? 114 SER A O   1 
ATOM   799  C CB  . SER A 1 104 ? 13.208  6.806   8.050   1.00 35.33 ? 114 SER A CB  1 
ATOM   800  O OG  . SER A 1 104 ? 14.073  6.524   9.137   1.00 38.16 ? 114 SER A OG  1 
ATOM   801  N N   . LYS A 1 105 ? 14.815  3.896   7.358   1.00 37.05 ? 115 LYS A N   1 
ATOM   802  C CA  . LYS A 1 105 ? 15.094  2.547   7.829   1.00 39.17 ? 115 LYS A CA  1 
ATOM   803  C C   . LYS A 1 105 ? 14.805  2.374   9.315   1.00 39.23 ? 115 LYS A C   1 
ATOM   804  O O   . LYS A 1 105 ? 14.658  1.249   9.790   1.00 39.93 ? 115 LYS A O   1 
ATOM   805  C CB  . LYS A 1 105 ? 16.558  2.185   7.559   1.00 42.00 ? 115 LYS A CB  1 
ATOM   806  C CG  . LYS A 1 105 ? 16.938  2.299   6.088   1.00 44.50 ? 115 LYS A CG  1 
ATOM   807  C CD  . LYS A 1 105 ? 18.409  2.594   5.936   1.00 46.97 ? 115 LYS A CD  1 
ATOM   808  C CE  . LYS A 1 105 ? 19.019  1.751   4.811   1.00 48.76 ? 115 LYS A CE  1 
ATOM   809  N NZ  . LYS A 1 105 ? 19.546  0.445   5.305   1.00 51.12 ? 115 LYS A NZ  1 
ATOM   810  N N   . LYS A 1 106 ? 14.718  3.474   10.056  1.00 38.91 ? 116 LYS A N   1 
ATOM   811  C CA  . LYS A 1 106 ? 14.454  3.360   11.484  1.00 39.11 ? 116 LYS A CA  1 
ATOM   812  C C   . LYS A 1 106 ? 13.016  2.948   11.791  1.00 38.07 ? 116 LYS A C   1 
ATOM   813  O O   . LYS A 1 106 ? 12.680  2.656   12.942  1.00 37.33 ? 116 LYS A O   1 
ATOM   814  C CB  . LYS A 1 106 ? 14.807  4.668   12.179  1.00 40.26 ? 116 LYS A CB  1 
ATOM   815  C CG  . LYS A 1 106 ? 13.681  5.695   12.240  1.00 43.18 ? 116 LYS A CG  1 
ATOM   816  C CD  . LYS A 1 106 ? 13.966  6.723   13.338  1.00 45.20 ? 116 LYS A CD  1 
ATOM   817  C CE  . LYS A 1 106 ? 13.092  7.968   13.186  1.00 46.84 ? 116 LYS A CE  1 
ATOM   818  N NZ  . LYS A 1 106 ? 13.662  8.946   12.215  1.00 47.89 ? 116 LYS A NZ  1 
ATOM   819  N N   . TYR A 1 107 ? 12.169  2.920   10.765  1.00 35.94 ? 117 TYR A N   1 
ATOM   820  C CA  . TYR A 1 107 ? 10.779  2.524   10.954  1.00 34.83 ? 117 TYR A CA  1 
ATOM   821  C C   . TYR A 1 107 ? 10.534  1.078   10.544  1.00 33.66 ? 117 TYR A C   1 
ATOM   822  O O   . TYR A 1 107 ? 9.419   0.573   10.662  1.00 32.94 ? 117 TYR A O   1 
ATOM   823  C CB  . TYR A 1 107 ? 9.842   3.470   10.196  1.00 34.89 ? 117 TYR A CB  1 
ATOM   824  C CG  . TYR A 1 107 ? 9.743   4.831   10.848  1.00 34.37 ? 117 TYR A CG  1 
ATOM   825  C CD1 . TYR A 1 107 ? 9.337   4.953   12.177  1.00 34.48 ? 117 TYR A CD1 1 
ATOM   826  C CD2 . TYR A 1 107 ? 10.065  5.994   10.146  1.00 35.20 ? 117 TYR A CD2 1 
ATOM   827  C CE1 . TYR A 1 107 ? 9.254   6.199   12.795  1.00 36.02 ? 117 TYR A CE1 1 
ATOM   828  C CE2 . TYR A 1 107 ? 9.983   7.252   10.757  1.00 34.72 ? 117 TYR A CE2 1 
ATOM   829  C CZ  . TYR A 1 107 ? 9.576   7.343   12.081  1.00 35.35 ? 117 TYR A CZ  1 
ATOM   830  O OH  . TYR A 1 107 ? 9.477   8.571   12.690  1.00 37.45 ? 117 TYR A OH  1 
ATOM   831  N N   . MET A 1 108 ? 11.578  0.412   10.059  1.00 33.62 ? 118 MET A N   1 
ATOM   832  C CA  . MET A 1 108 ? 11.468  -0.990  9.674   1.00 33.86 ? 118 MET A CA  1 
ATOM   833  C C   . MET A 1 108 ? 11.364  -1.828  10.948  1.00 32.63 ? 118 MET A C   1 
ATOM   834  O O   . MET A 1 108 ? 12.056  -1.558  11.929  1.00 32.64 ? 118 MET A O   1 
ATOM   835  C CB  . MET A 1 108 ? 12.694  -1.423  8.859   1.00 36.46 ? 118 MET A CB  1 
ATOM   836  C CG  . MET A 1 108 ? 12.529  -1.252  7.348   1.00 41.25 ? 118 MET A CG  1 
ATOM   837  S SD  . MET A 1 108 ? 13.965  -1.760  6.348   1.00 45.48 ? 118 MET A SD  1 
ATOM   838  C CE  . MET A 1 108 ? 14.889  -2.788  7.513   1.00 44.94 ? 118 MET A CE  1 
ATOM   839  N N   . LEU A 1 109 ? 10.496  -2.835  10.934  1.00 31.39 ? 119 LEU A N   1 
ATOM   840  C CA  . LEU A 1 109 ? 10.300  -3.699  12.098  1.00 30.84 ? 119 LEU A CA  1 
ATOM   841  C C   . LEU A 1 109 ? 9.908   -2.870  13.315  1.00 30.30 ? 119 LEU A C   1 
ATOM   842  O O   . LEU A 1 109 ? 10.298  -3.184  14.442  1.00 30.59 ? 119 LEU A O   1 
ATOM   843  C CB  . LEU A 1 109 ? 11.583  -4.472  12.412  1.00 31.72 ? 119 LEU A CB  1 
ATOM   844  C CG  . LEU A 1 109 ? 12.121  -5.369  11.299  1.00 32.26 ? 119 LEU A CG  1 
ATOM   845  C CD1 . LEU A 1 109 ? 13.443  -5.974  11.735  1.00 32.10 ? 119 LEU A CD1 1 
ATOM   846  C CD2 . LEU A 1 109 ? 11.113  -6.457  10.976  1.00 32.66 ? 119 LEU A CD2 1 
ATOM   847  N N   . TYR A 1 110 ? 9.133   -1.813  13.084  1.00 28.10 ? 120 TYR A N   1 
ATOM   848  C CA  . TYR A 1 110 ? 8.699   -0.932  14.161  1.00 27.13 ? 120 TYR A CA  1 
ATOM   849  C C   . TYR A 1 110 ? 7.903   -1.729  15.204  1.00 26.61 ? 120 TYR A C   1 
ATOM   850  O O   . TYR A 1 110 ? 7.003   -2.493  14.862  1.00 25.04 ? 120 TYR A O   1 
ATOM   851  C CB  . TYR A 1 110 ? 7.851   0.204   13.580  1.00 26.66 ? 120 TYR A CB  1 
ATOM   852  C CG  . TYR A 1 110 ? 7.758   1.419   14.469  1.00 27.04 ? 120 TYR A CG  1 
ATOM   853  C CD1 . TYR A 1 110 ? 8.884   2.203   14.737  1.00 27.22 ? 120 TYR A CD1 1 
ATOM   854  C CD2 . TYR A 1 110 ? 6.543   1.790   15.045  1.00 27.31 ? 120 TYR A CD2 1 
ATOM   855  C CE1 . TYR A 1 110 ? 8.799   3.326   15.555  1.00 27.84 ? 120 TYR A CE1 1 
ATOM   856  C CE2 . TYR A 1 110 ? 6.447   2.908   15.863  1.00 26.55 ? 120 TYR A CE2 1 
ATOM   857  C CZ  . TYR A 1 110 ? 7.577   3.670   16.114  1.00 28.79 ? 120 TYR A CZ  1 
ATOM   858  O OH  . TYR A 1 110 ? 7.470   4.777   16.920  1.00 30.99 ? 120 TYR A OH  1 
ATOM   859  N N   . PRO A 1 111 ? 8.226   -1.552  16.498  1.00 27.24 ? 121 PRO A N   1 
ATOM   860  C CA  . PRO A 1 111 ? 7.531   -2.274  17.573  1.00 27.35 ? 121 PRO A CA  1 
ATOM   861  C C   . PRO A 1 111 ? 6.074   -1.850  17.721  1.00 27.28 ? 121 PRO A C   1 
ATOM   862  O O   . PRO A 1 111 ? 5.745   -0.671  17.614  1.00 27.30 ? 121 PRO A O   1 
ATOM   863  C CB  . PRO A 1 111 ? 8.333   -1.915  18.830  1.00 27.05 ? 121 PRO A CB  1 
ATOM   864  C CG  . PRO A 1 111 ? 9.566   -1.186  18.319  1.00 27.99 ? 121 PRO A CG  1 
ATOM   865  C CD  . PRO A 1 111 ? 9.101   -0.517  17.062  1.00 27.44 ? 121 PRO A CD  1 
ATOM   866  N N   . ASP A 1 112 ? 5.215   -2.818  18.012  1.00 27.58 ? 122 ASP A N   1 
ATOM   867  C CA  . ASP A 1 112 ? 3.792   -2.566  18.181  1.00 28.29 ? 122 ASP A CA  1 
ATOM   868  C C   . ASP A 1 112 ? 3.407   -1.593  19.300  1.00 28.76 ? 122 ASP A C   1 
ATOM   869  O O   . ASP A 1 112 ? 2.529   -0.746  19.103  1.00 27.58 ? 122 ASP A O   1 
ATOM   870  C CB  . ASP A 1 112 ? 3.060   -3.893  18.401  1.00 27.87 ? 122 ASP A CB  1 
ATOM   871  C CG  . ASP A 1 112 ? 1.568   -3.705  18.666  1.00 28.11 ? 122 ASP A CG  1 
ATOM   872  O OD1 . ASP A 1 112 ? 1.191   -3.349  19.802  1.00 26.14 ? 122 ASP A OD1 1 
ATOM   873  O OD2 . ASP A 1 112 ? 0.771   -3.910  17.732  1.00 29.45 ? 122 ASP A OD2 1 
ATOM   874  N N   . PHE A 1 113 ? 4.046   -1.697  20.463  1.00 29.28 ? 124 PHE A N   1 
ATOM   875  C CA  . PHE A 1 113 ? 3.673   -0.817  21.567  1.00 29.49 ? 124 PHE A CA  1 
ATOM   876  C C   . PHE A 1 113 ? 3.877   0.667   21.283  1.00 29.74 ? 124 PHE A C   1 
ATOM   877  O O   . PHE A 1 113 ? 3.318   1.508   21.984  1.00 29.41 ? 124 PHE A O   1 
ATOM   878  C CB  . PHE A 1 113 ? 4.405   -1.199  22.863  1.00 28.97 ? 124 PHE A CB  1 
ATOM   879  C CG  . PHE A 1 113 ? 5.804   -0.660  22.964  1.00 29.78 ? 124 PHE A CG  1 
ATOM   880  C CD1 . PHE A 1 113 ? 6.814   -1.149  22.145  1.00 29.00 ? 124 PHE A CD1 1 
ATOM   881  C CD2 . PHE A 1 113 ? 6.116   0.325   23.903  1.00 31.70 ? 124 PHE A CD2 1 
ATOM   882  C CE1 . PHE A 1 113 ? 8.117   -0.671  22.258  1.00 30.18 ? 124 PHE A CE1 1 
ATOM   883  C CE2 . PHE A 1 113 ? 7.419   0.811   24.025  1.00 30.45 ? 124 PHE A CE2 1 
ATOM   884  C CZ  . PHE A 1 113 ? 8.422   0.313   23.200  1.00 31.14 ? 124 PHE A CZ  1 
ATOM   885  N N   . LEU A 1 114 ? 4.670   0.997   20.269  1.00 30.17 ? 125 LEU A N   1 
ATOM   886  C CA  . LEU A 1 114 ? 4.896   2.401   19.948  1.00 31.36 ? 125 LEU A CA  1 
ATOM   887  C C   . LEU A 1 114 ? 3.841   2.952   18.996  1.00 32.12 ? 125 LEU A C   1 
ATOM   888  O O   . LEU A 1 114 ? 3.836   4.146   18.667  1.00 32.76 ? 125 LEU A O   1 
ATOM   889  C CB  . LEU A 1 114 ? 6.288   2.607   19.356  1.00 31.82 ? 125 LEU A CB  1 
ATOM   890  C CG  . LEU A 1 114 ? 7.478   2.408   20.305  1.00 33.43 ? 125 LEU A CG  1 
ATOM   891  C CD1 . LEU A 1 114 ? 8.760   2.602   19.521  1.00 32.92 ? 125 LEU A CD1 1 
ATOM   892  C CD2 . LEU A 1 114 ? 7.415   3.390   21.468  1.00 32.53 ? 125 LEU A CD2 1 
ATOM   893  N N   . CYS A 1 115 ? 2.941   2.087   18.542  1.00 32.40 ? 126 CYS A N   1 
ATOM   894  C CA  . CYS A 1 115 ? 1.880   2.534   17.647  1.00 35.14 ? 126 CYS A CA  1 
ATOM   895  C C   . CYS A 1 115 ? 0.666   2.871   18.490  1.00 39.29 ? 126 CYS A C   1 
ATOM   896  O O   . CYS A 1 115 ? -0.168  2.019   18.760  1.00 40.09 ? 126 CYS A O   1 
ATOM   897  C CB  . CYS A 1 115 ? 1.546   1.451   16.643  1.00 29.75 ? 126 CYS A CB  1 
ATOM   898  S SG  . CYS A 1 115 ? 2.900   1.285   15.472  1.00 26.31 ? 126 CYS A SG  1 
ATOM   899  N N   . LYS A 1 116 ? 0.571   4.125   18.914  1.00 42.86 ? 127 LYS A N   1 
ATOM   900  C CA  . LYS A 1 116 ? -0.562  4.573   19.716  1.00 47.26 ? 127 LYS A CA  1 
ATOM   901  C C   . LYS A 1 116 ? -1.194  5.786   19.077  1.00 49.15 ? 127 LYS A C   1 
ATOM   902  O O   . LYS A 1 116 ? -0.528  6.526   18.344  1.00 48.99 ? 127 LYS A O   1 
ATOM   903  C CB  . LYS A 1 116 ? -0.111  4.884   21.145  1.00 49.17 ? 127 LYS A CB  1 
ATOM   904  C CG  . LYS A 1 116 ? 1.391   5.020   21.315  1.00 51.84 ? 127 LYS A CG  1 
ATOM   905  C CD  . LYS A 1 116 ? 1.874   4.103   22.422  1.00 53.40 ? 127 LYS A CD  1 
ATOM   906  C CE  . LYS A 1 116 ? 3.063   4.662   23.167  1.00 54.40 ? 127 LYS A CE  1 
ATOM   907  N NZ  . LYS A 1 116 ? 3.290   3.780   24.338  1.00 55.51 ? 127 LYS A NZ  1 
ATOM   908  N N   . GLY A 1 117 ? -2.474  6.001   19.353  1.00 51.14 ? 128 GLY A N   1 
ATOM   909  C CA  . GLY A 1 117 ? -3.138  7.152   18.774  1.00 53.81 ? 128 GLY A CA  1 
ATOM   910  C C   . GLY A 1 117 ? -4.503  6.807   18.213  1.00 55.16 ? 128 GLY A C   1 
ATOM   911  O O   . GLY A 1 117 ? -4.910  5.643   18.199  1.00 55.45 ? 128 GLY A O   1 
ATOM   912  N N   . GLU A 1 118 ? -5.207  7.826   17.738  1.00 55.37 ? 129 GLU A N   1 
ATOM   913  C CA  . GLU A 1 118 ? -6.543  7.665   17.192  1.00 56.12 ? 129 GLU A CA  1 
ATOM   914  C C   . GLU A 1 118 ? -6.522  8.264   15.779  1.00 54.62 ? 129 GLU A C   1 
ATOM   915  O O   . GLU A 1 118 ? -6.003  9.355   15.578  1.00 54.83 ? 129 GLU A O   1 
ATOM   916  C CB  . GLU A 1 118 ? -7.530  8.415   18.104  1.00 58.21 ? 129 GLU A CB  1 
ATOM   917  C CG  . GLU A 1 118 ? -8.873  7.720   18.353  1.00 61.51 ? 129 GLU A CG  1 
ATOM   918  C CD  . GLU A 1 118 ? -9.811  7.831   17.173  1.00 64.04 ? 129 GLU A CD  1 
ATOM   919  O OE1 . GLU A 1 118 ? -9.884  8.930   16.580  1.00 64.75 ? 129 GLU A OE1 1 
ATOM   920  O OE2 . GLU A 1 118 ? -10.487 6.827   16.850  1.00 65.86 ? 129 GLU A OE2 1 
ATOM   921  N N   . LEU A 1 119 ? -7.021  7.528   14.794  1.00 52.12 ? 130 LEU A N   1 
ATOM   922  C CA  . LEU A 1 119 ? -7.061  8.040   13.431  1.00 49.30 ? 130 LEU A CA  1 
ATOM   923  C C   . LEU A 1 119 ? -8.078  7.250   12.648  1.00 47.33 ? 130 LEU A C   1 
ATOM   924  O O   . LEU A 1 119 ? -7.832  6.100   12.289  1.00 46.92 ? 130 LEU A O   1 
ATOM   925  C CB  . LEU A 1 119 ? -5.690  7.936   12.752  1.00 49.82 ? 130 LEU A CB  1 
ATOM   926  C CG  . LEU A 1 119 ? -5.210  9.177   11.985  1.00 50.77 ? 130 LEU A CG  1 
ATOM   927  C CD1 . LEU A 1 119 ? -4.214  8.770   10.904  1.00 50.23 ? 130 LEU A CD1 1 
ATOM   928  C CD2 . LEU A 1 119 ? -6.389  9.900   11.345  1.00 51.53 ? 130 LEU A CD2 1 
ATOM   929  N N   . LYS A 1 120 ? -9.227  7.869   12.399  1.00 44.50 ? 131 LYS A N   1 
ATOM   930  C CA  . LYS A 1 120 ? -10.308 7.211   11.682  1.00 41.24 ? 131 LYS A CA  1 
ATOM   931  C C   . LYS A 1 120 ? -10.132 7.500   10.191  1.00 37.14 ? 131 LYS A C   1 
ATOM   932  O O   . LYS A 1 120 ? -9.527  8.510   9.811   1.00 34.51 ? 131 LYS A O   1 
ATOM   933  C CB  . LYS A 1 120 ? -11.648 7.753   12.167  1.00 44.32 ? 131 LYS A CB  1 
ATOM   934  C CG  . LYS A 1 120 ? -12.668 6.663   12.524  1.00 49.19 ? 131 LYS A CG  1 
ATOM   935  C CD  . LYS A 1 120 ? -13.830 7.228   13.334  1.00 52.48 ? 131 LYS A CD  1 
ATOM   936  C CE  . LYS A 1 120 ? -14.691 6.110   13.908  1.00 54.22 ? 131 LYS A CE  1 
ATOM   937  N NZ  . LYS A 1 120 ? -15.706 6.608   14.885  1.00 55.74 ? 131 LYS A NZ  1 
ATOM   938  N N   . CYS A 1 121 ? -10.613 6.598   9.341   1.00 33.15 ? 133 CYS A N   1 
ATOM   939  C CA  . CYS A 1 121 ? -10.484 6.789   7.901   1.00 30.62 ? 133 CYS A CA  1 
ATOM   940  C C   . CYS A 1 121 ? -11.385 7.917   7.434   1.00 29.83 ? 133 CYS A C   1 
ATOM   941  O O   . CYS A 1 121 ? -12.447 8.108   8.059   1.00 29.35 ? 133 CYS A O   1 
ATOM   942  C CB  . CYS A 1 121 ? -10.862 5.512   7.165   1.00 28.89 ? 133 CYS A CB  1 
ATOM   943  S SG  . CYS A 1 121 ? -9.707  4.120   7.379   1.00 26.05 ? 133 CYS A SG  1 
ATOM   944  O OXT . CYS A 1 121 ? -11.022 8.575   6.439   1.00 27.59 ? 133 CYS A OXT 1 
HETATM 945  O O1  . 2TN B 2 .   ? -1.889  -4.146  1.747   1.00 48.31 ? 201 2TN A O1  1 
HETATM 946  C C11 . 2TN B 2 .   ? -0.741  -4.599  2.016   1.00 50.44 ? 201 2TN A C11 1 
HETATM 947  N N2  . 2TN B 2 .   ? 0.285   -4.647  1.147   1.00 49.61 ? 201 2TN A N2  1 
HETATM 948  C C10 . 2TN B 2 .   ? -0.367  -5.159  3.399   1.00 49.35 ? 201 2TN A C10 1 
HETATM 949  C C7  . 2TN B 2 .   ? 0.467   -6.461  3.424   1.00 49.54 ? 201 2TN A C7  1 
HETATM 950  C C8  . 2TN B 2 .   ? -0.151  -7.752  3.484   1.00 49.58 ? 201 2TN A C8  1 
HETATM 951  C C9  . 2TN B 2 .   ? 0.627   -8.955  3.499   1.00 49.50 ? 201 2TN A C9  1 
HETATM 952  C C4  . 2TN B 2 .   ? 2.060   -8.874  3.452   1.00 49.68 ? 201 2TN A C4  1 
HETATM 953  C C5  . 2TN B 2 .   ? 2.675   -7.606  3.395   1.00 49.45 ? 201 2TN A C5  1 
HETATM 954  C C6  . 2TN B 2 .   ? 1.891   -6.413  3.382   1.00 49.13 ? 201 2TN A C6  1 
HETATM 955  O O2  . 2TN B 2 .   ? 2.858   -10.002 3.459   1.00 50.91 ? 201 2TN A O2  1 
HETATM 956  C C1  . 2TN B 2 .   ? 2.943   -10.858 2.286   1.00 51.32 ? 201 2TN A C1  1 
HETATM 957  C C2  . 2TN B 2 .   ? 2.672   -12.336 2.603   1.00 50.86 ? 201 2TN A C2  1 
HETATM 958  O O3  . 2TN B 2 .   ? 1.465   -12.492 3.380   1.00 50.73 ? 201 2TN A O3  1 
HETATM 959  C C3  . 2TN B 2 .   ? 3.872   -12.935 3.349   1.00 50.35 ? 201 2TN A C3  1 
HETATM 960  N N1  . 2TN B 2 .   ? 4.309   -14.144 2.652   1.00 49.52 ? 201 2TN A N1  1 
HETATM 961  C C12 . 2TN B 2 .   ? 5.650   -14.247 2.097   1.00 49.42 ? 201 2TN A C12 1 
HETATM 962  C C14 . 2TN B 2 .   ? 5.536   -14.495 0.591   1.00 48.38 ? 201 2TN A C14 1 
HETATM 963  C C13 . 2TN B 2 .   ? 6.432   -15.383 2.771   1.00 48.48 ? 201 2TN A C13 1 
HETATM 964  O O   . HOH C 3 .   ? -2.165  4.964   -0.468  1.00 14.41 ? 202 HOH A O   1 
HETATM 965  O O   . HOH C 3 .   ? 8.302   5.274   0.197   1.00 18.97 ? 203 HOH A O   1 
HETATM 966  O O   . HOH C 3 .   ? -13.712 -10.406 -8.413  1.00 16.87 ? 204 HOH A O   1 
HETATM 967  O O   . HOH C 3 .   ? -13.254 -12.786 -9.977  1.00 18.91 ? 205 HOH A O   1 
HETATM 968  O O   . HOH C 3 .   ? -14.928 -11.031 -3.642  1.00 24.77 ? 206 HOH A O   1 
HETATM 969  O O   . HOH C 3 .   ? -12.541 -9.536  -4.682  1.00 17.40 ? 207 HOH A O   1 
HETATM 970  O O   . HOH C 3 .   ? -4.515  3.714   -1.599  1.00 16.14 ? 208 HOH A O   1 
HETATM 971  O O   . HOH C 3 .   ? -17.199 -4.320  -1.381  1.00 27.78 ? 209 HOH A O   1 
HETATM 972  O O   . HOH C 3 .   ? -18.317 -7.150  -11.410 1.00 23.81 ? 210 HOH A O   1 
HETATM 973  O O   . HOH C 3 .   ? -20.998 -8.876  -2.558  1.00 22.52 ? 211 HOH A O   1 
HETATM 974  O O   . HOH C 3 .   ? -4.275  -6.418  -4.540  1.00 16.82 ? 212 HOH A O   1 
HETATM 975  O O   . HOH C 3 .   ? -8.303  -10.509 0.800   1.00 25.20 ? 213 HOH A O   1 
HETATM 976  O O   . HOH C 3 .   ? -6.029  3.218   -13.980 1.00 29.49 ? 214 HOH A O   1 
HETATM 977  O O   . HOH C 3 .   ? 8.111   12.542  1.931   1.00 25.42 ? 215 HOH A O   1 
HETATM 978  O O   . HOH C 3 .   ? 8.379   8.518   4.400   1.00 22.93 ? 216 HOH A O   1 
HETATM 979  O O   . HOH C 3 .   ? -17.004 -7.265  -8.015  1.00 27.52 ? 217 HOH A O   1 
HETATM 980  O O   . HOH C 3 .   ? -5.620  5.313   -8.077  1.00 23.40 ? 218 HOH A O   1 
HETATM 981  O O   . HOH C 3 .   ? -7.181  5.245   -4.655  1.00 21.31 ? 219 HOH A O   1 
HETATM 982  O O   . HOH C 3 .   ? 3.908   -2.201  10.484  1.00 31.00 ? 220 HOH A O   1 
HETATM 983  O O   . HOH C 3 .   ? 7.630   11.981  6.310   1.00 26.43 ? 221 HOH A O   1 
HETATM 984  O O   . HOH C 3 .   ? 10.620  9.385   7.767   1.00 29.11 ? 222 HOH A O   1 
HETATM 985  O O   . HOH C 3 .   ? 14.164  -0.824  2.703   1.00 41.86 ? 223 HOH A O   1 
HETATM 986  O O   . HOH C 3 .   ? -18.582 -8.410  -3.977  1.00 29.46 ? 224 HOH A O   1 
HETATM 987  O O   . HOH C 3 .   ? 4.571   -2.736  -15.761 1.00 47.81 ? 225 HOH A O   1 
HETATM 988  O O   . HOH C 3 .   ? 8.110   -5.840  -13.667 1.00 44.15 ? 226 HOH A O   1 
HETATM 989  O O   . HOH C 3 .   ? 12.457  -1.312  -10.244 1.00 28.55 ? 227 HOH A O   1 
HETATM 990  O O   . HOH C 3 .   ? -9.203  -3.610  -20.149 1.00 45.69 ? 228 HOH A O   1 
HETATM 991  O O   . HOH C 3 .   ? 0.683   6.144   -12.641 1.00 36.44 ? 229 HOH A O   1 
HETATM 992  O O   . HOH C 3 .   ? 1.864   6.097   16.615  1.00 34.82 ? 230 HOH A O   1 
HETATM 993  O O   . HOH C 3 .   ? 15.136  -1.452  11.642  1.00 55.97 ? 231 HOH A O   1 
HETATM 994  O O   . HOH C 3 .   ? 3.840   16.824  -4.483  1.00 67.41 ? 232 HOH A O   1 
HETATM 995  O O   . HOH C 3 .   ? -7.954  -13.807 -9.276  1.00 32.81 ? 233 HOH A O   1 
HETATM 996  O O   . HOH C 3 .   ? 2.392   8.455   -23.325 1.00 53.62 ? 234 HOH A O   1 
HETATM 997  O O   . HOH C 3 .   ? 1.445   10.113  2.446   1.00 30.43 ? 235 HOH A O   1 
HETATM 998  O O   . HOH C 3 .   ? 7.988   -6.465  -4.604  1.00 35.90 ? 236 HOH A O   1 
HETATM 999  O O   . HOH C 3 .   ? 1.186   -2.118  2.633   1.00 55.49 ? 237 HOH A O   1 
HETATM 1000 O O   . HOH C 3 .   ? -8.373  -6.677  -14.205 1.00 32.21 ? 238 HOH A O   1 
HETATM 1001 O O   . HOH C 3 .   ? -1.297  -1.062  3.110   1.00 37.25 ? 239 HOH A O   1 
HETATM 1002 O O   . HOH C 3 .   ? 10.103  11.916  -1.053  1.00 50.35 ? 240 HOH A O   1 
HETATM 1003 O O   . HOH C 3 .   ? 1.908   11.647  -0.007  1.00 32.12 ? 241 HOH A O   1 
HETATM 1004 O O   . HOH C 3 .   ? -17.092 -3.967  -5.809  1.00 41.74 ? 242 HOH A O   1 
HETATM 1005 O O   . HOH C 3 .   ? -3.385  -6.708  1.977   1.00 58.09 ? 243 HOH A O   1 
HETATM 1006 O O   . HOH C 3 .   ? -0.138  -10.558 -16.021 1.00 49.26 ? 244 HOH A O   1 
HETATM 1007 O O   . HOH C 3 .   ? 0.947   12.388  3.893   1.00 44.04 ? 245 HOH A O   1 
HETATM 1008 O O   . HOH C 3 .   ? 2.477   -5.849  0.810   1.00 53.61 ? 246 HOH A O   1 
HETATM 1009 O O   . HOH C 3 .   ? -10.022 -6.098  -19.784 1.00 50.45 ? 247 HOH A O   1 
HETATM 1010 O O   . HOH C 3 .   ? -15.692 -11.141 -6.480  1.00 20.59 ? 248 HOH A O   1 
HETATM 1011 O O   . HOH C 3 .   ? 7.408   -8.407  -8.032  1.00 56.25 ? 249 HOH A O   1 
HETATM 1012 O O   . HOH C 3 .   ? -7.483  -10.650 -13.666 1.00 39.81 ? 250 HOH A O   1 
HETATM 1013 O O   . HOH C 3 .   ? -6.549  6.490   -11.468 1.00 38.66 ? 251 HOH A O   1 
HETATM 1014 O O   . HOH C 3 .   ? -1.181  7.841   -12.717 1.00 76.94 ? 252 HOH A O   1 
HETATM 1015 O O   . HOH C 3 .   ? 5.135   6.926   -11.139 1.00 41.99 ? 253 HOH A O   1 
HETATM 1016 O O   . HOH C 3 .   ? -9.479  -4.718  4.326   1.00 55.29 ? 254 HOH A O   1 
HETATM 1017 O O   . HOH C 3 .   ? -3.049  8.601   -10.687 1.00 39.49 ? 255 HOH A O   1 
HETATM 1018 O O   . HOH C 3 .   ? -19.030 -10.682 -0.561  1.00 43.60 ? 256 HOH A O   1 
HETATM 1019 O O   . HOH C 3 .   ? -3.053  -11.687 -13.550 1.00 51.36 ? 257 HOH A O   1 
HETATM 1020 O O   . HOH C 3 .   ? -11.451 -1.767  -21.357 1.00 69.56 ? 258 HOH A O   1 
HETATM 1021 O O   . HOH C 3 .   ? 15.689  4.256   1.034   1.00 57.77 ? 259 HOH A O   1 
HETATM 1022 O O   . HOH C 3 .   ? 10.165  5.944   17.270  1.00 54.52 ? 260 HOH A O   1 
HETATM 1023 O O   . HOH C 3 .   ? -10.129 -0.795  -14.240 1.00 30.89 ? 261 HOH A O   1 
HETATM 1024 O O   . HOH C 3 .   ? -3.559  -11.716 -19.401 1.00 53.75 ? 262 HOH A O   1 
HETATM 1025 O O   . HOH C 3 .   ? -21.635 -6.386  -2.456  1.00 47.31 ? 263 HOH A O   1 
HETATM 1026 O O   . HOH C 3 .   ? -18.412 6.503   15.624  1.00 54.06 ? 264 HOH A O   1 
HETATM 1027 O O   . HOH C 3 .   ? 3.633   -4.721  9.997   1.00 52.78 ? 265 HOH A O   1 
HETATM 1028 O O   . HOH C 3 .   ? 3.093   -8.445  -2.389  1.00 45.14 ? 266 HOH A O   1 
HETATM 1029 O O   . HOH C 3 .   ? -8.517  -2.609  5.508   1.00 37.18 ? 267 HOH A O   1 
HETATM 1030 O O   . HOH C 3 .   ? -12.436 3.042   4.797   1.00 35.65 ? 268 HOH A O   1 
HETATM 1031 O O   . HOH C 3 .   ? 4.529   2.058   -22.965 1.00 54.16 ? 269 HOH A O   1 
HETATM 1032 O O   . HOH C 3 .   ? -8.207  2.378   -16.254 1.00 46.34 ? 270 HOH A O   1 
HETATM 1033 O O   . HOH C 3 .   ? -1.096  -14.424 -15.052 1.00 58.85 ? 271 HOH A O   1 
HETATM 1034 O O   . HOH C 3 .   ? -12.388 -0.810  -16.339 1.00 52.89 ? 272 HOH A O   1 
HETATM 1035 O O   . HOH C 3 .   ? 2.495   -2.669  -19.826 1.00 42.53 ? 273 HOH A O   1 
HETATM 1036 O O   . HOH C 3 .   ? -0.084  -0.064  21.498  1.00 58.37 ? 274 HOH A O   1 
HETATM 1037 O O   . HOH C 3 .   ? 8.488   -8.344  -11.237 1.00 59.99 ? 275 HOH A O   1 
HETATM 1038 O O   . HOH C 3 .   ? -11.310 4.135   10.795  1.00 50.58 ? 276 HOH A O   1 
HETATM 1039 O O   . HOH C 3 .   ? -17.294 2.340   -1.190  1.00 51.27 ? 277 HOH A O   1 
HETATM 1040 O O   . HOH C 3 .   ? 2.259   -4.830  -15.707 1.00 47.66 ? 278 HOH A O   1 
HETATM 1041 O O   . HOH C 3 .   ? 15.128  7.208   1.778   1.00 48.85 ? 279 HOH A O   1 
HETATM 1042 O O   . HOH C 3 .   ? 16.816  10.990  0.946   1.00 75.95 ? 280 HOH A O   1 
HETATM 1043 O O   . HOH C 3 .   ? -5.900  -3.272  8.489   1.00 46.43 ? 281 HOH A O   1 
HETATM 1044 O O   . HOH C 3 .   ? -14.971 -6.448  -17.501 1.00 51.59 ? 282 HOH A O   1 
HETATM 1045 O O   . HOH C 3 .   ? 3.733   6.048   -13.367 1.00 47.72 ? 283 HOH A O   1 
HETATM 1046 O O   . HOH C 3 .   ? 10.389  8.341   15.170  1.00 58.21 ? 284 HOH A O   1 
HETATM 1047 O O   . HOH C 3 .   ? -8.687  -7.374  -16.833 1.00 51.03 ? 285 HOH A O   1 
HETATM 1048 O O   . HOH C 3 .   ? 17.512  -1.416  -6.543  1.00 78.07 ? 286 HOH A O   1 
HETATM 1049 O O   . HOH C 3 .   ? -2.857  3.165   19.521  1.00 56.04 ? 287 HOH A O   1 
HETATM 1050 O O   . HOH C 3 .   ? -18.204 -5.780  -3.250  1.00 47.64 ? 288 HOH A O   1 
HETATM 1051 O O   . HOH C 3 .   ? 20.008  1.315   8.312   1.00 52.65 ? 289 HOH A O   1 
HETATM 1052 O O   . HOH C 3 .   ? 16.387  1.057   -2.309  1.00 48.54 ? 290 HOH A O   1 
HETATM 1053 O O   . HOH C 3 .   ? -10.148 1.250   -12.271 1.00 45.03 ? 291 HOH A O   1 
HETATM 1054 O O   . HOH C 3 .   ? 9.119   14.668  0.527   1.00 82.62 ? 292 HOH A O   1 
HETATM 1055 O O   . HOH C 3 .   ? 3.711   9.298   16.385  1.00 73.36 ? 293 HOH A O   1 
HETATM 1056 O O   . HOH C 3 .   ? -2.348  -5.933  -20.852 1.00 54.13 ? 294 HOH A O   1 
HETATM 1057 O O   . HOH C 3 .   ? 0.616   10.747  -2.460  1.00 29.97 ? 295 HOH A O   1 
HETATM 1058 O O   . HOH C 3 .   ? 10.450  10.753  -3.472  1.00 52.99 ? 296 HOH A O   1 
HETATM 1059 O O   . HOH C 3 .   ? -5.652  -0.355  9.396   1.00 44.72 ? 297 HOH A O   1 
HETATM 1060 O O   . HOH C 3 .   ? 9.384   -3.112  6.738   1.00 45.78 ? 298 HOH A O   1 
HETATM 1061 O O   . HOH C 3 .   ? 5.926   1.234   -20.015 1.00 53.78 ? 299 HOH A O   1 
HETATM 1062 O O   . HOH C 3 .   ? 4.414   10.189  -21.619 1.00 58.09 ? 300 HOH A O   1 
HETATM 1063 O O   . HOH C 3 .   ? -4.277  11.912  14.839  1.00 62.41 ? 301 HOH A O   1 
HETATM 1064 O O   . HOH C 3 .   ? 0.575   14.390  -2.487  1.00 58.00 ? 302 HOH A O   1 
HETATM 1065 O O   . HOH C 3 .   ? 4.003   13.833  0.436   1.00 51.14 ? 303 HOH A O   1 
HETATM 1066 O O   . HOH C 3 .   ? -8.100  -3.697  -12.816 1.00 42.06 ? 304 HOH A O   1 
HETATM 1067 O O   . HOH C 3 .   ? 9.369   10.300  16.197  1.00 53.89 ? 305 HOH A O   1 
HETATM 1068 O O   . HOH C 3 .   ? 0.220   -5.555  -20.732 1.00 48.45 ? 306 HOH A O   1 
HETATM 1069 O O   . HOH C 3 .   ? -1.992  -2.451  6.947   1.00 93.46 ? 307 HOH A O   1 
HETATM 1070 O O   . HOH C 3 .   ? -13.593 4.941   10.271  1.00 55.60 ? 308 HOH A O   1 
HETATM 1071 O O   . HOH C 3 .   ? -16.425 2.712   8.694   1.00 61.01 ? 309 HOH A O   1 
HETATM 1072 O O   . HOH C 3 .   ? -8.929  3.003   11.071  1.00 54.09 ? 310 HOH A O   1 
HETATM 1073 O O   . HOH C 3 .   ? -9.717  -6.755  2.879   1.00 58.15 ? 311 HOH A O   1 
HETATM 1074 O O   . HOH C 3 .   ? 1.193   14.755  2.277   1.00 45.67 ? 312 HOH A O   1 
HETATM 1075 O O   . HOH C 3 .   ? -14.452 1.162   10.551  1.00 56.74 ? 313 HOH A O   1 
HETATM 1076 O O   . HOH C 3 .   ? -0.625  -17.950 -12.646 1.00 75.71 ? 314 HOH A O   1 
HETATM 1077 O O   . HOH C 3 .   ? -12.239 1.321   11.792  1.00 56.31 ? 315 HOH A O   1 
HETATM 1078 O O   . HOH C 3 .   ? 14.091  -4.268  -1.036  1.00 45.52 ? 316 HOH A O   1 
HETATM 1079 O O   . HOH C 3 .   ? -12.549 -4.527  3.180   1.00 60.27 ? 317 HOH A O   1 
HETATM 1080 O O   . HOH C 3 .   ? 2.606   -7.136  -22.537 1.00 56.15 ? 318 HOH A O   1 
HETATM 1081 O O   . HOH C 3 .   ? 10.405  -10.976 -1.068  1.00 84.30 ? 319 HOH A O   1 
HETATM 1082 O O   . HOH C 3 .   ? 9.346   12.251  8.241   1.00 46.72 ? 320 HOH A O   1 
HETATM 1083 O O   . HOH C 3 .   ? 3.809   -6.298  -1.242  1.00 58.35 ? 321 HOH A O   1 
HETATM 1084 O O   . HOH C 3 .   ? -2.831  -6.527  -1.854  1.00 40.20 ? 322 HOH A O   1 
HETATM 1085 O O   . HOH C 3 .   ? 12.265  10.517  -5.046  1.00 56.79 ? 323 HOH A O   1 
HETATM 1086 O O   . HOH C 3 .   ? 4.760   -9.603  -6.280  1.00 47.96 ? 324 HOH A O   1 
HETATM 1087 O O   . HOH C 3 .   ? -6.929  2.291   8.425   1.00 44.69 ? 325 HOH A O   1 
HETATM 1088 O O   . HOH C 3 .   ? -9.459  0.100   7.350   1.00 50.22 ? 326 HOH A O   1 
HETATM 1089 O O   . HOH C 3 .   ? -6.516  3.258   13.081  1.00 79.14 ? 327 HOH A O   1 
HETATM 1090 O O   . HOH C 3 .   ? -9.113  11.073  10.643  1.00 53.13 ? 328 HOH A O   1 
# 
